data_2K4Y
#
_entry.id   2K4Y
#
_entity_poly.entity_id   1
_entity_poly.type   'polypeptide(L)'
_entity_poly.pdbx_seq_one_letter_code
;MTKGIGLNEVEIKSKVKVIGIVPESKVRRKIMDMGIVRGTEIYIEGKAPMGDPIALRLRGYSLSLRKSEAKDILVEVLLE
HHHHHH
;
_entity_poly.pdbx_strand_id   A
#
# COMPACT_ATOMS: atom_id res chain seq x y z
N MET A 1 9.86 5.98 -8.14
CA MET A 1 9.19 7.26 -8.47
C MET A 1 8.49 7.17 -9.83
N THR A 2 7.19 7.00 -9.78
CA THR A 2 6.36 6.95 -10.98
C THR A 2 4.98 7.51 -10.66
N LYS A 3 4.08 7.52 -11.64
CA LYS A 3 2.68 7.84 -11.37
C LYS A 3 2.08 6.77 -10.46
N GLY A 4 1.79 7.17 -9.23
CA GLY A 4 1.40 6.22 -8.22
C GLY A 4 0.02 5.64 -8.43
N ILE A 5 -0.10 4.36 -8.13
CA ILE A 5 -1.39 3.68 -8.15
C ILE A 5 -1.81 3.43 -6.71
N GLY A 6 -3.00 2.92 -6.52
CA GLY A 6 -3.45 2.62 -5.19
C GLY A 6 -2.90 1.30 -4.71
N LEU A 7 -2.65 1.21 -3.41
CA LEU A 7 -2.12 -0.01 -2.81
C LEU A 7 -3.09 -1.18 -2.98
N ASN A 8 -4.33 -0.85 -3.27
CA ASN A 8 -5.38 -1.84 -3.50
C ASN A 8 -5.23 -2.50 -4.86
N GLU A 9 -4.36 -1.93 -5.68
CA GLU A 9 -4.15 -2.41 -7.03
C GLU A 9 -2.88 -3.25 -7.13
N VAL A 10 -2.31 -3.56 -5.98
CA VAL A 10 -1.09 -4.37 -5.90
C VAL A 10 -1.45 -5.79 -5.48
N GLU A 11 -0.56 -6.74 -5.75
CA GLU A 11 -0.82 -8.14 -5.42
C GLU A 11 0.12 -8.61 -4.31
N ILE A 12 0.04 -9.89 -3.96
CA ILE A 12 0.73 -10.44 -2.81
C ILE A 12 2.25 -10.43 -2.98
N LYS A 13 2.94 -10.32 -1.85
CA LYS A 13 4.40 -10.41 -1.77
C LYS A 13 5.08 -9.47 -2.76
N SER A 14 4.66 -8.23 -2.77
CA SER A 14 5.29 -7.20 -3.58
C SER A 14 5.65 -6.01 -2.71
N LYS A 15 6.67 -5.26 -3.12
CA LYS A 15 7.12 -4.10 -2.36
C LYS A 15 6.84 -2.81 -3.12
N VAL A 16 6.20 -1.88 -2.43
CA VAL A 16 5.88 -0.58 -2.99
C VAL A 16 6.16 0.50 -1.97
N LYS A 17 6.46 1.69 -2.45
CA LYS A 17 6.77 2.80 -1.58
C LYS A 17 5.61 3.77 -1.54
N VAL A 18 5.35 4.29 -0.37
CA VAL A 18 4.25 5.23 -0.16
C VAL A 18 4.63 6.61 -0.69
N ILE A 19 4.25 6.87 -1.92
CA ILE A 19 4.45 8.18 -2.51
C ILE A 19 3.66 9.24 -1.75
N GLY A 20 2.36 9.00 -1.65
CA GLY A 20 1.51 9.95 -0.99
C GLY A 20 0.19 9.34 -0.56
N ILE A 21 -0.65 10.19 0.00
CA ILE A 21 -1.93 9.80 0.57
C ILE A 21 -3.01 10.71 -0.02
N VAL A 22 -4.26 10.30 0.06
CA VAL A 22 -5.37 11.10 -0.46
C VAL A 22 -6.02 11.88 0.68
N PRO A 23 -5.53 13.11 0.92
CA PRO A 23 -5.86 13.88 2.12
C PRO A 23 -7.34 14.22 2.26
N GLU A 24 -7.72 14.59 3.48
CA GLU A 24 -9.08 15.00 3.81
C GLU A 24 -10.09 13.85 3.66
N SER A 25 -9.59 12.65 3.38
CA SER A 25 -10.44 11.49 3.23
C SER A 25 -10.89 10.94 4.58
N LYS A 26 -10.36 11.55 5.65
CA LYS A 26 -10.59 11.09 7.03
C LYS A 26 -9.83 9.79 7.29
N VAL A 27 -9.91 8.83 6.37
CA VAL A 27 -9.11 7.61 6.47
C VAL A 27 -7.64 7.95 6.30
N ARG A 28 -7.36 9.14 5.77
CA ARG A 28 -6.01 9.67 5.70
C ARG A 28 -5.43 9.75 7.11
N ARG A 29 -6.28 10.10 8.07
CA ARG A 29 -5.91 10.10 9.48
C ARG A 29 -5.63 8.68 9.94
N LYS A 30 -6.52 7.76 9.57
CA LYS A 30 -6.38 6.35 9.91
C LYS A 30 -5.04 5.79 9.46
N ILE A 31 -4.70 6.06 8.19
CA ILE A 31 -3.43 5.62 7.62
C ILE A 31 -2.25 6.20 8.39
N MET A 32 -2.29 7.49 8.63
CA MET A 32 -1.21 8.19 9.35
C MET A 32 -1.11 7.67 10.79
N ASP A 33 -2.26 7.41 11.39
CA ASP A 33 -2.33 6.92 12.77
C ASP A 33 -1.72 5.53 12.89
N MET A 34 -1.85 4.74 11.83
CA MET A 34 -1.26 3.40 11.78
C MET A 34 0.25 3.48 11.74
N GLY A 35 0.78 4.65 11.40
CA GLY A 35 2.21 4.82 11.37
C GLY A 35 2.77 4.83 9.95
N ILE A 36 1.87 4.94 8.98
CA ILE A 36 2.28 5.00 7.58
C ILE A 36 2.47 6.44 7.16
N VAL A 37 3.63 6.74 6.62
CA VAL A 37 3.96 8.09 6.22
C VAL A 37 4.59 8.11 4.82
N ARG A 38 4.74 9.31 4.28
CA ARG A 38 5.38 9.49 2.99
C ARG A 38 6.82 8.99 3.04
N GLY A 39 7.08 7.88 2.37
CA GLY A 39 8.42 7.34 2.33
C GLY A 39 8.53 5.95 2.91
N THR A 40 7.46 5.49 3.55
CA THR A 40 7.43 4.15 4.14
C THR A 40 7.36 3.09 3.03
N GLU A 41 7.95 1.94 3.31
CA GLU A 41 7.91 0.81 2.40
C GLU A 41 6.82 -0.16 2.82
N ILE A 42 6.05 -0.58 1.84
CA ILE A 42 4.93 -1.48 2.09
C ILE A 42 5.23 -2.85 1.51
N TYR A 43 5.21 -3.86 2.36
CA TYR A 43 5.37 -5.23 1.91
C TYR A 43 4.07 -5.98 2.07
N ILE A 44 3.46 -6.34 0.96
CA ILE A 44 2.24 -7.12 0.99
C ILE A 44 2.57 -8.56 1.34
N GLU A 45 2.00 -9.07 2.41
CA GLU A 45 2.22 -10.45 2.80
C GLU A 45 1.29 -11.34 1.99
N GLY A 46 0.01 -11.02 2.03
CA GLY A 46 -0.98 -11.76 1.30
C GLY A 46 -2.33 -11.08 1.38
N LYS A 47 -3.33 -11.65 0.73
CA LYS A 47 -4.67 -11.09 0.79
C LYS A 47 -5.60 -12.11 1.41
N ALA A 48 -6.71 -11.65 1.97
CA ALA A 48 -7.71 -12.54 2.52
C ALA A 48 -8.33 -13.38 1.42
N PRO A 49 -8.91 -14.55 1.77
CA PRO A 49 -9.58 -15.43 0.80
C PRO A 49 -10.72 -14.74 0.07
N MET A 50 -11.13 -13.58 0.58
CA MET A 50 -12.21 -12.81 -0.02
C MET A 50 -11.66 -11.68 -0.88
N GLY A 51 -10.33 -11.56 -0.90
CA GLY A 51 -9.68 -10.49 -1.63
C GLY A 51 -9.51 -9.24 -0.78
N ASP A 52 -10.24 -9.21 0.32
CA ASP A 52 -10.22 -8.11 1.27
C ASP A 52 -10.53 -8.65 2.67
N PRO A 53 -9.80 -8.18 3.70
CA PRO A 53 -8.75 -7.17 3.57
C PRO A 53 -7.40 -7.75 3.12
N ILE A 54 -6.35 -6.97 3.29
CA ILE A 54 -5.02 -7.36 2.85
C ILE A 54 -4.07 -7.42 4.05
N ALA A 55 -3.10 -8.32 4.02
CA ALA A 55 -2.11 -8.42 5.08
C ALA A 55 -0.84 -7.68 4.67
N LEU A 56 -0.46 -6.68 5.44
CA LEU A 56 0.69 -5.84 5.11
C LEU A 56 1.76 -5.96 6.18
N ARG A 57 3.01 -5.72 5.79
CA ARG A 57 4.09 -5.59 6.75
C ARG A 57 4.83 -4.30 6.51
N LEU A 58 4.60 -3.34 7.38
CA LEU A 58 5.16 -2.01 7.25
C LEU A 58 5.53 -1.46 8.62
N ARG A 59 6.40 -0.46 8.63
CA ARG A 59 6.85 0.19 9.86
C ARG A 59 7.84 -0.72 10.60
N GLY A 60 7.39 -1.93 10.89
CA GLY A 60 8.24 -2.92 11.52
C GLY A 60 7.47 -4.17 11.89
N TYR A 61 6.17 -4.18 11.61
CA TYR A 61 5.29 -5.25 12.04
C TYR A 61 4.24 -5.58 10.99
N SER A 62 3.75 -6.81 11.04
CA SER A 62 2.70 -7.27 10.16
C SER A 62 1.33 -6.96 10.74
N LEU A 63 0.44 -6.47 9.90
CA LEU A 63 -0.95 -6.21 10.28
C LEU A 63 -1.83 -6.12 9.04
N SER A 64 -3.13 -6.34 9.22
CA SER A 64 -4.05 -6.35 8.10
C SER A 64 -4.84 -5.05 8.02
N LEU A 65 -4.75 -4.41 6.87
CA LEU A 65 -5.53 -3.23 6.56
C LEU A 65 -6.51 -3.56 5.45
N ARG A 66 -7.59 -2.80 5.35
CA ARG A 66 -8.62 -3.10 4.38
C ARG A 66 -8.29 -2.49 3.03
N LYS A 67 -8.91 -3.03 1.99
CA LYS A 67 -8.75 -2.50 0.65
C LYS A 67 -9.20 -1.04 0.60
N SER A 68 -10.14 -0.69 1.48
CA SER A 68 -10.61 0.69 1.59
C SER A 68 -9.47 1.64 1.94
N GLU A 69 -8.65 1.27 2.92
CA GLU A 69 -7.48 2.07 3.28
C GLU A 69 -6.44 2.03 2.17
N ALA A 70 -6.24 0.84 1.61
CA ALA A 70 -5.29 0.63 0.53
C ALA A 70 -5.67 1.46 -0.71
N LYS A 71 -6.93 1.85 -0.80
CA LYS A 71 -7.42 2.63 -1.93
C LYS A 71 -7.04 4.11 -1.78
N ASP A 72 -6.71 4.50 -0.56
CA ASP A 72 -6.38 5.90 -0.27
C ASP A 72 -4.87 6.10 -0.27
N ILE A 73 -4.13 5.00 -0.32
CA ILE A 73 -2.67 5.05 -0.34
C ILE A 73 -2.15 4.95 -1.76
N LEU A 74 -1.39 5.95 -2.19
CA LEU A 74 -0.80 5.96 -3.51
C LEU A 74 0.65 5.51 -3.44
N VAL A 75 0.97 4.42 -4.12
CA VAL A 75 2.29 3.82 -4.01
C VAL A 75 2.96 3.66 -5.38
N GLU A 76 4.28 3.53 -5.34
CA GLU A 76 5.06 3.28 -6.54
C GLU A 76 5.67 1.89 -6.50
N VAL A 77 5.65 1.21 -7.64
CA VAL A 77 6.19 -0.14 -7.72
C VAL A 77 7.72 -0.10 -7.72
N LEU A 78 8.33 -0.76 -6.75
CA LEU A 78 9.78 -0.76 -6.63
C LEU A 78 10.39 -2.01 -7.21
N LEU A 79 9.61 -3.07 -7.24
CA LEU A 79 10.08 -4.36 -7.66
C LEU A 79 9.79 -4.65 -9.11
N GLU A 80 10.85 -4.76 -9.90
CA GLU A 80 10.76 -5.26 -11.25
C GLU A 80 12.00 -6.09 -11.57
N HIS A 81 11.79 -7.38 -11.79
CA HIS A 81 12.89 -8.28 -12.08
C HIS A 81 12.40 -9.41 -12.99
N HIS A 82 11.66 -10.35 -12.42
CA HIS A 82 11.08 -11.45 -13.18
C HIS A 82 10.16 -12.25 -12.26
N HIS A 83 8.93 -11.77 -12.12
CA HIS A 83 7.98 -12.27 -11.13
C HIS A 83 7.78 -13.77 -11.25
N HIS A 84 7.81 -14.44 -10.11
CA HIS A 84 7.53 -15.86 -10.04
C HIS A 84 6.05 -16.12 -10.27
N HIS A 85 5.74 -16.90 -11.29
CA HIS A 85 4.34 -17.23 -11.57
C HIS A 85 3.95 -18.53 -10.88
N HIS A 86 4.92 -19.21 -10.30
CA HIS A 86 4.66 -20.37 -9.46
C HIS A 86 5.53 -20.29 -8.22
N MET A 1 8.62 8.35 -12.54
CA MET A 1 8.12 7.86 -13.86
C MET A 1 6.99 6.87 -13.65
N THR A 2 7.11 6.02 -12.64
CA THR A 2 6.08 5.05 -12.33
C THR A 2 4.81 5.76 -11.86
N LYS A 3 3.67 5.30 -12.33
CA LYS A 3 2.40 5.91 -11.97
C LYS A 3 1.93 5.43 -10.61
N GLY A 4 1.22 6.30 -9.91
CA GLY A 4 0.77 5.97 -8.58
C GLY A 4 -0.50 5.14 -8.58
N ILE A 5 -0.38 3.90 -8.17
CA ILE A 5 -1.54 3.02 -8.05
C ILE A 5 -1.90 2.85 -6.59
N GLY A 6 -3.03 2.22 -6.33
CA GLY A 6 -3.43 2.01 -4.96
C GLY A 6 -2.73 0.80 -4.36
N LEU A 7 -2.64 0.78 -3.04
CA LEU A 7 -2.03 -0.34 -2.32
C LEU A 7 -2.78 -1.63 -2.62
N ASN A 8 -4.06 -1.47 -2.94
CA ASN A 8 -4.93 -2.60 -3.24
C ASN A 8 -4.60 -3.22 -4.60
N GLU A 9 -3.75 -2.55 -5.37
CA GLU A 9 -3.44 -2.96 -6.73
C GLU A 9 -2.09 -3.65 -6.82
N VAL A 10 -1.42 -3.80 -5.69
CA VAL A 10 -0.06 -4.33 -5.68
C VAL A 10 -0.06 -5.86 -5.73
N GLU A 11 1.06 -6.40 -6.19
CA GLU A 11 1.24 -7.84 -6.31
C GLU A 11 1.62 -8.44 -4.95
N ILE A 12 1.51 -9.75 -4.83
CA ILE A 12 1.81 -10.43 -3.59
C ILE A 12 3.32 -10.59 -3.41
N LYS A 13 3.78 -10.36 -2.18
CA LYS A 13 5.20 -10.44 -1.83
C LYS A 13 6.04 -9.47 -2.65
N SER A 14 5.53 -8.26 -2.77
CA SER A 14 6.25 -7.19 -3.45
C SER A 14 6.62 -6.10 -2.43
N LYS A 15 7.43 -5.15 -2.87
CA LYS A 15 7.91 -4.09 -2.00
C LYS A 15 7.68 -2.74 -2.66
N VAL A 16 6.79 -1.95 -2.06
CA VAL A 16 6.40 -0.69 -2.66
C VAL A 16 6.65 0.49 -1.73
N LYS A 17 6.69 1.66 -2.32
CA LYS A 17 6.91 2.91 -1.61
C LYS A 17 5.62 3.71 -1.54
N VAL A 18 5.41 4.38 -0.44
CA VAL A 18 4.24 5.22 -0.27
C VAL A 18 4.52 6.60 -0.85
N ILE A 19 3.95 6.85 -2.01
CA ILE A 19 4.03 8.17 -2.64
C ILE A 19 3.41 9.22 -1.73
N GLY A 20 2.21 8.95 -1.25
CA GLY A 20 1.54 9.85 -0.37
C GLY A 20 0.14 9.38 0.00
N ILE A 21 -0.50 10.13 0.88
CA ILE A 21 -1.84 9.84 1.34
C ILE A 21 -2.84 10.69 0.56
N VAL A 22 -4.10 10.28 0.54
CA VAL A 22 -5.15 11.03 -0.13
C VAL A 22 -5.93 11.86 0.91
N PRO A 23 -5.47 13.12 1.14
CA PRO A 23 -5.96 13.98 2.23
C PRO A 23 -7.47 14.24 2.19
N GLU A 24 -7.96 14.79 3.31
CA GLU A 24 -9.38 15.09 3.49
C GLU A 24 -10.22 13.81 3.49
N SER A 25 -9.54 12.68 3.67
CA SER A 25 -10.19 11.38 3.72
C SER A 25 -10.62 11.08 5.15
N LYS A 26 -11.49 10.09 5.30
CA LYS A 26 -11.89 9.65 6.62
C LYS A 26 -10.81 8.77 7.24
N VAL A 27 -9.98 8.18 6.38
CA VAL A 27 -8.90 7.34 6.86
C VAL A 27 -7.55 8.04 6.75
N ARG A 28 -7.55 9.25 6.20
CA ARG A 28 -6.32 10.05 6.07
C ARG A 28 -5.58 10.13 7.40
N ARG A 29 -6.28 10.52 8.46
CA ARG A 29 -5.66 10.65 9.78
C ARG A 29 -5.19 9.29 10.27
N LYS A 30 -6.03 8.27 10.12
CA LYS A 30 -5.69 6.91 10.51
C LYS A 30 -4.34 6.49 9.91
N ILE A 31 -4.23 6.65 8.60
CA ILE A 31 -3.04 6.24 7.86
C ILE A 31 -1.78 6.98 8.38
N MET A 32 -1.89 8.29 8.53
CA MET A 32 -0.73 9.07 8.97
C MET A 32 -0.44 8.87 10.45
N ASP A 33 -1.48 8.54 11.22
CA ASP A 33 -1.33 8.25 12.64
C ASP A 33 -0.63 6.90 12.81
N MET A 34 -0.82 6.04 11.83
CA MET A 34 -0.22 4.71 11.84
C MET A 34 1.24 4.74 11.37
N GLY A 35 1.73 5.93 11.05
CA GLY A 35 3.12 6.09 10.71
C GLY A 35 3.35 6.24 9.21
N ILE A 36 2.29 6.06 8.43
CA ILE A 36 2.39 6.15 6.99
C ILE A 36 2.28 7.60 6.54
N VAL A 37 3.21 8.02 5.71
CA VAL A 37 3.22 9.39 5.20
C VAL A 37 3.80 9.47 3.79
N ARG A 38 5.11 9.57 3.70
CA ARG A 38 5.81 9.67 2.43
C ARG A 38 7.14 8.95 2.50
N GLY A 39 7.43 8.12 1.53
CA GLY A 39 8.68 7.39 1.51
C GLY A 39 8.63 6.12 2.31
N THR A 40 7.50 5.89 2.97
CA THR A 40 7.29 4.67 3.73
C THR A 40 7.28 3.47 2.78
N GLU A 41 7.82 2.34 3.23
CA GLU A 41 7.90 1.16 2.40
C GLU A 41 7.09 0.03 2.99
N ILE A 42 6.32 -0.62 2.15
CA ILE A 42 5.39 -1.65 2.59
C ILE A 42 5.71 -3.00 1.95
N TYR A 43 5.68 -4.05 2.76
CA TYR A 43 5.78 -5.41 2.25
C TYR A 43 4.39 -6.01 2.13
N ILE A 44 3.98 -6.33 0.93
CA ILE A 44 2.69 -6.98 0.72
C ILE A 44 2.81 -8.47 0.96
N GLU A 45 2.33 -8.94 2.10
CA GLU A 45 2.46 -10.35 2.44
C GLU A 45 1.46 -11.19 1.66
N GLY A 46 0.29 -10.61 1.41
CA GLY A 46 -0.72 -11.31 0.64
C GLY A 46 -2.08 -10.66 0.77
N LYS A 47 -3.03 -11.11 -0.05
CA LYS A 47 -4.39 -10.63 0.01
C LYS A 47 -5.33 -11.80 0.22
N ALA A 48 -6.44 -11.57 0.90
CA ALA A 48 -7.41 -12.63 1.14
C ALA A 48 -7.96 -13.15 -0.19
N PRO A 49 -8.49 -14.38 -0.22
CA PRO A 49 -9.05 -14.97 -1.45
C PRO A 49 -10.22 -14.15 -2.00
N MET A 50 -10.74 -13.25 -1.18
CA MET A 50 -11.82 -12.36 -1.59
C MET A 50 -11.27 -11.04 -2.11
N GLY A 51 -9.95 -10.89 -1.99
CA GLY A 51 -9.31 -9.62 -2.33
C GLY A 51 -9.38 -8.65 -1.18
N ASP A 52 -10.18 -9.00 -0.17
CA ASP A 52 -10.36 -8.18 1.02
C ASP A 52 -10.55 -9.09 2.23
N PRO A 53 -9.84 -8.83 3.33
CA PRO A 53 -8.91 -7.71 3.44
C PRO A 53 -7.52 -8.04 2.90
N ILE A 54 -6.57 -7.14 3.11
CA ILE A 54 -5.20 -7.31 2.64
C ILE A 54 -4.26 -7.44 3.82
N ALA A 55 -3.26 -8.31 3.70
CA ALA A 55 -2.28 -8.50 4.76
C ALA A 55 -0.96 -7.83 4.39
N LEU A 56 -0.59 -6.83 5.16
CA LEU A 56 0.62 -6.06 4.90
C LEU A 56 1.64 -6.31 6.00
N ARG A 57 2.91 -6.09 5.68
CA ARG A 57 3.95 -6.03 6.70
C ARG A 57 4.58 -4.65 6.63
N LEU A 58 4.27 -3.84 7.61
CA LEU A 58 4.68 -2.45 7.63
C LEU A 58 5.17 -2.06 9.01
N ARG A 59 6.14 -1.17 9.03
CA ARG A 59 6.68 -0.63 10.28
C ARG A 59 7.38 -1.72 11.09
N GLY A 60 7.61 -2.87 10.45
CA GLY A 60 8.29 -3.96 11.10
C GLY A 60 7.38 -5.12 11.42
N TYR A 61 6.07 -4.92 11.32
CA TYR A 61 5.12 -5.97 11.67
C TYR A 61 4.02 -6.13 10.64
N SER A 62 3.45 -7.31 10.61
CA SER A 62 2.33 -7.62 9.76
C SER A 62 1.02 -7.09 10.37
N LEU A 63 0.14 -6.61 9.52
CA LEU A 63 -1.17 -6.14 9.92
C LEU A 63 -2.12 -6.18 8.74
N SER A 64 -3.40 -6.36 9.00
CA SER A 64 -4.37 -6.46 7.92
C SER A 64 -5.33 -5.28 7.94
N LEU A 65 -5.55 -4.71 6.76
CA LEU A 65 -6.48 -3.61 6.59
C LEU A 65 -7.39 -3.88 5.40
N ARG A 66 -8.46 -3.11 5.28
CA ARG A 66 -9.44 -3.33 4.22
C ARG A 66 -8.94 -2.81 2.88
N LYS A 67 -9.37 -3.48 1.82
CA LYS A 67 -8.94 -3.17 0.46
C LYS A 67 -9.37 -1.76 0.05
N SER A 68 -10.54 -1.33 0.51
CA SER A 68 -11.03 0.01 0.20
C SER A 68 -10.18 1.09 0.87
N GLU A 69 -9.61 0.78 2.02
CA GLU A 69 -8.72 1.71 2.71
C GLU A 69 -7.35 1.72 2.03
N ALA A 70 -6.98 0.57 1.49
CA ALA A 70 -5.75 0.45 0.71
C ALA A 70 -5.82 1.28 -0.56
N LYS A 71 -7.05 1.58 -0.99
CA LYS A 71 -7.28 2.42 -2.15
C LYS A 71 -6.88 3.87 -1.85
N ASP A 72 -7.02 4.27 -0.59
CA ASP A 72 -6.71 5.63 -0.16
C ASP A 72 -5.22 5.83 0.03
N ILE A 73 -4.45 4.80 -0.26
CA ILE A 73 -3.00 4.86 -0.19
C ILE A 73 -2.41 4.67 -1.58
N LEU A 74 -1.76 5.71 -2.10
CA LEU A 74 -1.16 5.65 -3.42
C LEU A 74 0.32 5.27 -3.30
N VAL A 75 0.70 4.17 -3.95
CA VAL A 75 2.03 3.64 -3.80
C VAL A 75 2.78 3.56 -5.13
N GLU A 76 4.09 3.50 -5.00
CA GLU A 76 4.99 3.45 -6.14
C GLU A 76 5.86 2.21 -6.03
N VAL A 77 5.87 1.42 -7.08
CA VAL A 77 6.61 0.18 -7.09
C VAL A 77 8.10 0.45 -7.21
N LEU A 78 8.88 -0.13 -6.30
CA LEU A 78 10.32 0.07 -6.29
C LEU A 78 11.02 -1.04 -7.07
N LEU A 79 10.28 -2.06 -7.40
CA LEU A 79 10.77 -3.14 -8.21
C LEU A 79 10.71 -2.74 -9.68
N GLU A 80 11.69 -1.95 -10.09
CA GLU A 80 11.75 -1.45 -11.46
C GLU A 80 12.75 -2.28 -12.24
N HIS A 81 12.30 -3.43 -12.72
CA HIS A 81 13.11 -4.24 -13.62
C HIS A 81 12.87 -3.72 -15.03
N HIS A 82 11.60 -3.53 -15.33
CA HIS A 82 11.14 -2.80 -16.51
C HIS A 82 9.75 -2.28 -16.23
N HIS A 83 9.53 -0.99 -16.49
CA HIS A 83 8.24 -0.36 -16.20
C HIS A 83 7.10 -1.07 -16.95
N HIS A 84 7.47 -1.78 -18.02
CA HIS A 84 6.58 -2.73 -18.68
C HIS A 84 5.39 -2.05 -19.34
N HIS A 85 5.57 -1.66 -20.60
CA HIS A 85 4.50 -1.02 -21.34
C HIS A 85 3.61 -2.08 -21.99
N HIS A 86 4.25 -3.13 -22.48
CA HIS A 86 3.56 -4.29 -23.05
C HIS A 86 4.46 -5.50 -22.95
N MET A 1 11.26 5.04 -12.70
CA MET A 1 10.05 4.62 -13.43
C MET A 1 8.81 4.86 -12.58
N THR A 2 7.98 5.80 -12.99
CA THR A 2 6.79 6.13 -12.25
C THR A 2 5.70 5.07 -12.43
N LYS A 3 5.81 4.01 -11.66
CA LYS A 3 4.81 2.95 -11.63
C LYS A 3 4.12 2.94 -10.28
N GLY A 4 3.19 3.87 -10.11
CA GLY A 4 2.51 4.04 -8.85
C GLY A 4 1.03 3.86 -8.98
N ILE A 5 0.49 2.97 -8.16
CA ILE A 5 -0.92 2.63 -8.21
C ILE A 5 -1.50 2.63 -6.80
N GLY A 6 -2.79 2.35 -6.68
CA GLY A 6 -3.40 2.25 -5.37
C GLY A 6 -2.93 1.00 -4.66
N LEU A 7 -2.91 1.06 -3.33
CA LEU A 7 -2.43 -0.07 -2.53
C LEU A 7 -3.25 -1.32 -2.84
N ASN A 8 -4.53 -1.13 -3.15
CA ASN A 8 -5.43 -2.25 -3.41
C ASN A 8 -5.21 -2.84 -4.80
N GLU A 9 -4.42 -2.16 -5.63
CA GLU A 9 -4.17 -2.60 -7.00
C GLU A 9 -2.91 -3.46 -7.08
N VAL A 10 -2.16 -3.49 -5.98
CA VAL A 10 -0.90 -4.21 -5.94
C VAL A 10 -1.16 -5.72 -5.77
N GLU A 11 -0.18 -6.53 -6.13
CA GLU A 11 -0.32 -7.98 -6.05
C GLU A 11 0.45 -8.51 -4.82
N ILE A 12 0.32 -9.81 -4.56
CA ILE A 12 0.89 -10.42 -3.37
C ILE A 12 2.41 -10.56 -3.48
N LYS A 13 3.06 -10.59 -2.30
CA LYS A 13 4.51 -10.77 -2.19
C LYS A 13 5.27 -9.79 -3.08
N SER A 14 4.90 -8.53 -2.98
CA SER A 14 5.60 -7.47 -3.66
C SER A 14 5.84 -6.31 -2.69
N LYS A 15 6.87 -5.53 -2.92
CA LYS A 15 7.15 -4.42 -2.03
C LYS A 15 6.87 -3.10 -2.73
N VAL A 16 6.32 -2.16 -1.98
CA VAL A 16 5.94 -0.87 -2.51
C VAL A 16 6.43 0.25 -1.60
N LYS A 17 6.24 1.47 -2.04
CA LYS A 17 6.62 2.64 -1.25
C LYS A 17 5.50 3.67 -1.25
N VAL A 18 5.27 4.26 -0.10
CA VAL A 18 4.20 5.24 0.06
C VAL A 18 4.59 6.56 -0.56
N ILE A 19 4.20 6.73 -1.81
CA ILE A 19 4.50 7.95 -2.55
C ILE A 19 3.52 9.06 -2.18
N GLY A 20 2.24 8.79 -2.36
CA GLY A 20 1.25 9.83 -2.15
C GLY A 20 0.10 9.36 -1.28
N ILE A 21 -0.57 10.34 -0.71
CA ILE A 21 -1.69 10.10 0.18
C ILE A 21 -2.89 10.92 -0.32
N VAL A 22 -4.09 10.49 0.03
CA VAL A 22 -5.30 11.19 -0.34
C VAL A 22 -5.85 11.98 0.85
N PRO A 23 -5.42 13.25 1.01
CA PRO A 23 -5.81 14.10 2.14
C PRO A 23 -7.32 14.33 2.19
N GLU A 24 -7.78 14.95 3.29
CA GLU A 24 -9.19 15.22 3.51
C GLU A 24 -9.99 13.93 3.62
N SER A 25 -9.29 12.84 3.94
CA SER A 25 -9.93 11.56 4.13
C SER A 25 -10.36 11.42 5.59
N LYS A 26 -11.39 10.61 5.82
CA LYS A 26 -11.81 10.34 7.18
C LYS A 26 -11.14 9.07 7.69
N VAL A 27 -10.36 8.43 6.82
CA VAL A 27 -9.57 7.28 7.23
C VAL A 27 -8.07 7.60 7.15
N ARG A 28 -7.75 8.82 6.70
CA ARG A 28 -6.37 9.28 6.67
C ARG A 28 -5.73 9.14 8.06
N ARG A 29 -6.49 9.52 9.08
CA ARG A 29 -6.03 9.42 10.46
C ARG A 29 -5.76 7.97 10.85
N LYS A 30 -6.60 7.08 10.38
CA LYS A 30 -6.42 5.64 10.61
C LYS A 30 -5.06 5.19 10.12
N ILE A 31 -4.77 5.50 8.87
CA ILE A 31 -3.51 5.14 8.23
C ILE A 31 -2.34 5.84 8.93
N MET A 32 -2.54 7.11 9.29
CA MET A 32 -1.52 7.89 9.98
C MET A 32 -1.28 7.35 11.39
N ASP A 33 -2.34 6.81 12.00
CA ASP A 33 -2.24 6.26 13.35
C ASP A 33 -1.50 4.93 13.32
N MET A 34 -1.55 4.26 12.16
CA MET A 34 -0.78 3.06 11.95
C MET A 34 0.72 3.38 11.88
N GLY A 35 1.01 4.60 11.45
CA GLY A 35 2.38 5.04 11.37
C GLY A 35 2.89 5.07 9.95
N ILE A 36 1.96 5.09 9.01
CA ILE A 36 2.31 5.13 7.60
C ILE A 36 2.44 6.57 7.14
N VAL A 37 3.61 6.88 6.59
CA VAL A 37 3.90 8.22 6.11
C VAL A 37 4.53 8.14 4.73
N ARG A 38 4.51 9.25 4.00
CA ARG A 38 5.09 9.30 2.68
C ARG A 38 6.59 9.09 2.75
N GLY A 39 7.07 8.06 2.06
CA GLY A 39 8.47 7.72 2.12
C GLY A 39 8.68 6.34 2.71
N THR A 40 7.69 5.85 3.44
CA THR A 40 7.77 4.53 4.05
C THR A 40 7.64 3.45 2.99
N GLU A 41 8.31 2.32 3.20
CA GLU A 41 8.22 1.19 2.30
C GLU A 41 7.37 0.10 2.93
N ILE A 42 6.62 -0.60 2.11
CA ILE A 42 5.66 -1.59 2.59
C ILE A 42 5.83 -2.92 1.86
N TYR A 43 5.96 -3.99 2.63
CA TYR A 43 6.05 -5.33 2.07
C TYR A 43 4.68 -5.98 2.08
N ILE A 44 4.08 -6.13 0.90
CA ILE A 44 2.78 -6.75 0.80
C ILE A 44 2.90 -8.25 0.94
N GLU A 45 2.37 -8.78 2.05
CA GLU A 45 2.42 -10.21 2.29
C GLU A 45 1.43 -10.92 1.38
N GLY A 46 0.18 -10.46 1.43
CA GLY A 46 -0.86 -11.04 0.61
C GLY A 46 -2.19 -10.36 0.84
N LYS A 47 -3.20 -10.79 0.10
CA LYS A 47 -4.53 -10.26 0.23
C LYS A 47 -5.50 -11.40 0.54
N ALA A 48 -6.49 -11.11 1.39
CA ALA A 48 -7.50 -12.11 1.71
C ALA A 48 -8.25 -12.54 0.45
N PRO A 49 -8.86 -13.73 0.45
CA PRO A 49 -9.57 -14.27 -0.72
C PRO A 49 -10.64 -13.32 -1.27
N MET A 50 -11.15 -12.45 -0.40
CA MET A 50 -12.17 -11.48 -0.80
C MET A 50 -11.54 -10.24 -1.42
N GLY A 51 -10.22 -10.11 -1.25
CA GLY A 51 -9.52 -8.92 -1.66
C GLY A 51 -9.46 -7.91 -0.55
N ASP A 52 -10.08 -8.26 0.57
CA ASP A 52 -10.12 -7.41 1.75
C ASP A 52 -10.25 -8.29 3.00
N PRO A 53 -9.47 -8.00 4.04
CA PRO A 53 -8.49 -6.92 4.06
C PRO A 53 -7.17 -7.32 3.41
N ILE A 54 -6.23 -6.39 3.37
CA ILE A 54 -4.91 -6.64 2.82
C ILE A 54 -3.89 -6.68 3.96
N ALA A 55 -2.92 -7.58 3.87
CA ALA A 55 -1.89 -7.70 4.88
C ALA A 55 -0.59 -7.04 4.42
N LEU A 56 -0.22 -5.96 5.10
CA LEU A 56 0.97 -5.21 4.73
C LEU A 56 1.98 -5.24 5.86
N ARG A 57 3.23 -5.50 5.54
CA ARG A 57 4.30 -5.41 6.52
C ARG A 57 4.97 -4.06 6.39
N LEU A 58 4.69 -3.16 7.34
CA LEU A 58 5.18 -1.81 7.26
C LEU A 58 5.62 -1.32 8.63
N ARG A 59 6.58 -0.40 8.64
CA ARG A 59 7.06 0.24 9.88
C ARG A 59 7.89 -0.73 10.73
N GLY A 60 7.73 -2.03 10.49
CA GLY A 60 8.48 -3.04 11.21
C GLY A 60 7.71 -4.34 11.34
N TYR A 61 6.39 -4.25 11.31
CA TYR A 61 5.54 -5.43 11.44
C TYR A 61 4.33 -5.35 10.52
N SER A 62 3.65 -6.46 10.36
CA SER A 62 2.53 -6.55 9.45
C SER A 62 1.22 -6.10 10.11
N LEU A 63 0.43 -5.35 9.34
CA LEU A 63 -0.88 -4.88 9.77
C LEU A 63 -1.90 -5.09 8.66
N SER A 64 -3.17 -5.13 9.00
CA SER A 64 -4.21 -5.34 8.01
C SER A 64 -4.95 -4.05 7.69
N LEU A 65 -4.94 -3.67 6.43
CA LEU A 65 -5.60 -2.47 5.97
C LEU A 65 -6.83 -2.83 5.15
N ARG A 66 -7.89 -2.04 5.25
CA ARG A 66 -9.12 -2.30 4.52
C ARG A 66 -8.98 -1.91 3.06
N LYS A 67 -9.68 -2.61 2.19
CA LYS A 67 -9.63 -2.36 0.74
C LYS A 67 -10.01 -0.92 0.43
N SER A 68 -10.98 -0.40 1.18
CA SER A 68 -11.41 0.98 1.01
C SER A 68 -10.26 1.94 1.33
N GLU A 69 -9.61 1.70 2.47
CA GLU A 69 -8.50 2.54 2.93
C GLU A 69 -7.31 2.41 2.00
N ALA A 70 -7.17 1.23 1.41
CA ALA A 70 -6.10 0.94 0.48
C ALA A 70 -6.13 1.85 -0.75
N LYS A 71 -7.29 2.45 -1.03
CA LYS A 71 -7.41 3.37 -2.15
C LYS A 71 -6.90 4.75 -1.77
N ASP A 72 -6.91 5.04 -0.47
CA ASP A 72 -6.49 6.35 0.03
C ASP A 72 -4.97 6.48 0.03
N ILE A 73 -4.28 5.40 -0.31
CA ILE A 73 -2.82 5.40 -0.36
C ILE A 73 -2.33 5.01 -1.75
N LEU A 74 -1.49 5.86 -2.33
CA LEU A 74 -0.91 5.60 -3.64
C LEU A 74 0.57 5.26 -3.49
N VAL A 75 0.94 4.06 -3.96
CA VAL A 75 2.29 3.55 -3.75
C VAL A 75 2.93 3.13 -5.06
N GLU A 76 4.25 3.22 -5.11
CA GLU A 76 4.99 2.76 -6.28
C GLU A 76 5.38 1.30 -6.08
N VAL A 77 5.26 0.52 -7.14
CA VAL A 77 5.56 -0.91 -7.07
C VAL A 77 7.04 -1.15 -7.33
N LEU A 78 7.76 -1.54 -6.29
CA LEU A 78 9.20 -1.79 -6.40
C LEU A 78 9.47 -3.14 -7.05
N LEU A 79 8.51 -4.03 -6.91
CA LEU A 79 8.62 -5.35 -7.48
C LEU A 79 7.62 -5.53 -8.62
N GLU A 80 8.01 -5.08 -9.80
CA GLU A 80 7.18 -5.22 -10.99
C GLU A 80 8.03 -5.67 -12.16
N HIS A 81 7.58 -6.70 -12.86
CA HIS A 81 8.30 -7.24 -13.99
C HIS A 81 7.33 -7.45 -15.14
N HIS A 82 7.17 -6.40 -15.95
CA HIS A 82 6.12 -6.32 -16.96
C HIS A 82 6.02 -7.57 -17.84
N HIS A 83 4.94 -8.31 -17.63
CA HIS A 83 4.57 -9.39 -18.53
C HIS A 83 3.07 -9.33 -18.81
N HIS A 84 2.28 -9.85 -17.88
CA HIS A 84 0.83 -9.80 -18.02
C HIS A 84 0.27 -8.68 -17.15
N HIS A 85 0.72 -7.46 -17.40
CA HIS A 85 0.30 -6.30 -16.64
C HIS A 85 0.67 -5.01 -17.38
N HIS A 86 -0.31 -4.41 -18.02
CA HIS A 86 -0.12 -3.13 -18.69
C HIS A 86 -1.35 -2.26 -18.52
N MET A 1 7.49 8.81 -15.49
CA MET A 1 8.56 8.26 -14.63
C MET A 1 7.96 7.52 -13.46
N THR A 2 7.42 8.26 -12.51
CA THR A 2 6.74 7.68 -11.37
C THR A 2 5.23 7.68 -11.62
N LYS A 3 4.60 6.54 -11.37
CA LYS A 3 3.19 6.38 -11.65
C LYS A 3 2.48 5.89 -10.41
N GLY A 4 1.86 6.82 -9.68
CA GLY A 4 1.19 6.48 -8.44
C GLY A 4 -0.03 5.62 -8.66
N ILE A 5 0.08 4.36 -8.27
CA ILE A 5 -1.03 3.43 -8.34
C ILE A 5 -1.65 3.26 -6.97
N GLY A 6 -2.88 2.78 -6.92
CA GLY A 6 -3.52 2.55 -5.65
C GLY A 6 -3.04 1.28 -5.00
N LEU A 7 -2.99 1.26 -3.68
CA LEU A 7 -2.54 0.09 -2.94
C LEU A 7 -3.43 -1.12 -3.24
N ASN A 8 -4.68 -0.85 -3.60
CA ASN A 8 -5.63 -1.90 -3.92
C ASN A 8 -5.38 -2.46 -5.32
N GLU A 9 -4.52 -1.79 -6.09
CA GLU A 9 -4.17 -2.25 -7.42
C GLU A 9 -2.96 -3.16 -7.33
N VAL A 10 -2.30 -3.15 -6.18
CA VAL A 10 -1.09 -3.93 -5.99
C VAL A 10 -1.44 -5.40 -5.73
N GLU A 11 -0.50 -6.28 -6.04
CA GLU A 11 -0.72 -7.70 -5.94
C GLU A 11 -0.02 -8.26 -4.70
N ILE A 12 -0.30 -9.52 -4.39
CA ILE A 12 0.24 -10.17 -3.20
C ILE A 12 1.72 -10.44 -3.35
N LYS A 13 2.44 -10.36 -2.23
CA LYS A 13 3.89 -10.55 -2.20
C LYS A 13 4.58 -9.53 -3.11
N SER A 14 4.43 -8.26 -2.73
CA SER A 14 5.04 -7.17 -3.46
C SER A 14 5.66 -6.18 -2.48
N LYS A 15 6.70 -5.49 -2.92
CA LYS A 15 7.36 -4.51 -2.07
C LYS A 15 7.27 -3.14 -2.71
N VAL A 16 6.49 -2.27 -2.10
CA VAL A 16 6.20 -0.96 -2.66
C VAL A 16 6.58 0.16 -1.71
N LYS A 17 6.58 1.37 -2.24
CA LYS A 17 6.91 2.56 -1.48
C LYS A 17 5.72 3.51 -1.44
N VAL A 18 5.57 4.20 -0.34
CA VAL A 18 4.48 5.16 -0.19
C VAL A 18 4.84 6.48 -0.84
N ILE A 19 4.37 6.68 -2.05
CA ILE A 19 4.56 7.94 -2.76
C ILE A 19 3.90 9.07 -1.99
N GLY A 20 2.66 8.85 -1.59
CA GLY A 20 1.95 9.82 -0.81
C GLY A 20 0.61 9.31 -0.34
N ILE A 21 0.08 9.97 0.67
CA ILE A 21 -1.21 9.63 1.25
C ILE A 21 -2.28 10.56 0.67
N VAL A 22 -3.53 10.14 0.69
CA VAL A 22 -4.62 10.96 0.22
C VAL A 22 -5.38 11.57 1.41
N PRO A 23 -4.94 12.77 1.85
CA PRO A 23 -5.54 13.45 3.01
C PRO A 23 -6.98 13.86 2.76
N GLU A 24 -7.64 14.30 3.83
CA GLU A 24 -9.06 14.64 3.81
C GLU A 24 -9.94 13.43 3.51
N SER A 25 -9.32 12.25 3.47
CA SER A 25 -10.06 11.01 3.40
C SER A 25 -10.30 10.51 4.81
N LYS A 26 -11.35 9.72 4.99
CA LYS A 26 -11.74 9.27 6.32
C LYS A 26 -10.72 8.28 6.88
N VAL A 27 -10.31 7.32 6.07
CA VAL A 27 -9.38 6.29 6.52
C VAL A 27 -7.95 6.83 6.55
N ARG A 28 -7.78 8.06 6.05
CA ARG A 28 -6.48 8.73 6.03
C ARG A 28 -5.89 8.85 7.43
N ARG A 29 -6.75 9.07 8.43
CA ARG A 29 -6.30 9.18 9.81
C ARG A 29 -5.77 7.84 10.30
N LYS A 30 -6.47 6.78 9.90
CA LYS A 30 -6.09 5.42 10.25
C LYS A 30 -4.73 5.08 9.66
N ILE A 31 -4.55 5.41 8.39
CA ILE A 31 -3.29 5.17 7.68
C ILE A 31 -2.11 5.86 8.38
N MET A 32 -2.30 7.13 8.71
CA MET A 32 -1.24 7.90 9.37
C MET A 32 -0.95 7.34 10.76
N ASP A 33 -2.01 6.91 11.44
CA ASP A 33 -1.89 6.36 12.79
C ASP A 33 -1.16 5.02 12.76
N MET A 34 -1.34 4.28 11.66
CA MET A 34 -0.65 3.01 11.46
C MET A 34 0.87 3.21 11.51
N GLY A 35 1.32 4.37 11.05
CA GLY A 35 2.75 4.65 11.04
C GLY A 35 3.23 5.05 9.67
N ILE A 36 2.32 5.13 8.73
CA ILE A 36 2.66 5.53 7.37
C ILE A 36 2.67 7.05 7.25
N VAL A 37 3.72 7.57 6.64
CA VAL A 37 3.86 9.01 6.47
C VAL A 37 4.17 9.36 5.02
N ARG A 38 5.39 9.11 4.58
CA ARG A 38 5.79 9.32 3.20
C ARG A 38 7.16 8.69 2.97
N GLY A 39 7.32 8.03 1.84
CA GLY A 39 8.55 7.33 1.56
C GLY A 39 8.70 6.09 2.41
N THR A 40 7.60 5.65 2.97
CA THR A 40 7.58 4.46 3.81
C THR A 40 7.53 3.21 2.93
N GLU A 41 8.08 2.12 3.42
CA GLU A 41 8.09 0.86 2.70
C GLU A 41 6.93 -0.01 3.13
N ILE A 42 6.24 -0.57 2.15
CA ILE A 42 5.12 -1.45 2.42
C ILE A 42 5.33 -2.80 1.76
N TYR A 43 5.44 -3.83 2.56
CA TYR A 43 5.52 -5.19 2.06
C TYR A 43 4.14 -5.82 2.04
N ILE A 44 3.58 -5.99 0.86
CA ILE A 44 2.29 -6.64 0.73
C ILE A 44 2.47 -8.14 0.92
N GLU A 45 2.05 -8.64 2.06
CA GLU A 45 2.18 -10.05 2.36
C GLU A 45 1.16 -10.83 1.54
N GLY A 46 -0.12 -10.54 1.77
CA GLY A 46 -1.17 -11.22 1.04
C GLY A 46 -2.52 -10.58 1.26
N LYS A 47 -3.45 -10.89 0.38
CA LYS A 47 -4.82 -10.39 0.49
C LYS A 47 -5.78 -11.57 0.48
N ALA A 48 -6.93 -11.40 1.10
CA ALA A 48 -7.98 -12.42 1.03
C ALA A 48 -8.51 -12.50 -0.39
N PRO A 49 -9.10 -13.65 -0.79
CA PRO A 49 -9.65 -13.84 -2.14
C PRO A 49 -10.61 -12.71 -2.54
N MET A 50 -11.37 -12.21 -1.57
CA MET A 50 -12.30 -11.11 -1.78
C MET A 50 -11.55 -9.81 -2.15
N GLY A 51 -10.29 -9.74 -1.77
CA GLY A 51 -9.52 -8.52 -1.95
C GLY A 51 -9.51 -7.69 -0.68
N ASP A 52 -10.25 -8.18 0.30
CA ASP A 52 -10.34 -7.53 1.60
C ASP A 52 -10.39 -8.60 2.69
N PRO A 53 -9.61 -8.46 3.75
CA PRO A 53 -8.70 -7.33 3.96
C PRO A 53 -7.31 -7.58 3.36
N ILE A 54 -6.47 -6.55 3.44
CA ILE A 54 -5.10 -6.64 2.97
C ILE A 54 -4.14 -6.75 4.15
N ALA A 55 -3.24 -7.72 4.10
CA ALA A 55 -2.23 -7.88 5.13
C ALA A 55 -0.86 -7.46 4.60
N LEU A 56 -0.33 -6.37 5.15
CA LEU A 56 0.95 -5.85 4.71
C LEU A 56 1.89 -5.62 5.89
N ARG A 57 3.13 -5.30 5.61
CA ARG A 57 4.12 -5.02 6.64
C ARG A 57 4.81 -3.69 6.35
N LEU A 58 4.65 -2.74 7.26
CA LEU A 58 5.22 -1.41 7.08
C LEU A 58 5.87 -0.92 8.38
N ARG A 59 6.92 -0.11 8.23
CA ARG A 59 7.64 0.47 9.38
C ARG A 59 8.43 -0.58 10.18
N GLY A 60 8.04 -1.84 10.02
CA GLY A 60 8.71 -2.93 10.71
C GLY A 60 7.74 -4.01 11.13
N TYR A 61 6.48 -3.62 11.28
CA TYR A 61 5.44 -4.54 11.72
C TYR A 61 4.40 -4.76 10.64
N SER A 62 3.71 -5.87 10.73
CA SER A 62 2.63 -6.18 9.80
C SER A 62 1.30 -5.74 10.39
N LEU A 63 0.41 -5.32 9.50
CA LEU A 63 -0.93 -4.87 9.87
C LEU A 63 -1.91 -5.28 8.80
N SER A 64 -3.19 -5.32 9.14
CA SER A 64 -4.22 -5.63 8.18
C SER A 64 -5.18 -4.45 8.06
N LEU A 65 -5.41 -4.01 6.83
CA LEU A 65 -6.27 -2.87 6.59
C LEU A 65 -7.38 -3.21 5.59
N ARG A 66 -8.36 -2.33 5.51
CA ARG A 66 -9.49 -2.51 4.62
C ARG A 66 -9.14 -2.14 3.20
N LYS A 67 -9.97 -2.59 2.26
CA LYS A 67 -9.85 -2.21 0.86
C LYS A 67 -10.02 -0.69 0.72
N SER A 68 -10.66 -0.08 1.70
CA SER A 68 -10.83 1.37 1.73
C SER A 68 -9.48 2.07 1.91
N GLU A 69 -8.71 1.65 2.92
CA GLU A 69 -7.37 2.19 3.13
C GLU A 69 -6.51 1.95 1.88
N ALA A 70 -6.66 0.77 1.29
CA ALA A 70 -5.93 0.42 0.09
C ALA A 70 -6.29 1.34 -1.08
N LYS A 71 -7.44 1.98 -0.99
CA LYS A 71 -7.91 2.90 -2.02
C LYS A 71 -7.29 4.29 -1.82
N ASP A 72 -7.05 4.66 -0.56
CA ASP A 72 -6.56 5.99 -0.25
C ASP A 72 -5.04 6.02 -0.06
N ILE A 73 -4.39 4.93 -0.41
CA ILE A 73 -2.93 4.87 -0.39
C ILE A 73 -2.39 4.72 -1.80
N LEU A 74 -1.57 5.68 -2.23
CA LEU A 74 -0.96 5.64 -3.54
C LEU A 74 0.51 5.27 -3.42
N VAL A 75 0.89 4.18 -4.07
CA VAL A 75 2.24 3.65 -3.93
C VAL A 75 2.85 3.33 -5.30
N GLU A 76 4.11 2.94 -5.27
CA GLU A 76 4.81 2.49 -6.46
C GLU A 76 5.76 1.35 -6.08
N VAL A 77 5.93 0.39 -6.98
CA VAL A 77 6.75 -0.77 -6.69
C VAL A 77 8.23 -0.39 -6.67
N LEU A 78 8.97 -0.98 -5.73
CA LEU A 78 10.40 -0.67 -5.58
C LEU A 78 11.25 -1.52 -6.50
N LEU A 79 10.60 -2.37 -7.27
CA LEU A 79 11.26 -3.23 -8.23
C LEU A 79 11.74 -2.40 -9.42
N GLU A 80 12.97 -1.90 -9.31
CA GLU A 80 13.62 -1.11 -10.36
C GLU A 80 12.93 0.26 -10.51
N HIS A 81 13.70 1.32 -10.31
CA HIS A 81 13.17 2.68 -10.35
C HIS A 81 13.11 3.19 -11.79
N HIS A 82 12.82 2.29 -12.71
CA HIS A 82 12.67 2.64 -14.11
C HIS A 82 11.45 1.95 -14.68
N HIS A 83 10.52 2.72 -15.21
CA HIS A 83 9.27 2.18 -15.71
C HIS A 83 9.38 1.77 -17.17
N HIS A 84 9.47 0.46 -17.39
CA HIS A 84 9.47 -0.09 -18.74
C HIS A 84 8.03 -0.35 -19.17
N HIS A 85 7.34 0.74 -19.52
CA HIS A 85 5.91 0.67 -19.83
C HIS A 85 5.65 0.14 -21.25
N HIS A 86 6.71 -0.12 -21.99
CA HIS A 86 6.61 -0.77 -23.29
C HIS A 86 7.75 -1.73 -23.48
N MET A 1 9.23 9.33 -14.26
CA MET A 1 7.83 9.67 -14.57
C MET A 1 6.93 9.28 -13.41
N THR A 2 5.97 10.13 -13.08
CA THR A 2 5.08 9.87 -11.96
C THR A 2 3.98 8.87 -12.34
N LYS A 3 4.12 7.65 -11.86
CA LYS A 3 3.08 6.64 -12.05
C LYS A 3 2.91 5.84 -10.76
N GLY A 4 1.72 5.87 -10.21
CA GLY A 4 1.46 5.17 -8.97
C GLY A 4 0.10 4.51 -8.97
N ILE A 5 0.02 3.35 -8.33
CA ILE A 5 -1.24 2.63 -8.23
C ILE A 5 -1.74 2.67 -6.79
N GLY A 6 -2.96 2.24 -6.59
CA GLY A 6 -3.50 2.19 -5.25
C GLY A 6 -2.96 1.00 -4.49
N LEU A 7 -3.00 1.07 -3.17
CA LEU A 7 -2.46 0.01 -2.33
C LEU A 7 -3.23 -1.29 -2.49
N ASN A 8 -4.45 -1.21 -3.01
CA ASN A 8 -5.28 -2.38 -3.22
C ASN A 8 -5.09 -2.96 -4.62
N GLU A 9 -4.23 -2.32 -5.40
CA GLU A 9 -3.97 -2.75 -6.77
C GLU A 9 -2.63 -3.44 -6.88
N VAL A 10 -1.98 -3.65 -5.73
CA VAL A 10 -0.63 -4.20 -5.71
C VAL A 10 -0.67 -5.72 -5.67
N GLU A 11 0.42 -6.34 -6.10
CA GLU A 11 0.56 -7.78 -6.12
C GLU A 11 1.40 -8.26 -4.94
N ILE A 12 1.35 -9.54 -4.66
CA ILE A 12 2.06 -10.12 -3.53
C ILE A 12 3.55 -10.25 -3.83
N LYS A 13 4.33 -10.51 -2.77
CA LYS A 13 5.77 -10.74 -2.89
C LYS A 13 6.50 -9.49 -3.37
N SER A 14 5.78 -8.38 -3.41
CA SER A 14 6.35 -7.15 -3.91
C SER A 14 6.52 -6.14 -2.80
N LYS A 15 7.53 -5.30 -2.92
CA LYS A 15 7.76 -4.23 -1.98
C LYS A 15 7.37 -2.90 -2.62
N VAL A 16 6.47 -2.19 -1.97
CA VAL A 16 6.03 -0.89 -2.46
C VAL A 16 6.35 0.20 -1.46
N LYS A 17 6.23 1.43 -1.90
CA LYS A 17 6.52 2.57 -1.06
C LYS A 17 5.41 3.59 -1.17
N VAL A 18 5.08 4.19 -0.06
CA VAL A 18 3.99 5.15 0.00
C VAL A 18 4.44 6.48 -0.59
N ILE A 19 4.14 6.68 -1.87
CA ILE A 19 4.39 7.94 -2.54
C ILE A 19 3.68 9.06 -1.80
N GLY A 20 2.41 8.85 -1.53
CA GLY A 20 1.63 9.84 -0.84
C GLY A 20 0.25 9.35 -0.49
N ILE A 21 -0.39 10.07 0.42
CA ILE A 21 -1.75 9.79 0.81
C ILE A 21 -2.70 10.48 -0.17
N VAL A 22 -3.93 10.02 -0.23
CA VAL A 22 -4.93 10.61 -1.12
C VAL A 22 -5.85 11.53 -0.32
N PRO A 23 -5.48 12.84 -0.25
CA PRO A 23 -6.15 13.84 0.59
C PRO A 23 -7.67 13.86 0.45
N GLU A 24 -8.32 14.60 1.36
CA GLU A 24 -9.77 14.62 1.47
C GLU A 24 -10.27 13.26 1.92
N SER A 25 -9.35 12.50 2.50
CA SER A 25 -9.62 11.16 3.00
C SER A 25 -10.20 11.25 4.41
N LYS A 26 -11.00 10.26 4.75
CA LYS A 26 -11.58 10.18 6.08
C LYS A 26 -10.75 9.24 6.93
N VAL A 27 -10.04 8.34 6.26
CA VAL A 27 -9.15 7.41 6.95
C VAL A 27 -7.71 7.91 6.94
N ARG A 28 -7.46 8.99 6.20
CA ARG A 28 -6.13 9.62 6.16
C ARG A 28 -5.55 9.82 7.56
N ARG A 29 -6.36 10.37 8.48
CA ARG A 29 -5.90 10.64 9.83
C ARG A 29 -5.68 9.34 10.60
N LYS A 30 -6.44 8.31 10.22
CA LYS A 30 -6.33 6.99 10.83
C LYS A 30 -5.05 6.29 10.38
N ILE A 31 -4.82 6.31 9.07
CA ILE A 31 -3.66 5.68 8.47
C ILE A 31 -2.36 6.29 9.00
N MET A 32 -2.34 7.62 9.13
CA MET A 32 -1.18 8.32 9.66
C MET A 32 -0.96 7.95 11.12
N ASP A 33 -2.06 7.65 11.81
CA ASP A 33 -1.99 7.23 13.22
C ASP A 33 -1.40 5.83 13.33
N MET A 34 -1.66 5.01 12.31
CA MET A 34 -1.10 3.66 12.23
C MET A 34 0.42 3.72 12.13
N GLY A 35 0.91 4.81 11.53
CA GLY A 35 2.34 4.98 11.37
C GLY A 35 2.75 5.07 9.93
N ILE A 36 1.77 5.08 9.03
CA ILE A 36 2.04 5.15 7.60
C ILE A 36 2.09 6.60 7.14
N VAL A 37 3.17 6.96 6.50
CA VAL A 37 3.39 8.32 6.02
C VAL A 37 4.05 8.31 4.64
N ARG A 38 4.35 9.48 4.11
CA ARG A 38 5.04 9.57 2.82
C ARG A 38 6.48 9.09 2.97
N GLY A 39 6.79 7.99 2.30
CA GLY A 39 8.13 7.46 2.36
C GLY A 39 8.19 6.10 3.05
N THR A 40 7.08 5.68 3.63
CA THR A 40 7.02 4.38 4.29
C THR A 40 7.08 3.26 3.26
N GLU A 41 7.77 2.19 3.60
CA GLU A 41 7.94 1.06 2.73
C GLU A 41 7.09 -0.10 3.20
N ILE A 42 6.44 -0.77 2.25
CA ILE A 42 5.47 -1.81 2.56
C ILE A 42 5.76 -3.09 1.79
N TYR A 43 5.77 -4.21 2.49
CA TYR A 43 5.85 -5.51 1.86
C TYR A 43 4.45 -6.10 1.71
N ILE A 44 4.09 -6.49 0.49
CA ILE A 44 2.80 -7.12 0.27
C ILE A 44 2.93 -8.62 0.48
N GLU A 45 2.52 -9.07 1.66
CA GLU A 45 2.65 -10.47 2.02
C GLU A 45 1.54 -11.30 1.40
N GLY A 46 0.33 -10.75 1.43
CA GLY A 46 -0.81 -11.42 0.85
C GLY A 46 -2.10 -10.69 1.15
N LYS A 47 -3.22 -11.28 0.80
CA LYS A 47 -4.53 -10.71 1.10
C LYS A 47 -5.55 -11.82 1.26
N ALA A 48 -6.70 -11.49 1.81
CA ALA A 48 -7.80 -12.45 1.89
C ALA A 48 -8.29 -12.79 0.49
N PRO A 49 -8.93 -13.96 0.31
CA PRO A 49 -9.46 -14.38 -1.00
C PRO A 49 -10.37 -13.33 -1.64
N MET A 50 -11.08 -12.57 -0.82
CA MET A 50 -11.96 -11.51 -1.31
C MET A 50 -11.17 -10.21 -1.51
N GLY A 51 -9.94 -10.22 -1.03
CA GLY A 51 -9.06 -9.06 -1.17
C GLY A 51 -9.08 -8.18 0.06
N ASP A 52 -10.02 -8.43 0.94
CA ASP A 52 -10.13 -7.68 2.17
C ASP A 52 -10.28 -8.61 3.35
N PRO A 53 -9.43 -8.44 4.38
CA PRO A 53 -8.38 -7.43 4.38
C PRO A 53 -7.12 -7.89 3.66
N ILE A 54 -6.21 -6.95 3.45
CA ILE A 54 -4.92 -7.25 2.86
C ILE A 54 -3.88 -7.38 3.97
N ALA A 55 -2.95 -8.32 3.83
CA ALA A 55 -1.90 -8.52 4.81
C ALA A 55 -0.61 -7.86 4.35
N LEU A 56 -0.31 -6.71 4.92
CA LEU A 56 0.88 -5.96 4.54
C LEU A 56 1.91 -6.03 5.65
N ARG A 57 3.15 -5.73 5.33
CA ARG A 57 4.20 -5.63 6.33
C ARG A 57 4.97 -4.33 6.09
N LEU A 58 4.67 -3.33 6.89
CA LEU A 58 5.21 -2.00 6.68
C LEU A 58 5.85 -1.47 7.95
N ARG A 59 6.87 -0.63 7.78
CA ARG A 59 7.55 0.04 8.90
C ARG A 59 8.39 -0.95 9.73
N GLY A 60 8.04 -2.22 9.67
CA GLY A 60 8.78 -3.23 10.41
C GLY A 60 7.87 -4.29 10.97
N TYR A 61 6.57 -4.12 10.78
CA TYR A 61 5.60 -5.09 11.25
C TYR A 61 4.51 -5.34 10.22
N SER A 62 3.86 -6.47 10.34
CA SER A 62 2.74 -6.79 9.49
C SER A 62 1.45 -6.23 10.08
N LEU A 63 0.53 -5.85 9.21
CA LEU A 63 -0.73 -5.25 9.60
C LEU A 63 -1.77 -5.45 8.51
N SER A 64 -3.02 -5.60 8.90
CA SER A 64 -4.10 -5.80 7.95
C SER A 64 -4.81 -4.48 7.65
N LEU A 65 -5.03 -4.23 6.38
CA LEU A 65 -5.71 -3.03 5.92
C LEU A 65 -6.94 -3.39 5.11
N ARG A 66 -7.96 -2.54 5.14
CA ARG A 66 -9.17 -2.76 4.37
C ARG A 66 -8.99 -2.31 2.91
N LYS A 67 -9.86 -2.82 2.05
CA LYS A 67 -9.77 -2.56 0.62
C LYS A 67 -10.01 -1.08 0.32
N SER A 68 -10.91 -0.46 1.06
CA SER A 68 -11.20 0.96 0.90
C SER A 68 -10.04 1.82 1.38
N GLU A 69 -9.47 1.46 2.53
CA GLU A 69 -8.35 2.21 3.10
C GLU A 69 -7.14 2.15 2.17
N ALA A 70 -6.98 1.02 1.51
CA ALA A 70 -5.90 0.83 0.56
C ALA A 70 -6.08 1.70 -0.68
N LYS A 71 -7.32 2.12 -0.93
CA LYS A 71 -7.61 2.97 -2.08
C LYS A 71 -7.18 4.40 -1.80
N ASP A 72 -7.21 4.78 -0.52
CA ASP A 72 -6.84 6.12 -0.09
C ASP A 72 -5.32 6.29 0.00
N ILE A 73 -4.58 5.30 -0.50
CA ILE A 73 -3.13 5.35 -0.51
C ILE A 73 -2.59 5.06 -1.91
N LEU A 74 -1.67 5.91 -2.38
CA LEU A 74 -1.02 5.70 -3.66
C LEU A 74 0.43 5.26 -3.44
N VAL A 75 0.80 4.14 -4.03
CA VAL A 75 2.12 3.57 -3.81
C VAL A 75 2.83 3.24 -5.12
N GLU A 76 4.15 3.12 -5.02
CA GLU A 76 4.99 2.73 -6.15
C GLU A 76 5.74 1.45 -5.80
N VAL A 77 5.98 0.60 -6.77
CA VAL A 77 6.67 -0.65 -6.55
C VAL A 77 8.17 -0.47 -6.74
N LEU A 78 8.96 -0.98 -5.80
CA LEU A 78 10.42 -0.83 -5.85
C LEU A 78 11.03 -1.80 -6.85
N LEU A 79 10.28 -2.82 -7.21
CA LEU A 79 10.72 -3.79 -8.17
C LEU A 79 10.71 -3.19 -9.56
N GLU A 80 11.62 -3.65 -10.41
CA GLU A 80 11.74 -3.15 -11.76
C GLU A 80 10.39 -3.18 -12.47
N HIS A 81 10.07 -2.11 -13.19
CA HIS A 81 8.77 -1.97 -13.84
C HIS A 81 8.69 -2.79 -15.13
N HIS A 82 9.28 -3.96 -15.08
CA HIS A 82 9.21 -4.92 -16.17
C HIS A 82 9.33 -6.34 -15.58
N HIS A 83 9.98 -6.42 -14.42
CA HIS A 83 10.07 -7.67 -13.67
C HIS A 83 8.68 -8.05 -13.17
N HIS A 84 7.85 -7.05 -12.94
CA HIS A 84 6.46 -7.27 -12.56
C HIS A 84 5.66 -7.54 -13.83
N HIS A 85 5.39 -8.81 -14.08
CA HIS A 85 4.83 -9.24 -15.35
C HIS A 85 3.38 -9.65 -15.23
N HIS A 86 3.05 -10.34 -14.14
CA HIS A 86 1.75 -11.03 -14.02
C HIS A 86 1.64 -12.08 -15.11
N MET A 1 2.67 16.35 -10.51
CA MET A 1 2.89 15.21 -11.42
C MET A 1 2.25 13.95 -10.85
N THR A 2 1.26 13.43 -11.54
CA THR A 2 0.55 12.25 -11.08
C THR A 2 1.40 10.99 -11.25
N LYS A 3 1.93 10.50 -10.14
CA LYS A 3 2.64 9.22 -10.14
C LYS A 3 2.17 8.37 -8.98
N GLY A 4 2.38 7.06 -9.10
CA GLY A 4 1.89 6.15 -8.08
C GLY A 4 0.48 5.70 -8.37
N ILE A 5 0.13 4.53 -7.87
CA ILE A 5 -1.22 3.98 -8.02
C ILE A 5 -1.78 3.64 -6.65
N GLY A 6 -3.00 3.14 -6.60
CA GLY A 6 -3.56 2.76 -5.33
C GLY A 6 -3.01 1.44 -4.83
N LEU A 7 -3.01 1.24 -3.53
CA LEU A 7 -2.51 0.02 -2.93
C LEU A 7 -3.30 -1.19 -3.42
N ASN A 8 -4.56 -0.96 -3.77
CA ASN A 8 -5.43 -2.02 -4.29
C ASN A 8 -5.02 -2.45 -5.70
N GLU A 9 -4.20 -1.63 -6.35
CA GLU A 9 -3.76 -1.91 -7.71
C GLU A 9 -2.44 -2.69 -7.71
N VAL A 10 -1.89 -2.90 -6.53
CA VAL A 10 -0.61 -3.57 -6.40
C VAL A 10 -0.82 -5.07 -6.25
N GLU A 11 0.23 -5.83 -6.54
CA GLU A 11 0.18 -7.28 -6.43
C GLU A 11 0.80 -7.71 -5.10
N ILE A 12 0.68 -8.99 -4.78
CA ILE A 12 1.26 -9.54 -3.57
C ILE A 12 2.76 -9.79 -3.76
N LYS A 13 3.41 -10.25 -2.69
CA LYS A 13 4.84 -10.63 -2.69
C LYS A 13 5.74 -9.52 -3.24
N SER A 14 5.25 -8.30 -3.23
CA SER A 14 5.99 -7.17 -3.76
C SER A 14 6.21 -6.10 -2.69
N LYS A 15 7.28 -5.33 -2.84
CA LYS A 15 7.55 -4.24 -1.92
C LYS A 15 7.32 -2.91 -2.61
N VAL A 16 6.59 -2.04 -1.95
CA VAL A 16 6.28 -0.73 -2.49
C VAL A 16 6.60 0.36 -1.49
N LYS A 17 6.70 1.57 -1.98
CA LYS A 17 6.93 2.71 -1.14
C LYS A 17 5.73 3.63 -1.21
N VAL A 18 5.41 4.24 -0.09
CA VAL A 18 4.30 5.17 -0.02
C VAL A 18 4.67 6.47 -0.72
N ILE A 19 4.29 6.57 -1.98
CA ILE A 19 4.51 7.77 -2.78
C ILE A 19 3.73 8.94 -2.19
N GLY A 20 2.51 8.66 -1.77
CA GLY A 20 1.69 9.68 -1.18
C GLY A 20 0.38 9.14 -0.66
N ILE A 21 -0.45 10.03 -0.14
CA ILE A 21 -1.74 9.68 0.40
C ILE A 21 -2.78 10.60 -0.24
N VAL A 22 -4.04 10.20 -0.22
CA VAL A 22 -5.12 10.98 -0.80
C VAL A 22 -5.87 11.74 0.29
N PRO A 23 -5.43 12.98 0.59
CA PRO A 23 -5.97 13.79 1.69
C PRO A 23 -7.43 14.17 1.51
N GLU A 24 -7.96 14.93 2.47
CA GLU A 24 -9.38 15.26 2.53
C GLU A 24 -10.19 13.99 2.69
N SER A 25 -9.55 12.98 3.25
CA SER A 25 -10.15 11.69 3.47
C SER A 25 -10.27 11.42 4.96
N LYS A 26 -11.27 10.65 5.35
CA LYS A 26 -11.44 10.30 6.75
C LYS A 26 -10.52 9.13 7.10
N VAL A 27 -10.29 8.26 6.12
CA VAL A 27 -9.39 7.14 6.31
C VAL A 27 -7.94 7.58 6.18
N ARG A 28 -7.72 8.73 5.54
CA ARG A 28 -6.39 9.35 5.49
C ARG A 28 -5.84 9.49 6.91
N ARG A 29 -6.69 9.92 7.82
CA ARG A 29 -6.33 10.05 9.23
C ARG A 29 -5.89 8.71 9.80
N LYS A 30 -6.69 7.69 9.52
CA LYS A 30 -6.42 6.33 9.97
C LYS A 30 -5.06 5.85 9.50
N ILE A 31 -4.78 6.07 8.22
CA ILE A 31 -3.52 5.67 7.60
C ILE A 31 -2.33 6.32 8.30
N MET A 32 -2.44 7.62 8.58
CA MET A 32 -1.36 8.35 9.24
C MET A 32 -1.22 7.93 10.70
N ASP A 33 -2.32 7.51 11.30
CA ASP A 33 -2.29 6.98 12.66
C ASP A 33 -1.54 5.65 12.69
N MET A 34 -1.64 4.93 11.59
CA MET A 34 -0.95 3.65 11.44
C MET A 34 0.54 3.85 11.23
N GLY A 35 0.95 5.10 11.02
CA GLY A 35 2.36 5.41 10.88
C GLY A 35 2.75 5.66 9.44
N ILE A 36 1.79 5.49 8.54
CA ILE A 36 2.04 5.67 7.12
C ILE A 36 1.84 7.12 6.72
N VAL A 37 2.81 7.67 6.03
CA VAL A 37 2.77 9.07 5.60
C VAL A 37 3.41 9.26 4.23
N ARG A 38 4.73 9.22 4.18
CA ARG A 38 5.47 9.38 2.94
C ARG A 38 6.79 8.64 3.03
N GLY A 39 7.18 7.98 1.94
CA GLY A 39 8.45 7.26 1.92
C GLY A 39 8.44 6.08 2.86
N THR A 40 7.26 5.64 3.22
CA THR A 40 7.10 4.51 4.13
C THR A 40 7.15 3.20 3.34
N GLU A 41 7.68 2.17 3.97
CA GLU A 41 7.82 0.87 3.31
C GLU A 41 6.61 0.01 3.57
N ILE A 42 6.04 -0.51 2.49
CA ILE A 42 4.90 -1.40 2.57
C ILE A 42 5.21 -2.68 1.80
N TYR A 43 5.28 -3.79 2.52
CA TYR A 43 5.54 -5.08 1.89
C TYR A 43 4.26 -5.89 1.86
N ILE A 44 3.80 -6.24 0.68
CA ILE A 44 2.57 -6.99 0.52
C ILE A 44 2.83 -8.48 0.74
N GLU A 45 2.55 -8.98 1.93
CA GLU A 45 2.74 -10.39 2.20
C GLU A 45 1.55 -11.20 1.70
N GLY A 46 0.42 -10.53 1.56
CA GLY A 46 -0.76 -11.18 1.02
C GLY A 46 -2.04 -10.48 1.45
N LYS A 47 -3.16 -11.09 1.10
CA LYS A 47 -4.45 -10.56 1.48
C LYS A 47 -5.26 -11.65 2.18
N ALA A 48 -6.27 -11.26 2.93
CA ALA A 48 -7.17 -12.21 3.55
C ALA A 48 -7.94 -12.97 2.48
N PRO A 49 -8.34 -14.22 2.76
CA PRO A 49 -9.05 -15.07 1.80
C PRO A 49 -10.28 -14.38 1.19
N MET A 50 -10.91 -13.49 1.95
CA MET A 50 -12.08 -12.75 1.48
C MET A 50 -11.66 -11.63 0.52
N GLY A 51 -10.40 -11.23 0.59
CA GLY A 51 -9.92 -10.11 -0.19
C GLY A 51 -9.82 -8.86 0.65
N ASP A 52 -10.32 -8.97 1.88
CA ASP A 52 -10.31 -7.88 2.84
C ASP A 52 -10.29 -8.47 4.25
N PRO A 53 -9.41 -7.97 5.11
CA PRO A 53 -8.49 -6.88 4.80
C PRO A 53 -7.22 -7.37 4.08
N ILE A 54 -6.27 -6.46 3.90
CA ILE A 54 -5.00 -6.79 3.26
C ILE A 54 -3.90 -6.77 4.31
N ALA A 55 -2.94 -7.69 4.21
CA ALA A 55 -1.87 -7.79 5.19
C ALA A 55 -0.61 -7.11 4.68
N LEU A 56 -0.30 -5.94 5.24
CA LEU A 56 0.89 -5.20 4.84
C LEU A 56 1.94 -5.30 5.93
N ARG A 57 3.17 -5.53 5.52
CA ARG A 57 4.28 -5.54 6.46
C ARG A 57 4.80 -4.12 6.64
N LEU A 58 4.64 -3.59 7.84
CA LEU A 58 4.98 -2.22 8.15
C LEU A 58 5.72 -2.13 9.47
N ARG A 59 6.64 -1.18 9.57
CA ARG A 59 7.47 -0.97 10.76
C ARG A 59 8.49 -2.09 10.93
N GLY A 60 7.98 -3.32 10.99
CA GLY A 60 8.84 -4.48 11.13
C GLY A 60 8.09 -5.75 10.81
N TYR A 61 6.82 -5.80 11.19
CA TYR A 61 5.99 -6.96 10.96
C TYR A 61 4.73 -6.58 10.19
N SER A 62 3.93 -7.56 9.86
CA SER A 62 2.76 -7.35 9.04
C SER A 62 1.51 -7.10 9.89
N LEU A 63 0.68 -6.18 9.41
CA LEU A 63 -0.61 -5.89 10.02
C LEU A 63 -1.66 -5.72 8.92
N SER A 64 -2.89 -6.10 9.20
CA SER A 64 -3.95 -6.02 8.21
C SER A 64 -4.63 -4.66 8.21
N LEU A 65 -4.74 -4.07 7.03
CA LEU A 65 -5.43 -2.81 6.85
C LEU A 65 -6.55 -3.03 5.83
N ARG A 66 -7.57 -2.17 5.84
CA ARG A 66 -8.77 -2.44 5.07
C ARG A 66 -8.60 -2.08 3.61
N LYS A 67 -9.42 -2.73 2.78
CA LYS A 67 -9.50 -2.45 1.36
C LYS A 67 -9.85 -0.98 1.10
N SER A 68 -10.55 -0.39 2.05
CA SER A 68 -10.93 1.02 1.97
C SER A 68 -9.67 1.89 1.94
N GLU A 69 -8.78 1.68 2.90
CA GLU A 69 -7.52 2.42 2.99
C GLU A 69 -6.64 2.16 1.78
N ALA A 70 -6.75 0.96 1.21
CA ALA A 70 -5.95 0.58 0.04
C ALA A 70 -6.22 1.50 -1.15
N LYS A 71 -7.37 2.16 -1.14
CA LYS A 71 -7.73 3.10 -2.18
C LYS A 71 -6.96 4.41 -1.98
N ASP A 72 -6.89 4.84 -0.73
CA ASP A 72 -6.39 6.16 -0.38
C ASP A 72 -4.88 6.16 -0.20
N ILE A 73 -4.28 4.97 -0.17
CA ILE A 73 -2.84 4.86 -0.11
C ILE A 73 -2.26 4.78 -1.53
N LEU A 74 -1.52 5.80 -1.91
CA LEU A 74 -0.91 5.85 -3.24
C LEU A 74 0.53 5.37 -3.17
N VAL A 75 0.78 4.23 -3.77
CA VAL A 75 2.11 3.63 -3.78
C VAL A 75 2.48 3.19 -5.18
N GLU A 76 3.73 2.87 -5.38
CA GLU A 76 4.17 2.32 -6.66
C GLU A 76 5.18 1.21 -6.41
N VAL A 77 5.15 0.20 -7.27
CA VAL A 77 6.02 -0.96 -7.10
C VAL A 77 7.47 -0.57 -7.34
N LEU A 78 8.21 -0.43 -6.25
CA LEU A 78 9.60 -0.04 -6.32
C LEU A 78 10.52 -1.23 -6.14
N LEU A 79 9.93 -2.42 -6.05
CA LEU A 79 10.68 -3.65 -6.13
C LEU A 79 11.40 -3.66 -7.47
N GLU A 80 12.74 -3.57 -7.42
CA GLU A 80 13.59 -3.33 -8.59
C GLU A 80 13.06 -3.98 -9.87
N HIS A 81 12.35 -3.16 -10.64
CA HIS A 81 11.83 -3.54 -11.93
C HIS A 81 12.21 -2.48 -12.94
N HIS A 82 13.45 -2.52 -13.37
CA HIS A 82 13.99 -1.50 -14.26
C HIS A 82 13.28 -1.59 -15.62
N HIS A 83 12.81 -0.43 -16.10
CA HIS A 83 12.02 -0.37 -17.32
C HIS A 83 10.64 -0.99 -17.06
N HIS A 84 9.66 -0.13 -16.77
CA HIS A 84 8.34 -0.54 -16.29
C HIS A 84 7.71 -1.64 -17.13
N HIS A 85 7.56 -1.42 -18.42
CA HIS A 85 6.93 -2.40 -19.29
C HIS A 85 7.77 -2.63 -20.54
N HIS A 86 7.90 -3.89 -20.93
CA HIS A 86 8.59 -4.25 -22.16
C HIS A 86 7.97 -3.53 -23.36
N MET A 1 6.12 11.00 -15.19
CA MET A 1 6.29 10.47 -13.82
C MET A 1 4.93 10.26 -13.13
N THR A 2 3.87 10.74 -13.77
CA THR A 2 2.54 10.66 -13.19
C THR A 2 1.92 9.28 -13.37
N LYS A 3 2.39 8.34 -12.57
CA LYS A 3 1.86 6.99 -12.54
C LYS A 3 1.86 6.46 -11.11
N GLY A 4 0.71 6.53 -10.49
CA GLY A 4 0.56 6.03 -9.14
C GLY A 4 -0.73 5.25 -8.98
N ILE A 5 -0.61 4.00 -8.55
CA ILE A 5 -1.78 3.16 -8.38
C ILE A 5 -2.05 2.95 -6.90
N GLY A 6 -3.26 2.50 -6.60
CA GLY A 6 -3.62 2.25 -5.22
C GLY A 6 -2.91 1.03 -4.67
N LEU A 7 -2.80 0.96 -3.36
CA LEU A 7 -2.13 -0.13 -2.68
C LEU A 7 -2.82 -1.46 -2.97
N ASN A 8 -4.10 -1.41 -3.33
CA ASN A 8 -4.87 -2.62 -3.59
C ASN A 8 -4.72 -3.04 -5.05
N GLU A 9 -4.06 -2.20 -5.86
CA GLU A 9 -3.87 -2.48 -7.27
C GLU A 9 -2.52 -3.13 -7.52
N VAL A 10 -1.75 -3.32 -6.44
CA VAL A 10 -0.40 -3.85 -6.54
C VAL A 10 -0.40 -5.38 -6.47
N GLU A 11 0.69 -6.00 -6.89
CA GLU A 11 0.85 -7.44 -6.84
C GLU A 11 1.31 -7.87 -5.45
N ILE A 12 1.19 -9.15 -5.17
CA ILE A 12 1.55 -9.69 -3.86
C ILE A 12 3.03 -10.02 -3.79
N LYS A 13 3.55 -10.17 -2.57
CA LYS A 13 4.97 -10.47 -2.35
C LYS A 13 5.87 -9.36 -2.92
N SER A 14 5.31 -8.16 -3.02
CA SER A 14 6.05 -7.03 -3.54
C SER A 14 6.36 -6.04 -2.42
N LYS A 15 7.36 -5.19 -2.64
CA LYS A 15 7.73 -4.17 -1.68
C LYS A 15 7.49 -2.81 -2.30
N VAL A 16 6.63 -2.02 -1.67
CA VAL A 16 6.17 -0.78 -2.28
C VAL A 16 6.40 0.41 -1.36
N LYS A 17 6.48 1.59 -1.96
CA LYS A 17 6.66 2.83 -1.23
C LYS A 17 5.47 3.74 -1.44
N VAL A 18 5.10 4.45 -0.38
CA VAL A 18 3.94 5.32 -0.41
C VAL A 18 4.29 6.67 -1.01
N ILE A 19 3.99 6.81 -2.30
CA ILE A 19 4.13 8.08 -3.00
C ILE A 19 3.30 9.15 -2.32
N GLY A 20 2.01 8.87 -2.16
CA GLY A 20 1.12 9.84 -1.55
C GLY A 20 -0.14 9.23 -1.00
N ILE A 21 -0.83 10.00 -0.18
CA ILE A 21 -2.07 9.59 0.47
C ILE A 21 -3.19 10.52 0.03
N VAL A 22 -4.42 10.07 0.17
CA VAL A 22 -5.59 10.85 -0.23
C VAL A 22 -6.22 11.51 1.01
N PRO A 23 -5.79 12.74 1.33
CA PRO A 23 -6.20 13.44 2.56
C PRO A 23 -7.70 13.71 2.64
N GLU A 24 -8.13 14.17 3.81
CA GLU A 24 -9.54 14.43 4.12
C GLU A 24 -10.39 13.15 4.15
N SER A 25 -9.87 12.06 3.59
CA SER A 25 -10.54 10.79 3.64
C SER A 25 -10.59 10.27 5.08
N LYS A 26 -11.56 9.44 5.38
CA LYS A 26 -11.78 8.96 6.73
C LYS A 26 -10.66 8.03 7.19
N VAL A 27 -10.07 7.29 6.26
CA VAL A 27 -9.00 6.37 6.60
C VAL A 27 -7.65 7.09 6.69
N ARG A 28 -7.61 8.32 6.18
CA ARG A 28 -6.38 9.11 6.18
C ARG A 28 -5.83 9.28 7.59
N ARG A 29 -6.70 9.69 8.51
CA ARG A 29 -6.30 9.89 9.89
C ARG A 29 -5.80 8.59 10.51
N LYS A 30 -6.44 7.49 10.13
CA LYS A 30 -6.12 6.18 10.65
C LYS A 30 -4.72 5.75 10.21
N ILE A 31 -4.47 5.86 8.91
CA ILE A 31 -3.19 5.47 8.33
C ILE A 31 -2.05 6.37 8.82
N MET A 32 -2.30 7.67 8.89
CA MET A 32 -1.28 8.61 9.32
C MET A 32 -0.98 8.47 10.80
N ASP A 33 -1.97 8.03 11.57
CA ASP A 33 -1.77 7.74 12.99
C ASP A 33 -0.86 6.52 13.15
N MET A 34 -0.90 5.65 12.15
CA MET A 34 -0.07 4.44 12.15
C MET A 34 1.39 4.78 11.87
N GLY A 35 1.63 5.98 11.35
CA GLY A 35 2.99 6.42 11.10
C GLY A 35 3.30 6.60 9.63
N ILE A 36 2.43 6.08 8.78
CA ILE A 36 2.63 6.14 7.34
C ILE A 36 2.25 7.52 6.81
N VAL A 37 3.15 8.12 6.05
CA VAL A 37 2.93 9.46 5.53
C VAL A 37 3.41 9.59 4.07
N ARG A 38 4.71 9.72 3.88
CA ARG A 38 5.26 9.93 2.55
C ARG A 38 6.65 9.31 2.49
N GLY A 39 6.86 8.44 1.51
CA GLY A 39 8.14 7.79 1.36
C GLY A 39 8.23 6.51 2.18
N THR A 40 7.29 6.34 3.10
CA THR A 40 7.22 5.14 3.90
C THR A 40 6.96 3.94 3.00
N GLU A 41 7.63 2.84 3.25
CA GLU A 41 7.52 1.67 2.39
C GLU A 41 7.07 0.46 3.19
N ILE A 42 6.32 -0.40 2.52
CA ILE A 42 5.69 -1.53 3.17
C ILE A 42 5.85 -2.78 2.29
N TYR A 43 5.84 -3.95 2.92
CA TYR A 43 5.92 -5.20 2.18
C TYR A 43 4.53 -5.81 2.05
N ILE A 44 4.21 -6.32 0.87
CA ILE A 44 2.91 -6.92 0.62
C ILE A 44 2.92 -8.39 1.01
N GLU A 45 2.32 -8.71 2.14
CA GLU A 45 2.24 -10.08 2.61
C GLU A 45 1.24 -10.86 1.77
N GLY A 46 0.14 -10.21 1.42
CA GLY A 46 -0.88 -10.84 0.60
C GLY A 46 -2.22 -10.17 0.76
N LYS A 47 -3.24 -10.73 0.12
CA LYS A 47 -4.58 -10.19 0.19
C LYS A 47 -5.57 -11.27 0.60
N ALA A 48 -6.65 -10.86 1.24
CA ALA A 48 -7.71 -11.78 1.66
C ALA A 48 -8.39 -12.39 0.43
N PRO A 49 -9.18 -13.47 0.60
CA PRO A 49 -9.89 -14.13 -0.52
C PRO A 49 -10.71 -13.15 -1.36
N MET A 50 -11.24 -12.12 -0.72
CA MET A 50 -12.06 -11.12 -1.41
C MET A 50 -11.19 -9.99 -1.96
N GLY A 51 -9.90 -10.04 -1.65
CA GLY A 51 -9.01 -8.95 -1.99
C GLY A 51 -9.12 -7.82 -0.98
N ASP A 52 -9.89 -8.07 0.06
CA ASP A 52 -10.17 -7.07 1.09
C ASP A 52 -10.36 -7.78 2.42
N PRO A 53 -9.55 -7.46 3.44
CA PRO A 53 -8.51 -6.44 3.35
C PRO A 53 -7.18 -6.99 2.81
N ILE A 54 -6.15 -6.16 2.91
CA ILE A 54 -4.82 -6.51 2.45
C ILE A 54 -3.88 -6.64 3.65
N ALA A 55 -2.93 -7.55 3.59
CA ALA A 55 -1.98 -7.76 4.67
C ALA A 55 -0.66 -7.04 4.36
N LEU A 56 -0.41 -5.96 5.08
CA LEU A 56 0.82 -5.20 4.92
C LEU A 56 1.77 -5.53 6.06
N ARG A 57 3.06 -5.52 5.78
CA ARG A 57 4.04 -5.80 6.83
C ARG A 57 4.92 -4.58 7.06
N LEU A 58 4.81 -4.00 8.25
CA LEU A 58 5.56 -2.80 8.60
C LEU A 58 5.81 -2.80 10.10
N ARG A 59 6.86 -2.09 10.53
CA ARG A 59 7.26 -2.04 11.94
C ARG A 59 7.94 -3.34 12.37
N GLY A 60 7.66 -4.40 11.61
CA GLY A 60 8.26 -5.69 11.86
C GLY A 60 7.32 -6.82 11.53
N TYR A 61 6.06 -6.64 11.86
CA TYR A 61 5.06 -7.69 11.68
C TYR A 61 3.98 -7.25 10.69
N SER A 62 3.18 -8.21 10.29
CA SER A 62 2.11 -7.98 9.34
C SER A 62 0.85 -7.49 10.03
N LEU A 63 0.19 -6.52 9.41
CA LEU A 63 -1.09 -6.00 9.87
C LEU A 63 -2.04 -5.87 8.70
N SER A 64 -3.33 -5.83 8.96
CA SER A 64 -4.30 -5.77 7.90
C SER A 64 -4.82 -4.34 7.72
N LEU A 65 -4.97 -3.96 6.46
CA LEU A 65 -5.56 -2.67 6.11
C LEU A 65 -6.67 -2.90 5.11
N ARG A 66 -7.81 -2.26 5.32
CA ARG A 66 -8.97 -2.45 4.46
C ARG A 66 -8.69 -1.96 3.05
N LYS A 67 -9.38 -2.53 2.07
CA LYS A 67 -9.21 -2.11 0.69
C LYS A 67 -9.50 -0.63 0.54
N SER A 68 -10.43 -0.14 1.35
CA SER A 68 -10.77 1.28 1.38
C SER A 68 -9.53 2.12 1.72
N GLU A 69 -8.78 1.69 2.72
CA GLU A 69 -7.55 2.36 3.13
C GLU A 69 -6.51 2.22 2.02
N ALA A 70 -6.40 1.02 1.48
CA ALA A 70 -5.46 0.73 0.41
C ALA A 70 -5.79 1.52 -0.87
N LYS A 71 -7.03 1.94 -0.99
CA LYS A 71 -7.48 2.69 -2.15
C LYS A 71 -7.10 4.16 -2.01
N ASP A 72 -6.94 4.61 -0.76
CA ASP A 72 -6.57 5.99 -0.49
C ASP A 72 -5.07 6.13 -0.31
N ILE A 73 -4.35 5.08 -0.70
CA ILE A 73 -2.89 5.09 -0.67
C ILE A 73 -2.35 4.82 -2.08
N LEU A 74 -1.60 5.77 -2.61
CA LEU A 74 -1.00 5.62 -3.92
C LEU A 74 0.48 5.26 -3.78
N VAL A 75 0.87 4.13 -4.35
CA VAL A 75 2.22 3.61 -4.14
C VAL A 75 2.88 3.18 -5.45
N GLU A 76 4.15 2.83 -5.35
CA GLU A 76 4.91 2.28 -6.46
C GLU A 76 5.73 1.09 -5.98
N VAL A 77 6.16 0.25 -6.91
CA VAL A 77 6.86 -0.98 -6.53
C VAL A 77 8.37 -0.83 -6.67
N LEU A 78 9.10 -1.28 -5.65
CA LEU A 78 10.56 -1.19 -5.63
C LEU A 78 11.19 -2.32 -6.43
N LEU A 79 10.41 -3.36 -6.65
CA LEU A 79 10.86 -4.51 -7.41
C LEU A 79 11.05 -4.14 -8.86
N GLU A 80 12.28 -4.19 -9.33
CA GLU A 80 12.61 -3.82 -10.68
C GLU A 80 12.31 -4.96 -11.65
N HIS A 81 11.01 -5.16 -11.89
CA HIS A 81 10.55 -6.17 -12.82
C HIS A 81 9.44 -5.55 -13.66
N HIS A 82 9.79 -5.13 -14.88
CA HIS A 82 8.86 -4.37 -15.72
C HIS A 82 7.76 -5.24 -16.33
N HIS A 83 6.92 -5.82 -15.49
CA HIS A 83 5.75 -6.54 -15.97
C HIS A 83 4.62 -5.52 -16.24
N HIS A 84 4.49 -5.14 -17.50
CA HIS A 84 3.61 -4.03 -17.86
C HIS A 84 2.15 -4.44 -17.85
N HIS A 85 1.43 -4.00 -16.82
CA HIS A 85 -0.02 -4.19 -16.70
C HIS A 85 -0.38 -5.68 -16.62
N HIS A 86 0.62 -6.52 -16.37
CA HIS A 86 0.43 -7.95 -16.29
C HIS A 86 1.67 -8.59 -15.70
N MET A 1 1.95 15.89 -9.75
CA MET A 1 1.98 14.51 -10.27
C MET A 1 1.43 13.54 -9.24
N THR A 2 0.57 12.64 -9.67
CA THR A 2 0.02 11.62 -8.78
C THR A 2 1.01 10.48 -8.60
N LYS A 3 1.35 9.82 -9.71
CA LYS A 3 2.29 8.70 -9.72
C LYS A 3 1.73 7.46 -9.04
N GLY A 4 2.44 6.35 -9.21
CA GLY A 4 2.11 5.11 -8.53
C GLY A 4 0.73 4.58 -8.84
N ILE A 5 0.30 3.66 -8.00
CA ILE A 5 -1.05 3.11 -8.06
C ILE A 5 -1.58 3.01 -6.65
N GLY A 6 -2.82 2.60 -6.49
CA GLY A 6 -3.36 2.44 -5.16
C GLY A 6 -2.77 1.21 -4.49
N LEU A 7 -2.64 1.28 -3.18
CA LEU A 7 -2.11 0.16 -2.39
C LEU A 7 -2.97 -1.10 -2.64
N ASN A 8 -4.25 -0.86 -2.93
CA ASN A 8 -5.20 -1.93 -3.18
C ASN A 8 -4.92 -2.61 -4.53
N GLU A 9 -4.12 -1.98 -5.36
CA GLU A 9 -3.87 -2.45 -6.71
C GLU A 9 -2.52 -3.16 -6.80
N VAL A 10 -1.86 -3.32 -5.67
CA VAL A 10 -0.57 -3.98 -5.63
C VAL A 10 -0.75 -5.49 -5.57
N GLU A 11 0.26 -6.21 -6.02
CA GLU A 11 0.18 -7.66 -6.13
C GLU A 11 0.79 -8.33 -4.90
N ILE A 12 0.69 -9.64 -4.83
CA ILE A 12 1.17 -10.40 -3.68
C ILE A 12 2.69 -10.50 -3.68
N LYS A 13 3.26 -10.50 -2.47
CA LYS A 13 4.70 -10.62 -2.26
C LYS A 13 5.48 -9.50 -2.95
N SER A 14 4.82 -8.39 -3.18
CA SER A 14 5.46 -7.23 -3.78
C SER A 14 5.64 -6.14 -2.74
N LYS A 15 6.70 -5.37 -2.86
CA LYS A 15 6.96 -4.27 -1.94
C LYS A 15 6.74 -2.94 -2.64
N VAL A 16 6.33 -1.93 -1.88
CA VAL A 16 6.06 -0.62 -2.44
C VAL A 16 6.54 0.48 -1.49
N LYS A 17 6.37 1.71 -1.92
CA LYS A 17 6.71 2.86 -1.11
C LYS A 17 5.58 3.87 -1.13
N VAL A 18 5.33 4.46 0.02
CA VAL A 18 4.26 5.44 0.15
C VAL A 18 4.65 6.74 -0.53
N ILE A 19 4.19 6.92 -1.75
CA ILE A 19 4.43 8.14 -2.50
C ILE A 19 3.47 9.23 -2.07
N GLY A 20 2.18 8.92 -2.01
CA GLY A 20 1.21 9.91 -1.66
C GLY A 20 -0.04 9.34 -1.01
N ILE A 21 -0.83 10.25 -0.47
CA ILE A 21 -2.08 9.92 0.17
C ILE A 21 -3.18 10.73 -0.49
N VAL A 22 -4.43 10.28 -0.39
CA VAL A 22 -5.54 10.98 -1.02
C VAL A 22 -6.33 11.76 0.04
N PRO A 23 -5.95 13.04 0.27
CA PRO A 23 -6.47 13.87 1.36
C PRO A 23 -8.00 13.89 1.45
N GLU A 24 -8.49 14.25 2.64
CA GLU A 24 -9.92 14.27 2.92
C GLU A 24 -10.52 12.87 2.86
N SER A 25 -10.16 12.06 3.83
CA SER A 25 -10.62 10.69 3.92
C SER A 25 -10.70 10.27 5.39
N LYS A 26 -11.42 9.20 5.68
CA LYS A 26 -11.46 8.67 7.04
C LYS A 26 -10.14 7.98 7.36
N VAL A 27 -9.68 7.18 6.41
CA VAL A 27 -8.47 6.39 6.59
C VAL A 27 -7.21 7.23 6.41
N ARG A 28 -7.35 8.37 5.73
CA ARG A 28 -6.24 9.33 5.60
C ARG A 28 -5.66 9.64 6.98
N ARG A 29 -6.55 9.84 7.94
CA ARG A 29 -6.16 10.09 9.33
C ARG A 29 -5.63 8.80 9.97
N LYS A 30 -6.34 7.71 9.74
CA LYS A 30 -6.06 6.42 10.35
C LYS A 30 -4.66 5.92 9.99
N ILE A 31 -4.32 6.01 8.72
CA ILE A 31 -3.03 5.51 8.22
C ILE A 31 -1.88 6.37 8.75
N MET A 32 -2.07 7.69 8.76
CA MET A 32 -1.04 8.58 9.28
C MET A 32 -0.94 8.47 10.79
N ASP A 33 -2.05 8.12 11.43
CA ASP A 33 -2.07 7.85 12.87
C ASP A 33 -1.15 6.69 13.19
N MET A 34 -1.16 5.69 12.31
CA MET A 34 -0.27 4.53 12.42
C MET A 34 1.19 4.96 12.47
N GLY A 35 1.50 6.08 11.83
CA GLY A 35 2.86 6.57 11.81
C GLY A 35 3.51 6.37 10.46
N ILE A 36 2.69 6.07 9.46
CA ILE A 36 3.19 5.86 8.10
C ILE A 36 3.16 7.17 7.34
N VAL A 37 4.25 7.46 6.64
CA VAL A 37 4.37 8.70 5.89
C VAL A 37 4.99 8.44 4.53
N ARG A 38 5.21 9.50 3.76
CA ARG A 38 5.82 9.38 2.45
C ARG A 38 7.25 8.89 2.59
N GLY A 39 7.60 7.90 1.81
CA GLY A 39 8.95 7.38 1.83
C GLY A 39 9.06 6.06 2.56
N THR A 40 8.09 5.78 3.42
CA THR A 40 8.09 4.52 4.16
C THR A 40 7.84 3.35 3.22
N GLU A 41 8.45 2.22 3.54
CA GLU A 41 8.35 1.03 2.71
C GLU A 41 7.25 0.12 3.22
N ILE A 42 6.42 -0.32 2.30
CA ILE A 42 5.28 -1.17 2.62
C ILE A 42 5.40 -2.48 1.85
N TYR A 43 5.42 -3.59 2.57
CA TYR A 43 5.54 -4.89 1.93
C TYR A 43 4.19 -5.57 1.87
N ILE A 44 3.72 -5.83 0.67
CA ILE A 44 2.44 -6.49 0.48
C ILE A 44 2.63 -7.99 0.56
N GLU A 45 2.30 -8.57 1.70
CA GLU A 45 2.48 -9.99 1.92
C GLU A 45 1.43 -10.75 1.13
N GLY A 46 0.21 -10.24 1.15
CA GLY A 46 -0.88 -10.83 0.40
C GLY A 46 -2.20 -10.21 0.77
N LYS A 47 -3.29 -10.80 0.31
CA LYS A 47 -4.61 -10.33 0.68
C LYS A 47 -5.56 -11.51 0.78
N ALA A 48 -6.70 -11.32 1.44
CA ALA A 48 -7.72 -12.35 1.54
C ALA A 48 -8.23 -12.71 0.15
N PRO A 49 -8.88 -13.89 -0.01
CA PRO A 49 -9.39 -14.36 -1.31
C PRO A 49 -10.30 -13.34 -2.01
N MET A 50 -10.94 -12.47 -1.23
CA MET A 50 -11.83 -11.46 -1.79
C MET A 50 -11.08 -10.14 -2.02
N GLY A 51 -9.85 -10.08 -1.55
CA GLY A 51 -9.06 -8.86 -1.67
C GLY A 51 -9.27 -7.93 -0.50
N ASP A 52 -10.13 -8.35 0.42
CA ASP A 52 -10.39 -7.60 1.65
C ASP A 52 -10.66 -8.58 2.77
N PRO A 53 -9.93 -8.47 3.89
CA PRO A 53 -8.88 -7.46 4.06
C PRO A 53 -7.57 -7.86 3.39
N ILE A 54 -6.58 -6.98 3.48
CA ILE A 54 -5.27 -7.20 2.87
C ILE A 54 -4.21 -7.31 3.96
N ALA A 55 -3.25 -8.21 3.78
CA ALA A 55 -2.17 -8.39 4.75
C ALA A 55 -0.95 -7.58 4.35
N LEU A 56 -0.67 -6.52 5.09
CA LEU A 56 0.39 -5.60 4.75
C LEU A 56 1.44 -5.53 5.84
N ARG A 57 2.69 -5.55 5.45
CA ARG A 57 3.78 -5.32 6.39
C ARG A 57 4.10 -3.84 6.37
N LEU A 58 3.62 -3.14 7.37
CA LEU A 58 3.75 -1.69 7.44
C LEU A 58 4.08 -1.24 8.85
N ARG A 59 4.69 -0.06 8.96
CA ARG A 59 5.07 0.54 10.25
C ARG A 59 6.25 -0.22 10.88
N GLY A 60 6.16 -1.55 10.86
CA GLY A 60 7.21 -2.38 11.40
C GLY A 60 6.84 -3.85 11.38
N TYR A 61 5.56 -4.13 11.26
CA TYR A 61 5.08 -5.51 11.29
C TYR A 61 4.02 -5.76 10.25
N SER A 62 3.69 -7.02 10.04
CA SER A 62 2.63 -7.40 9.15
C SER A 62 1.29 -7.36 9.87
N LEU A 63 0.35 -6.64 9.28
CA LEU A 63 -0.98 -6.47 9.84
C LEU A 63 -2.00 -6.40 8.71
N SER A 64 -3.21 -6.87 8.95
CA SER A 64 -4.23 -6.84 7.93
C SER A 64 -5.10 -5.60 8.05
N LEU A 65 -5.20 -4.86 6.95
CA LEU A 65 -6.01 -3.67 6.88
C LEU A 65 -7.07 -3.84 5.79
N ARG A 66 -8.05 -2.95 5.76
CA ARG A 66 -9.14 -3.05 4.80
C ARG A 66 -8.72 -2.58 3.41
N LYS A 67 -9.40 -3.12 2.41
CA LYS A 67 -9.19 -2.72 1.02
C LYS A 67 -9.50 -1.23 0.87
N SER A 68 -10.48 -0.76 1.62
CA SER A 68 -10.87 0.64 1.61
C SER A 68 -9.72 1.53 2.07
N GLU A 69 -8.95 1.04 3.03
CA GLU A 69 -7.80 1.78 3.54
C GLU A 69 -6.70 1.84 2.50
N ALA A 70 -6.49 0.72 1.84
CA ALA A 70 -5.47 0.61 0.80
C ALA A 70 -5.80 1.47 -0.42
N LYS A 71 -7.07 1.81 -0.57
CA LYS A 71 -7.52 2.61 -1.71
C LYS A 71 -7.03 4.06 -1.59
N ASP A 72 -6.79 4.50 -0.37
CA ASP A 72 -6.45 5.90 -0.12
C ASP A 72 -4.94 6.12 -0.19
N ILE A 73 -4.20 5.04 -0.37
CA ILE A 73 -2.75 5.11 -0.43
C ILE A 73 -2.26 4.98 -1.86
N LEU A 74 -1.46 5.94 -2.31
CA LEU A 74 -0.84 5.87 -3.62
C LEU A 74 0.63 5.48 -3.48
N VAL A 75 0.98 4.33 -4.00
CA VAL A 75 2.31 3.78 -3.84
C VAL A 75 2.91 3.34 -5.17
N GLU A 76 4.22 3.41 -5.27
CA GLU A 76 4.93 2.86 -6.41
C GLU A 76 5.50 1.50 -6.05
N VAL A 77 5.42 0.56 -6.98
CA VAL A 77 5.88 -0.80 -6.74
C VAL A 77 7.41 -0.85 -6.74
N LEU A 78 7.98 -1.15 -5.57
CA LEU A 78 9.43 -1.22 -5.44
C LEU A 78 9.93 -2.60 -5.81
N LEU A 79 9.01 -3.52 -6.07
CA LEU A 79 9.35 -4.75 -6.71
C LEU A 79 9.53 -4.46 -8.19
N GLU A 80 10.74 -4.07 -8.54
CA GLU A 80 11.01 -3.48 -9.84
C GLU A 80 10.88 -4.49 -10.97
N HIS A 81 9.75 -4.42 -11.65
CA HIS A 81 9.53 -5.19 -12.86
C HIS A 81 9.15 -4.23 -13.99
N HIS A 82 9.82 -4.38 -15.12
CA HIS A 82 9.69 -3.43 -16.22
C HIS A 82 8.47 -3.76 -17.08
N HIS A 83 7.31 -3.84 -16.42
CA HIS A 83 6.05 -4.12 -17.09
C HIS A 83 4.93 -3.39 -16.37
N HIS A 84 4.31 -2.42 -17.04
CA HIS A 84 3.27 -1.62 -16.42
C HIS A 84 1.89 -2.24 -16.60
N HIS A 85 1.17 -2.35 -15.49
CA HIS A 85 -0.25 -2.69 -15.54
C HIS A 85 -1.06 -1.43 -15.66
N HIS A 86 -0.64 -0.43 -14.89
CA HIS A 86 -1.25 0.89 -14.91
C HIS A 86 -0.15 1.93 -14.70
N MET A 1 10.75 6.87 -14.01
CA MET A 1 9.36 7.26 -13.68
C MET A 1 9.06 7.00 -12.21
N THR A 2 8.22 7.85 -11.64
CA THR A 2 7.75 7.68 -10.28
C THR A 2 6.29 8.11 -10.19
N LYS A 3 5.40 7.16 -10.39
CA LYS A 3 3.98 7.43 -10.46
C LYS A 3 3.29 6.93 -9.19
N GLY A 4 2.01 6.64 -9.27
CA GLY A 4 1.31 6.14 -8.10
C GLY A 4 0.05 5.38 -8.44
N ILE A 5 0.11 4.08 -8.23
CA ILE A 5 -1.08 3.24 -8.36
C ILE A 5 -1.65 3.02 -6.97
N GLY A 6 -2.86 2.50 -6.89
CA GLY A 6 -3.44 2.25 -5.59
C GLY A 6 -2.84 1.01 -4.95
N LEU A 7 -2.67 1.06 -3.65
CA LEU A 7 -2.11 -0.08 -2.91
C LEU A 7 -3.02 -1.29 -3.05
N ASN A 8 -4.30 -1.04 -3.28
CA ASN A 8 -5.29 -2.10 -3.46
C ASN A 8 -5.04 -2.84 -4.77
N GLU A 9 -4.22 -2.25 -5.63
CA GLU A 9 -3.95 -2.81 -6.95
C GLU A 9 -2.65 -3.60 -6.96
N VAL A 10 -1.96 -3.61 -5.82
CA VAL A 10 -0.69 -4.31 -5.71
C VAL A 10 -0.91 -5.82 -5.56
N GLU A 11 0.12 -6.59 -5.86
CA GLU A 11 0.03 -8.04 -5.87
C GLU A 11 0.68 -8.62 -4.60
N ILE A 12 0.55 -9.91 -4.42
CA ILE A 12 1.00 -10.57 -3.19
C ILE A 12 2.53 -10.74 -3.15
N LYS A 13 3.06 -10.72 -1.93
CA LYS A 13 4.49 -10.88 -1.67
C LYS A 13 5.35 -9.91 -2.47
N SER A 14 4.78 -8.73 -2.73
CA SER A 14 5.50 -7.69 -3.43
C SER A 14 5.56 -6.44 -2.55
N LYS A 15 6.65 -5.69 -2.63
CA LYS A 15 6.78 -4.51 -1.80
C LYS A 15 6.70 -3.23 -2.62
N VAL A 16 5.99 -2.25 -2.07
CA VAL A 16 5.77 -0.97 -2.72
C VAL A 16 5.91 0.13 -1.68
N LYS A 17 6.08 1.36 -2.13
CA LYS A 17 6.29 2.47 -1.22
C LYS A 17 5.20 3.49 -1.35
N VAL A 18 4.80 4.04 -0.22
CA VAL A 18 3.75 5.04 -0.17
C VAL A 18 4.27 6.37 -0.69
N ILE A 19 4.05 6.61 -1.96
CA ILE A 19 4.47 7.84 -2.60
C ILE A 19 3.59 8.99 -2.16
N GLY A 20 2.29 8.73 -2.03
CA GLY A 20 1.38 9.76 -1.60
C GLY A 20 0.11 9.22 -0.98
N ILE A 21 -0.44 10.03 -0.12
CA ILE A 21 -1.70 9.73 0.56
C ILE A 21 -2.74 10.74 0.10
N VAL A 22 -4.02 10.42 0.22
CA VAL A 22 -5.09 11.34 -0.17
C VAL A 22 -5.65 12.06 1.07
N PRO A 23 -5.09 13.24 1.39
CA PRO A 23 -5.45 13.97 2.61
C PRO A 23 -6.93 14.35 2.65
N GLU A 24 -7.38 14.78 3.83
CA GLU A 24 -8.77 15.14 4.07
C GLU A 24 -9.69 13.91 3.97
N SER A 25 -9.09 12.73 3.93
CA SER A 25 -9.84 11.49 3.94
C SER A 25 -10.14 11.08 5.38
N LYS A 26 -11.17 10.27 5.58
CA LYS A 26 -11.48 9.76 6.90
C LYS A 26 -10.39 8.78 7.32
N VAL A 27 -10.01 7.92 6.38
CA VAL A 27 -9.01 6.90 6.64
C VAL A 27 -7.60 7.49 6.64
N ARG A 28 -7.46 8.71 6.09
CA ARG A 28 -6.19 9.42 6.09
C ARG A 28 -5.62 9.49 7.51
N ARG A 29 -6.48 9.77 8.48
CA ARG A 29 -6.06 9.83 9.88
C ARG A 29 -5.78 8.43 10.41
N LYS A 30 -6.62 7.47 10.05
CA LYS A 30 -6.46 6.08 10.47
C LYS A 30 -5.07 5.56 10.10
N ILE A 31 -4.66 5.87 8.88
CA ILE A 31 -3.39 5.41 8.34
C ILE A 31 -2.19 6.02 9.08
N MET A 32 -2.23 7.34 9.30
CA MET A 32 -1.14 8.01 10.01
C MET A 32 -1.17 7.68 11.50
N ASP A 33 -2.36 7.42 12.03
CA ASP A 33 -2.49 6.97 13.41
C ASP A 33 -1.87 5.59 13.58
N MET A 34 -1.86 4.82 12.50
CA MET A 34 -1.24 3.51 12.48
C MET A 34 0.28 3.63 12.39
N GLY A 35 0.74 4.78 11.91
CA GLY A 35 2.17 5.03 11.84
C GLY A 35 2.69 5.00 10.41
N ILE A 36 1.79 5.07 9.45
CA ILE A 36 2.17 5.06 8.05
C ILE A 36 2.27 6.48 7.51
N VAL A 37 3.39 6.78 6.87
CA VAL A 37 3.62 8.12 6.33
C VAL A 37 4.17 8.03 4.91
N ARG A 38 4.47 9.17 4.31
CA ARG A 38 5.03 9.20 2.96
C ARG A 38 6.44 8.61 2.97
N GLY A 39 6.76 7.84 1.95
CA GLY A 39 8.10 7.31 1.80
C GLY A 39 8.30 6.01 2.56
N THR A 40 7.27 5.57 3.27
CA THR A 40 7.32 4.29 3.94
C THR A 40 7.14 3.18 2.90
N GLU A 41 7.99 2.18 2.98
CA GLU A 41 7.92 1.06 2.08
C GLU A 41 7.31 -0.13 2.78
N ILE A 42 6.31 -0.71 2.14
CA ILE A 42 5.51 -1.74 2.74
C ILE A 42 5.63 -3.04 1.96
N TYR A 43 5.85 -4.13 2.67
CA TYR A 43 5.88 -5.43 2.02
C TYR A 43 4.49 -6.04 2.07
N ILE A 44 3.80 -6.02 0.93
CA ILE A 44 2.47 -6.59 0.84
C ILE A 44 2.58 -8.11 0.84
N GLU A 45 2.39 -8.72 1.99
CA GLU A 45 2.52 -10.16 2.11
C GLU A 45 1.41 -10.87 1.34
N GLY A 46 0.22 -10.30 1.39
CA GLY A 46 -0.89 -10.86 0.65
C GLY A 46 -2.20 -10.23 1.02
N LYS A 47 -3.24 -10.58 0.28
CA LYS A 47 -4.58 -10.09 0.56
C LYS A 47 -5.44 -11.23 1.09
N ALA A 48 -6.57 -10.91 1.67
CA ALA A 48 -7.53 -11.93 2.09
C ALA A 48 -8.11 -12.64 0.86
N PRO A 49 -8.75 -13.80 1.04
CA PRO A 49 -9.33 -14.58 -0.06
C PRO A 49 -10.08 -13.72 -1.08
N MET A 50 -10.96 -12.85 -0.60
CA MET A 50 -11.77 -12.02 -1.48
C MET A 50 -11.01 -10.75 -1.89
N GLY A 51 -9.88 -10.50 -1.23
CA GLY A 51 -9.07 -9.34 -1.56
C GLY A 51 -9.18 -8.24 -0.51
N ASP A 52 -9.93 -8.51 0.54
CA ASP A 52 -10.12 -7.54 1.61
C ASP A 52 -10.38 -8.26 2.93
N PRO A 53 -9.63 -7.92 4.00
CA PRO A 53 -8.63 -6.86 3.97
C PRO A 53 -7.28 -7.31 3.41
N ILE A 54 -6.25 -6.50 3.62
CA ILE A 54 -4.92 -6.80 3.11
C ILE A 54 -3.92 -6.90 4.27
N ALA A 55 -2.92 -7.76 4.12
CA ALA A 55 -1.86 -7.90 5.12
C ALA A 55 -0.60 -7.20 4.65
N LEU A 56 -0.25 -6.11 5.33
CA LEU A 56 0.90 -5.30 4.95
C LEU A 56 1.94 -5.31 6.04
N ARG A 57 3.17 -5.58 5.70
CA ARG A 57 4.23 -5.61 6.69
C ARG A 57 5.05 -4.31 6.63
N LEU A 58 4.97 -3.54 7.71
CA LEU A 58 5.71 -2.28 7.80
C LEU A 58 6.73 -2.37 8.93
N ARG A 59 7.86 -1.71 8.73
CA ARG A 59 8.94 -1.68 9.71
C ARG A 59 9.53 -3.08 9.92
N GLY A 60 8.83 -3.90 10.67
CA GLY A 60 9.26 -5.27 10.89
C GLY A 60 8.10 -6.18 11.25
N TYR A 61 6.88 -5.67 11.12
CA TYR A 61 5.68 -6.42 11.48
C TYR A 61 4.51 -6.06 10.58
N SER A 62 3.59 -7.00 10.46
CA SER A 62 2.46 -6.84 9.56
C SER A 62 1.25 -6.26 10.25
N LEU A 63 0.53 -5.44 9.50
CA LEU A 63 -0.72 -4.81 9.95
C LEU A 63 -1.81 -5.10 8.93
N SER A 64 -3.05 -5.08 9.36
CA SER A 64 -4.16 -5.36 8.48
C SER A 64 -5.08 -4.15 8.30
N LEU A 65 -5.12 -3.63 7.09
CA LEU A 65 -6.04 -2.56 6.74
C LEU A 65 -6.93 -3.00 5.59
N ARG A 66 -7.98 -2.25 5.32
CA ARG A 66 -8.96 -2.66 4.32
C ARG A 66 -8.56 -2.22 2.92
N LYS A 67 -9.22 -2.84 1.94
CA LYS A 67 -8.99 -2.53 0.53
C LYS A 67 -9.41 -1.09 0.23
N SER A 68 -10.27 -0.54 1.08
CA SER A 68 -10.70 0.84 0.96
C SER A 68 -9.54 1.80 1.26
N GLU A 69 -8.89 1.60 2.40
CA GLU A 69 -7.71 2.41 2.74
C GLU A 69 -6.62 2.23 1.69
N ALA A 70 -6.52 1.01 1.19
CA ALA A 70 -5.54 0.67 0.17
C ALA A 70 -5.80 1.42 -1.13
N LYS A 71 -7.03 1.87 -1.34
CA LYS A 71 -7.37 2.61 -2.54
C LYS A 71 -7.02 4.08 -2.39
N ASP A 72 -6.94 4.53 -1.15
CA ASP A 72 -6.61 5.91 -0.84
C ASP A 72 -5.10 6.12 -0.78
N ILE A 73 -4.36 5.01 -0.70
CA ILE A 73 -2.91 5.06 -0.69
C ILE A 73 -2.35 4.86 -2.10
N LEU A 74 -1.57 5.82 -2.56
CA LEU A 74 -0.94 5.73 -3.86
C LEU A 74 0.52 5.32 -3.71
N VAL A 75 0.84 4.14 -4.22
CA VAL A 75 2.17 3.58 -4.06
C VAL A 75 2.84 3.38 -5.40
N GLU A 76 4.16 3.24 -5.37
CA GLU A 76 4.92 2.91 -6.56
C GLU A 76 5.64 1.59 -6.35
N VAL A 77 5.76 0.81 -7.42
CA VAL A 77 6.35 -0.50 -7.37
C VAL A 77 7.87 -0.41 -7.16
N LEU A 78 8.35 -1.04 -6.09
CA LEU A 78 9.77 -0.99 -5.75
C LEU A 78 10.57 -2.05 -6.51
N LEU A 79 9.87 -2.83 -7.30
CA LEU A 79 10.49 -3.89 -8.08
C LEU A 79 11.33 -3.33 -9.22
N GLU A 80 12.00 -4.22 -9.92
CA GLU A 80 12.94 -3.82 -10.97
C GLU A 80 12.29 -3.83 -12.35
N HIS A 81 10.96 -3.87 -12.37
CA HIS A 81 10.23 -3.80 -13.63
C HIS A 81 10.25 -2.38 -14.17
N HIS A 82 11.10 -2.15 -15.17
CA HIS A 82 11.26 -0.81 -15.73
C HIS A 82 10.22 -0.58 -16.82
N HIS A 83 9.53 -1.64 -17.20
CA HIS A 83 8.42 -1.53 -18.14
C HIS A 83 7.16 -1.16 -17.36
N HIS A 84 7.12 0.08 -16.87
CA HIS A 84 6.04 0.52 -16.01
C HIS A 84 4.87 1.01 -16.84
N HIS A 85 4.26 0.08 -17.57
CA HIS A 85 3.12 0.36 -18.45
C HIS A 85 3.55 1.17 -19.67
N HIS A 86 3.77 2.46 -19.48
CA HIS A 86 4.11 3.36 -20.57
C HIS A 86 4.48 4.74 -20.00
N MET A 1 8.47 10.37 -13.86
CA MET A 1 7.75 10.87 -12.66
C MET A 1 6.38 10.23 -12.56
N THR A 2 6.23 9.32 -11.61
CA THR A 2 4.96 8.66 -11.40
C THR A 2 4.33 9.09 -10.09
N LYS A 3 3.04 9.40 -10.13
CA LYS A 3 2.30 9.73 -8.93
C LYS A 3 1.91 8.45 -8.19
N GLY A 4 2.28 7.33 -8.79
CA GLY A 4 2.02 6.03 -8.20
C GLY A 4 0.61 5.54 -8.47
N ILE A 5 0.31 4.37 -7.96
CA ILE A 5 -1.00 3.77 -8.08
C ILE A 5 -1.55 3.47 -6.69
N GLY A 6 -2.74 2.95 -6.60
CA GLY A 6 -3.29 2.62 -5.30
C GLY A 6 -2.70 1.35 -4.74
N LEU A 7 -2.66 1.25 -3.42
CA LEU A 7 -2.15 0.05 -2.74
C LEU A 7 -3.00 -1.15 -3.15
N ASN A 8 -4.28 -0.89 -3.37
CA ASN A 8 -5.23 -1.93 -3.77
C ASN A 8 -4.95 -2.42 -5.18
N GLU A 9 -4.16 -1.65 -5.94
CA GLU A 9 -3.88 -1.98 -7.32
C GLU A 9 -2.60 -2.82 -7.43
N VAL A 10 -1.96 -3.02 -6.29
CA VAL A 10 -0.76 -3.85 -6.22
C VAL A 10 -1.17 -5.28 -5.91
N GLU A 11 -0.32 -6.23 -6.23
CA GLU A 11 -0.64 -7.63 -6.02
C GLU A 11 0.16 -8.21 -4.86
N ILE A 12 -0.11 -9.45 -4.51
CA ILE A 12 0.52 -10.10 -3.36
C ILE A 12 2.01 -10.34 -3.61
N LYS A 13 2.77 -10.40 -2.51
CA LYS A 13 4.19 -10.68 -2.53
C LYS A 13 4.94 -9.62 -3.33
N SER A 14 4.53 -8.37 -3.14
CA SER A 14 5.16 -7.25 -3.80
C SER A 14 5.52 -6.20 -2.75
N LYS A 15 6.58 -5.44 -2.99
CA LYS A 15 6.98 -4.37 -2.10
C LYS A 15 6.86 -3.04 -2.80
N VAL A 16 6.23 -2.08 -2.12
CA VAL A 16 5.99 -0.77 -2.69
C VAL A 16 6.37 0.33 -1.71
N LYS A 17 6.53 1.53 -2.24
CA LYS A 17 6.81 2.69 -1.45
C LYS A 17 5.63 3.63 -1.48
N VAL A 18 5.31 4.19 -0.34
CA VAL A 18 4.18 5.09 -0.22
C VAL A 18 4.54 6.45 -0.82
N ILE A 19 4.17 6.65 -2.07
CA ILE A 19 4.35 7.92 -2.73
C ILE A 19 3.59 9.01 -2.01
N GLY A 20 2.38 8.68 -1.56
CA GLY A 20 1.61 9.61 -0.78
C GLY A 20 0.29 9.03 -0.35
N ILE A 21 -0.37 9.74 0.55
CA ILE A 21 -1.68 9.36 1.03
C ILE A 21 -2.70 10.30 0.41
N VAL A 22 -3.96 9.88 0.38
CA VAL A 22 -5.03 10.66 -0.24
C VAL A 22 -5.81 11.43 0.82
N PRO A 23 -5.40 12.70 1.09
CA PRO A 23 -5.97 13.53 2.16
C PRO A 23 -7.46 13.79 1.97
N GLU A 24 -8.05 14.51 2.92
CA GLU A 24 -9.50 14.75 2.98
C GLU A 24 -10.28 13.45 3.26
N SER A 25 -9.77 12.33 2.78
CA SER A 25 -10.37 11.04 3.04
C SER A 25 -10.35 10.72 4.54
N LYS A 26 -11.29 9.90 4.97
CA LYS A 26 -11.47 9.59 6.38
C LYS A 26 -10.34 8.70 6.88
N VAL A 27 -10.06 7.62 6.14
CA VAL A 27 -9.10 6.62 6.59
C VAL A 27 -7.67 7.17 6.47
N ARG A 28 -7.53 8.25 5.71
CA ARG A 28 -6.24 8.91 5.52
C ARG A 28 -5.60 9.25 6.87
N ARG A 29 -6.39 9.81 7.77
CA ARG A 29 -5.89 10.17 9.09
C ARG A 29 -5.65 8.91 9.93
N LYS A 30 -6.50 7.91 9.69
CA LYS A 30 -6.41 6.63 10.40
C LYS A 30 -5.10 5.92 10.07
N ILE A 31 -4.71 5.98 8.80
CA ILE A 31 -3.46 5.38 8.34
C ILE A 31 -2.26 6.09 8.96
N MET A 32 -2.38 7.41 9.14
CA MET A 32 -1.32 8.19 9.79
C MET A 32 -1.19 7.82 11.26
N ASP A 33 -2.33 7.47 11.86
CA ASP A 33 -2.35 6.98 13.24
C ASP A 33 -1.57 5.67 13.35
N MET A 34 -1.59 4.88 12.29
CA MET A 34 -0.90 3.60 12.25
C MET A 34 0.60 3.78 12.08
N GLY A 35 0.99 4.91 11.50
CA GLY A 35 2.41 5.21 11.36
C GLY A 35 2.89 5.12 9.92
N ILE A 36 2.06 5.54 8.99
CA ILE A 36 2.44 5.59 7.58
C ILE A 36 2.28 7.01 7.06
N VAL A 37 3.27 7.48 6.30
CA VAL A 37 3.26 8.87 5.83
C VAL A 37 3.65 8.97 4.34
N ARG A 38 4.94 9.01 4.07
CA ARG A 38 5.44 9.12 2.71
C ARG A 38 6.85 8.57 2.64
N GLY A 39 7.16 7.86 1.56
CA GLY A 39 8.46 7.23 1.41
C GLY A 39 8.56 5.97 2.24
N THR A 40 7.47 5.68 2.95
CA THR A 40 7.40 4.48 3.76
C THR A 40 7.28 3.25 2.85
N GLU A 41 7.91 2.16 3.23
CA GLU A 41 7.90 0.97 2.40
C GLU A 41 6.96 -0.10 2.95
N ILE A 42 6.13 -0.62 2.07
CA ILE A 42 5.13 -1.61 2.44
C ILE A 42 5.33 -2.91 1.67
N TYR A 43 5.38 -4.02 2.40
CA TYR A 43 5.40 -5.34 1.78
C TYR A 43 4.00 -5.95 1.86
N ILE A 44 3.42 -6.26 0.72
CA ILE A 44 2.12 -6.90 0.69
C ILE A 44 2.31 -8.41 0.82
N GLU A 45 2.08 -8.92 2.02
CA GLU A 45 2.26 -10.34 2.29
C GLU A 45 1.21 -11.15 1.55
N GLY A 46 -0.05 -10.79 1.74
CA GLY A 46 -1.13 -11.50 1.10
C GLY A 46 -2.45 -10.80 1.30
N LYS A 47 -3.50 -11.40 0.79
CA LYS A 47 -4.84 -10.86 0.92
C LYS A 47 -5.79 -11.95 1.37
N ALA A 48 -6.85 -11.57 2.06
CA ALA A 48 -7.87 -12.53 2.46
C ALA A 48 -8.53 -13.12 1.22
N PRO A 49 -9.13 -14.32 1.33
CA PRO A 49 -9.77 -14.99 0.19
C PRO A 49 -10.76 -14.08 -0.56
N MET A 50 -11.36 -13.14 0.15
CA MET A 50 -12.35 -12.23 -0.45
C MET A 50 -11.69 -10.97 -0.98
N GLY A 51 -10.38 -10.87 -0.86
CA GLY A 51 -9.68 -9.68 -1.31
C GLY A 51 -9.63 -8.61 -0.24
N ASP A 52 -10.38 -8.83 0.83
CA ASP A 52 -10.46 -7.88 1.93
C ASP A 52 -10.57 -8.63 3.25
N PRO A 53 -9.76 -8.29 4.24
CA PRO A 53 -8.76 -7.21 4.15
C PRO A 53 -7.45 -7.68 3.51
N ILE A 54 -6.44 -6.82 3.59
CA ILE A 54 -5.14 -7.10 3.00
C ILE A 54 -4.06 -7.12 4.09
N ALA A 55 -3.08 -8.01 3.95
CA ALA A 55 -2.00 -8.13 4.92
C ALA A 55 -0.75 -7.42 4.41
N LEU A 56 -0.40 -6.33 5.09
CA LEU A 56 0.78 -5.55 4.75
C LEU A 56 1.86 -5.83 5.79
N ARG A 57 3.06 -5.32 5.55
CA ARG A 57 4.14 -5.46 6.51
C ARG A 57 5.10 -4.28 6.38
N LEU A 58 5.38 -3.63 7.49
CA LEU A 58 6.21 -2.43 7.49
C LEU A 58 7.28 -2.54 8.55
N ARG A 59 8.47 -2.13 8.17
CA ARG A 59 9.65 -2.13 9.07
C ARG A 59 10.00 -3.55 9.53
N GLY A 60 9.28 -4.03 10.53
CA GLY A 60 9.50 -5.37 11.03
C GLY A 60 8.21 -6.00 11.53
N TYR A 61 7.08 -5.39 11.18
CA TYR A 61 5.79 -5.87 11.64
C TYR A 61 4.74 -5.79 10.56
N SER A 62 3.85 -6.76 10.60
CA SER A 62 2.72 -6.82 9.69
C SER A 62 1.66 -5.79 10.09
N LEU A 63 0.86 -5.39 9.12
CA LEU A 63 -0.20 -4.42 9.32
C LEU A 63 -1.43 -4.86 8.53
N SER A 64 -2.61 -4.70 9.12
CA SER A 64 -3.84 -5.10 8.45
C SER A 64 -4.75 -3.91 8.24
N LEU A 65 -5.23 -3.75 7.02
CA LEU A 65 -6.17 -2.70 6.67
C LEU A 65 -7.16 -3.19 5.63
N ARG A 66 -8.25 -2.45 5.46
CA ARG A 66 -9.32 -2.85 4.55
C ARG A 66 -9.01 -2.43 3.12
N LYS A 67 -9.66 -3.12 2.18
CA LYS A 67 -9.51 -2.87 0.76
C LYS A 67 -9.79 -1.41 0.42
N SER A 68 -10.80 -0.83 1.06
CA SER A 68 -11.19 0.55 0.82
C SER A 68 -10.08 1.52 1.25
N GLU A 69 -9.38 1.17 2.31
CA GLU A 69 -8.31 2.00 2.84
C GLU A 69 -7.09 1.92 1.94
N ALA A 70 -6.91 0.74 1.34
CA ALA A 70 -5.86 0.53 0.35
C ALA A 70 -6.07 1.41 -0.88
N LYS A 71 -7.31 1.86 -1.08
CA LYS A 71 -7.63 2.75 -2.18
C LYS A 71 -7.12 4.16 -1.90
N ASP A 72 -7.13 4.55 -0.63
CA ASP A 72 -6.70 5.89 -0.23
C ASP A 72 -5.19 5.97 -0.03
N ILE A 73 -4.48 4.96 -0.52
CA ILE A 73 -3.02 4.93 -0.42
C ILE A 73 -2.41 4.90 -1.82
N LEU A 74 -1.54 5.85 -2.10
CA LEU A 74 -0.84 5.90 -3.39
C LEU A 74 0.60 5.41 -3.22
N VAL A 75 0.95 4.36 -3.94
CA VAL A 75 2.26 3.76 -3.82
C VAL A 75 2.89 3.47 -5.18
N GLU A 76 4.21 3.37 -5.19
CA GLU A 76 4.94 2.96 -6.38
C GLU A 76 5.67 1.66 -6.08
N VAL A 77 5.74 0.79 -7.08
CA VAL A 77 6.33 -0.53 -6.90
C VAL A 77 7.84 -0.42 -6.76
N LEU A 78 8.37 -0.99 -5.68
CA LEU A 78 9.81 -0.96 -5.41
C LEU A 78 10.52 -2.04 -6.18
N LEU A 79 9.76 -2.94 -6.78
CA LEU A 79 10.30 -3.97 -7.63
C LEU A 79 10.76 -3.35 -8.93
N GLU A 80 11.81 -3.91 -9.51
CA GLU A 80 12.40 -3.36 -10.73
C GLU A 80 11.70 -3.92 -11.96
N HIS A 81 10.68 -4.71 -11.73
CA HIS A 81 9.93 -5.36 -12.81
C HIS A 81 8.77 -4.47 -13.24
N HIS A 82 9.06 -3.51 -14.10
CA HIS A 82 8.03 -2.60 -14.60
C HIS A 82 7.29 -3.24 -15.77
N HIS A 83 6.20 -3.93 -15.46
CA HIS A 83 5.43 -4.62 -16.48
C HIS A 83 4.39 -3.69 -17.09
N HIS A 84 4.67 -3.22 -18.30
CA HIS A 84 3.74 -2.35 -19.01
C HIS A 84 2.74 -3.19 -19.78
N HIS A 85 1.47 -2.84 -19.65
CA HIS A 85 0.35 -3.61 -20.21
C HIS A 85 0.19 -4.93 -19.46
N HIS A 86 1.07 -5.87 -19.76
CA HIS A 86 1.02 -7.21 -19.21
C HIS A 86 2.13 -8.05 -19.82
N MET A 1 7.84 7.97 -8.74
CA MET A 1 6.57 8.74 -8.70
C MET A 1 5.94 8.78 -10.10
N THR A 2 5.96 7.65 -10.78
CA THR A 2 5.44 7.57 -12.14
C THR A 2 4.22 6.67 -12.20
N LYS A 3 3.06 7.27 -12.50
CA LYS A 3 1.81 6.52 -12.62
C LYS A 3 1.45 5.83 -11.31
N GLY A 4 1.62 6.56 -10.21
CA GLY A 4 1.33 6.03 -8.89
C GLY A 4 -0.06 5.42 -8.80
N ILE A 5 -0.12 4.19 -8.31
CA ILE A 5 -1.38 3.48 -8.20
C ILE A 5 -1.76 3.32 -6.74
N GLY A 6 -2.96 2.85 -6.50
CA GLY A 6 -3.39 2.60 -5.15
C GLY A 6 -2.79 1.34 -4.61
N LEU A 7 -2.64 1.28 -3.30
CA LEU A 7 -2.10 0.11 -2.62
C LEU A 7 -2.97 -1.12 -2.91
N ASN A 8 -4.25 -0.89 -3.17
CA ASN A 8 -5.19 -1.96 -3.49
C ASN A 8 -4.99 -2.47 -4.92
N GLU A 9 -4.09 -1.83 -5.67
CA GLU A 9 -3.86 -2.21 -7.05
C GLU A 9 -2.57 -3.02 -7.19
N VAL A 10 -1.98 -3.36 -6.05
CA VAL A 10 -0.75 -4.11 -6.03
C VAL A 10 -1.05 -5.60 -5.82
N GLU A 11 -0.13 -6.46 -6.22
CA GLU A 11 -0.31 -7.89 -6.09
C GLU A 11 0.44 -8.41 -4.86
N ILE A 12 0.11 -9.62 -4.44
CA ILE A 12 0.73 -10.22 -3.26
C ILE A 12 2.19 -10.55 -3.52
N LYS A 13 2.99 -10.51 -2.46
CA LYS A 13 4.42 -10.75 -2.53
C LYS A 13 5.09 -9.72 -3.43
N SER A 14 4.81 -8.45 -3.15
CA SER A 14 5.39 -7.35 -3.87
C SER A 14 5.90 -6.30 -2.90
N LYS A 15 6.89 -5.54 -3.31
CA LYS A 15 7.47 -4.51 -2.46
C LYS A 15 7.18 -3.14 -3.07
N VAL A 16 6.46 -2.32 -2.32
CA VAL A 16 6.08 -0.98 -2.78
C VAL A 16 6.39 0.07 -1.72
N LYS A 17 6.10 1.32 -2.03
CA LYS A 17 6.36 2.40 -1.10
C LYS A 17 5.27 3.44 -1.15
N VAL A 18 4.96 4.01 0.01
CA VAL A 18 3.92 5.02 0.11
C VAL A 18 4.41 6.37 -0.41
N ILE A 19 4.11 6.65 -1.67
CA ILE A 19 4.41 7.95 -2.26
C ILE A 19 3.73 9.06 -1.46
N GLY A 20 2.44 8.86 -1.19
CA GLY A 20 1.70 9.80 -0.39
C GLY A 20 0.24 9.43 -0.30
N ILE A 21 -0.36 9.80 0.82
CA ILE A 21 -1.77 9.59 1.06
C ILE A 21 -2.56 10.74 0.44
N VAL A 22 -3.86 10.52 0.21
CA VAL A 22 -4.72 11.51 -0.42
C VAL A 22 -5.53 12.25 0.63
N PRO A 23 -5.02 13.41 1.10
CA PRO A 23 -5.60 14.17 2.22
C PRO A 23 -7.11 14.41 2.11
N GLU A 24 -7.70 14.80 3.24
CA GLU A 24 -9.15 14.99 3.39
C GLU A 24 -9.94 13.69 3.29
N SER A 25 -9.30 12.62 2.85
CA SER A 25 -9.95 11.32 2.76
C SER A 25 -10.36 10.83 4.14
N LYS A 26 -11.36 9.97 4.19
CA LYS A 26 -11.94 9.52 5.45
C LYS A 26 -10.99 8.62 6.23
N VAL A 27 -9.99 8.08 5.55
CA VAL A 27 -9.01 7.22 6.20
C VAL A 27 -7.63 7.89 6.26
N ARG A 28 -7.56 9.15 5.85
CA ARG A 28 -6.29 9.87 5.77
C ARG A 28 -5.62 9.90 7.15
N ARG A 29 -6.33 10.45 8.12
CA ARG A 29 -5.79 10.58 9.47
C ARG A 29 -5.72 9.21 10.14
N LYS A 30 -6.71 8.38 9.83
CA LYS A 30 -6.82 7.05 10.40
C LYS A 30 -5.59 6.20 10.08
N ILE A 31 -5.15 6.23 8.83
CA ILE A 31 -3.97 5.49 8.40
C ILE A 31 -2.70 6.04 9.04
N MET A 32 -2.60 7.36 9.10
CA MET A 32 -1.43 8.01 9.68
C MET A 32 -1.37 7.75 11.19
N ASP A 33 -2.52 7.73 11.82
CA ASP A 33 -2.62 7.46 13.25
C ASP A 33 -2.27 6.00 13.54
N MET A 34 -2.55 5.14 12.57
CA MET A 34 -2.29 3.71 12.69
C MET A 34 -0.79 3.45 12.84
N GLY A 35 0.01 4.26 12.19
CA GLY A 35 1.45 4.11 12.31
C GLY A 35 2.17 4.01 10.97
N ILE A 36 1.51 4.46 9.92
CA ILE A 36 2.12 4.46 8.59
C ILE A 36 2.51 5.89 8.21
N VAL A 37 3.71 6.05 7.67
CA VAL A 37 4.24 7.36 7.34
C VAL A 37 4.59 7.44 5.85
N ARG A 38 5.01 8.60 5.42
CA ARG A 38 5.35 8.82 4.01
C ARG A 38 6.73 8.24 3.71
N GLY A 39 6.80 7.43 2.67
CA GLY A 39 8.05 6.81 2.28
C GLY A 39 8.26 5.47 2.92
N THR A 40 7.25 4.99 3.64
CA THR A 40 7.30 3.66 4.21
C THR A 40 7.25 2.62 3.10
N GLU A 41 8.05 1.60 3.23
CA GLU A 41 8.10 0.54 2.25
C GLU A 41 7.22 -0.60 2.71
N ILE A 42 6.30 -0.99 1.85
CA ILE A 42 5.31 -1.96 2.18
C ILE A 42 5.60 -3.30 1.48
N TYR A 43 5.76 -4.33 2.28
CA TYR A 43 5.90 -5.67 1.77
C TYR A 43 4.54 -6.34 1.76
N ILE A 44 3.96 -6.50 0.58
CA ILE A 44 2.66 -7.12 0.44
C ILE A 44 2.79 -8.61 0.76
N GLU A 45 2.35 -9.02 1.93
CA GLU A 45 2.46 -10.41 2.32
C GLU A 45 1.40 -11.25 1.62
N GLY A 46 0.14 -10.94 1.87
CA GLY A 46 -0.93 -11.68 1.24
C GLY A 46 -2.28 -11.07 1.49
N LYS A 47 -3.23 -11.39 0.64
CA LYS A 47 -4.60 -10.92 0.81
C LYS A 47 -5.43 -12.00 1.48
N ALA A 48 -6.46 -11.61 2.21
CA ALA A 48 -7.36 -12.57 2.83
C ALA A 48 -8.01 -13.45 1.76
N PRO A 49 -8.47 -14.66 2.13
CA PRO A 49 -9.07 -15.61 1.18
C PRO A 49 -10.14 -14.99 0.28
N MET A 50 -10.85 -14.00 0.80
CA MET A 50 -11.93 -13.37 0.04
C MET A 50 -11.40 -12.19 -0.79
N GLY A 51 -10.17 -11.78 -0.51
CA GLY A 51 -9.58 -10.66 -1.23
C GLY A 51 -9.42 -9.43 -0.36
N ASP A 52 -10.10 -9.45 0.78
CA ASP A 52 -10.07 -8.34 1.73
C ASP A 52 -10.24 -8.87 3.14
N PRO A 53 -9.50 -8.35 4.14
CA PRO A 53 -8.50 -7.29 3.94
C PRO A 53 -7.16 -7.83 3.44
N ILE A 54 -6.12 -7.01 3.53
CA ILE A 54 -4.80 -7.39 3.06
C ILE A 54 -3.77 -7.27 4.19
N ALA A 55 -2.92 -8.28 4.32
CA ALA A 55 -1.86 -8.26 5.32
C ALA A 55 -0.59 -7.67 4.73
N LEU A 56 -0.13 -6.57 5.31
CA LEU A 56 1.03 -5.86 4.79
C LEU A 56 2.11 -5.78 5.85
N ARG A 57 3.35 -6.01 5.46
CA ARG A 57 4.48 -5.86 6.37
C ARG A 57 5.17 -4.53 6.07
N LEU A 58 5.03 -3.58 6.97
CA LEU A 58 5.56 -2.25 6.75
C LEU A 58 6.06 -1.65 8.05
N ARG A 59 7.04 -0.74 7.94
CA ARG A 59 7.59 0.01 9.06
C ARG A 59 8.45 -0.88 9.97
N GLY A 60 7.96 -2.07 10.28
CA GLY A 60 8.69 -2.99 11.12
C GLY A 60 7.96 -4.29 11.32
N TYR A 61 6.64 -4.28 11.13
CA TYR A 61 5.83 -5.45 11.33
C TYR A 61 4.69 -5.52 10.33
N SER A 62 3.98 -6.63 10.35
CA SER A 62 2.81 -6.82 9.51
C SER A 62 1.56 -6.24 10.19
N LEU A 63 0.71 -5.62 9.40
CA LEU A 63 -0.52 -5.03 9.91
C LEU A 63 -1.63 -5.21 8.88
N SER A 64 -2.88 -5.22 9.33
CA SER A 64 -4.01 -5.45 8.46
C SER A 64 -4.58 -4.14 7.91
N LEU A 65 -4.59 -4.01 6.60
CA LEU A 65 -5.21 -2.85 5.95
C LEU A 65 -6.36 -3.31 5.06
N ARG A 66 -7.43 -2.53 5.04
CA ARG A 66 -8.61 -2.88 4.26
C ARG A 66 -8.52 -2.34 2.84
N LYS A 67 -9.34 -2.91 1.97
CA LYS A 67 -9.42 -2.45 0.58
C LYS A 67 -9.74 -0.96 0.51
N SER A 68 -10.52 -0.48 1.48
CA SER A 68 -10.86 0.93 1.56
C SER A 68 -9.61 1.80 1.70
N GLU A 69 -8.80 1.52 2.71
CA GLU A 69 -7.60 2.30 2.98
C GLU A 69 -6.59 2.13 1.84
N ALA A 70 -6.53 0.93 1.31
CA ALA A 70 -5.59 0.61 0.24
C ALA A 70 -5.88 1.40 -1.03
N LYS A 71 -7.09 1.87 -1.17
CA LYS A 71 -7.47 2.66 -2.35
C LYS A 71 -7.06 4.13 -2.17
N ASP A 72 -7.09 4.60 -0.93
CA ASP A 72 -6.79 6.00 -0.61
C ASP A 72 -5.29 6.24 -0.47
N ILE A 73 -4.51 5.18 -0.59
CA ILE A 73 -3.06 5.30 -0.53
C ILE A 73 -2.45 5.12 -1.91
N LEU A 74 -1.69 6.13 -2.36
CA LEU A 74 -0.99 6.06 -3.62
C LEU A 74 0.45 5.59 -3.40
N VAL A 75 0.81 4.49 -4.05
CA VAL A 75 2.12 3.88 -3.88
C VAL A 75 2.78 3.62 -5.22
N GLU A 76 4.06 3.32 -5.18
CA GLU A 76 4.81 2.92 -6.37
C GLU A 76 5.54 1.62 -6.10
N VAL A 77 5.66 0.79 -7.11
CA VAL A 77 6.32 -0.51 -6.97
C VAL A 77 7.84 -0.34 -6.91
N LEU A 78 8.45 -0.94 -5.90
CA LEU A 78 9.90 -0.88 -5.74
C LEU A 78 10.54 -2.11 -6.33
N LEU A 79 9.70 -3.10 -6.59
CA LEU A 79 10.11 -4.32 -7.25
C LEU A 79 10.68 -3.97 -8.62
N GLU A 80 12.01 -4.03 -8.71
CA GLU A 80 12.75 -3.58 -9.88
C GLU A 80 12.64 -2.07 -10.03
N HIS A 81 13.72 -1.37 -9.70
CA HIS A 81 13.74 0.09 -9.69
C HIS A 81 13.73 0.65 -11.12
N HIS A 82 13.88 -0.22 -12.11
CA HIS A 82 13.87 0.21 -13.50
C HIS A 82 12.44 0.48 -13.96
N HIS A 83 12.05 1.75 -13.99
CA HIS A 83 10.72 2.14 -14.42
C HIS A 83 10.79 3.33 -15.37
N HIS A 84 9.86 3.42 -16.29
CA HIS A 84 9.90 4.44 -17.33
C HIS A 84 8.84 5.51 -17.06
N HIS A 85 9.25 6.77 -17.09
CA HIS A 85 8.34 7.88 -16.78
C HIS A 85 7.63 8.38 -18.03
N HIS A 86 7.16 7.46 -18.85
CA HIS A 86 6.38 7.79 -20.03
C HIS A 86 5.65 6.54 -20.52
N MET A 1 6.61 9.77 -11.28
CA MET A 1 7.24 9.54 -12.61
C MET A 1 6.88 8.15 -13.14
N THR A 2 6.19 7.36 -12.34
CA THR A 2 5.81 6.01 -12.76
C THR A 2 4.29 5.85 -12.75
N LYS A 3 3.60 6.97 -12.59
CA LYS A 3 2.14 6.97 -12.45
C LYS A 3 1.75 6.24 -11.17
N GLY A 4 1.67 6.99 -10.08
CA GLY A 4 1.35 6.40 -8.78
C GLY A 4 -0.03 5.78 -8.75
N ILE A 5 -0.08 4.51 -8.41
CA ILE A 5 -1.34 3.79 -8.31
C ILE A 5 -1.67 3.54 -6.85
N GLY A 6 -2.85 3.00 -6.60
CA GLY A 6 -3.22 2.70 -5.24
C GLY A 6 -2.65 1.38 -4.78
N LEU A 7 -2.52 1.22 -3.47
CA LEU A 7 -2.02 -0.01 -2.89
C LEU A 7 -2.94 -1.19 -3.22
N ASN A 8 -4.20 -0.87 -3.45
CA ASN A 8 -5.21 -1.88 -3.81
C ASN A 8 -5.00 -2.37 -5.23
N GLU A 9 -4.14 -1.70 -5.99
CA GLU A 9 -3.88 -2.07 -7.37
C GLU A 9 -2.61 -2.91 -7.48
N VAL A 10 -1.98 -3.17 -6.35
CA VAL A 10 -0.77 -3.98 -6.30
C VAL A 10 -1.11 -5.37 -5.79
N GLU A 11 -0.27 -6.35 -6.10
CA GLU A 11 -0.56 -7.73 -5.73
C GLU A 11 0.32 -8.19 -4.56
N ILE A 12 0.00 -9.35 -4.03
CA ILE A 12 0.60 -9.86 -2.80
C ILE A 12 2.10 -10.12 -2.92
N LYS A 13 2.78 -10.12 -1.77
CA LYS A 13 4.19 -10.47 -1.68
C LYS A 13 5.06 -9.52 -2.49
N SER A 14 4.63 -8.27 -2.58
CA SER A 14 5.39 -7.24 -3.28
C SER A 14 5.65 -6.07 -2.34
N LYS A 15 6.74 -5.34 -2.56
CA LYS A 15 7.04 -4.17 -1.76
C LYS A 15 6.73 -2.91 -2.55
N VAL A 16 5.98 -2.00 -1.94
CA VAL A 16 5.65 -0.74 -2.55
C VAL A 16 6.20 0.42 -1.73
N LYS A 17 6.20 1.59 -2.33
CA LYS A 17 6.71 2.79 -1.69
C LYS A 17 5.65 3.86 -1.67
N VAL A 18 5.52 4.50 -0.53
CA VAL A 18 4.49 5.50 -0.33
C VAL A 18 4.88 6.82 -0.97
N ILE A 19 4.41 7.04 -2.19
CA ILE A 19 4.62 8.30 -2.89
C ILE A 19 3.88 9.40 -2.15
N GLY A 20 2.62 9.15 -1.86
CA GLY A 20 1.80 10.14 -1.19
C GLY A 20 0.46 9.60 -0.75
N ILE A 21 -0.28 10.44 -0.06
CA ILE A 21 -1.60 10.11 0.45
C ILE A 21 -2.62 11.06 -0.16
N VAL A 22 -3.89 10.69 -0.15
CA VAL A 22 -4.94 11.55 -0.66
C VAL A 22 -5.66 12.24 0.50
N PRO A 23 -5.15 13.43 0.89
CA PRO A 23 -5.57 14.13 2.11
C PRO A 23 -7.07 14.40 2.18
N GLU A 24 -7.53 14.70 3.38
CA GLU A 24 -8.94 14.97 3.67
C GLU A 24 -9.79 13.72 3.47
N SER A 25 -9.15 12.57 3.42
CA SER A 25 -9.83 11.29 3.41
C SER A 25 -10.04 10.83 4.84
N LYS A 26 -11.09 10.04 5.07
CA LYS A 26 -11.35 9.52 6.40
C LYS A 26 -10.39 8.38 6.72
N VAL A 27 -10.10 7.55 5.71
CA VAL A 27 -9.15 6.46 5.87
C VAL A 27 -7.74 7.00 6.09
N ARG A 28 -7.52 8.25 5.71
CA ARG A 28 -6.25 8.94 5.91
C ARG A 28 -5.89 8.97 7.40
N ARG A 29 -6.91 9.03 8.24
CA ARG A 29 -6.73 8.98 9.69
C ARG A 29 -6.16 7.62 10.08
N LYS A 30 -6.79 6.57 9.54
CA LYS A 30 -6.36 5.20 9.79
C LYS A 30 -4.93 4.98 9.32
N ILE A 31 -4.67 5.38 8.07
CA ILE A 31 -3.37 5.23 7.45
C ILE A 31 -2.24 5.82 8.31
N MET A 32 -2.40 7.08 8.70
CA MET A 32 -1.38 7.77 9.48
C MET A 32 -1.28 7.22 10.89
N ASP A 33 -2.41 6.79 11.44
CA ASP A 33 -2.43 6.20 12.77
C ASP A 33 -1.80 4.82 12.76
N MET A 34 -1.77 4.21 11.58
CA MET A 34 -1.19 2.90 11.39
C MET A 34 0.34 2.99 11.34
N GLY A 35 0.83 4.18 10.99
CA GLY A 35 2.26 4.39 10.93
C GLY A 35 2.75 4.68 9.53
N ILE A 36 1.83 4.81 8.59
CA ILE A 36 2.18 5.11 7.21
C ILE A 36 2.13 6.60 6.97
N VAL A 37 3.20 7.15 6.41
CA VAL A 37 3.27 8.59 6.21
C VAL A 37 3.74 8.97 4.80
N ARG A 38 5.01 8.80 4.52
CA ARG A 38 5.60 9.24 3.26
C ARG A 38 6.96 8.60 3.08
N GLY A 39 7.17 7.98 1.92
CA GLY A 39 8.43 7.33 1.64
C GLY A 39 8.56 6.03 2.39
N THR A 40 7.50 5.64 3.08
CA THR A 40 7.50 4.42 3.85
C THR A 40 7.42 3.22 2.92
N GLU A 41 8.08 2.12 3.28
CA GLU A 41 8.02 0.90 2.50
C GLU A 41 6.94 -0.02 3.04
N ILE A 42 6.09 -0.48 2.15
CA ILE A 42 5.01 -1.36 2.51
C ILE A 42 5.14 -2.69 1.77
N TYR A 43 5.34 -3.76 2.52
CA TYR A 43 5.43 -5.07 1.90
C TYR A 43 4.10 -5.79 2.08
N ILE A 44 3.46 -6.14 0.98
CA ILE A 44 2.17 -6.81 1.03
C ILE A 44 2.37 -8.29 1.38
N GLU A 45 1.69 -8.73 2.43
CA GLU A 45 1.79 -10.11 2.86
C GLU A 45 0.80 -10.98 2.09
N GLY A 46 -0.48 -10.65 2.20
CA GLY A 46 -1.51 -11.41 1.53
C GLY A 46 -2.84 -10.71 1.56
N LYS A 47 -3.81 -11.25 0.83
CA LYS A 47 -5.13 -10.68 0.78
C LYS A 47 -6.16 -11.73 1.19
N ALA A 48 -7.21 -11.28 1.87
CA ALA A 48 -8.31 -12.16 2.23
C ALA A 48 -9.09 -12.57 0.99
N PRO A 49 -9.92 -13.63 1.06
CA PRO A 49 -10.69 -14.13 -0.09
C PRO A 49 -11.49 -13.04 -0.81
N MET A 50 -12.05 -12.10 -0.05
CA MET A 50 -12.83 -11.01 -0.64
C MET A 50 -11.92 -9.85 -1.05
N GLY A 51 -10.66 -9.91 -0.62
CA GLY A 51 -9.73 -8.83 -0.86
C GLY A 51 -9.71 -7.84 0.28
N ASP A 52 -10.56 -8.09 1.27
CA ASP A 52 -10.63 -7.28 2.47
C ASP A 52 -10.87 -8.19 3.67
N PRO A 53 -10.10 -8.02 4.75
CA PRO A 53 -9.03 -7.01 4.82
C PRO A 53 -7.76 -7.48 4.13
N ILE A 54 -6.74 -6.63 4.15
CA ILE A 54 -5.47 -6.95 3.52
C ILE A 54 -4.38 -7.08 4.59
N ALA A 55 -3.44 -7.98 4.37
CA ALA A 55 -2.33 -8.18 5.28
C ALA A 55 -1.09 -7.49 4.75
N LEU A 56 -0.56 -6.54 5.49
CA LEU A 56 0.60 -5.78 5.09
C LEU A 56 1.74 -6.01 6.08
N ARG A 57 2.93 -5.59 5.72
CA ARG A 57 4.03 -5.51 6.64
C ARG A 57 4.59 -4.09 6.59
N LEU A 58 4.28 -3.32 7.63
CA LEU A 58 4.57 -1.90 7.63
C LEU A 58 5.45 -1.56 8.82
N ARG A 59 6.33 -0.58 8.61
CA ARG A 59 7.27 -0.10 9.63
C ARG A 59 8.34 -1.17 9.89
N GLY A 60 7.93 -2.27 10.50
CA GLY A 60 8.84 -3.36 10.76
C GLY A 60 8.13 -4.66 11.07
N TYR A 61 6.81 -4.64 11.03
CA TYR A 61 6.01 -5.81 11.36
C TYR A 61 4.72 -5.83 10.55
N SER A 62 4.06 -6.96 10.55
CA SER A 62 2.83 -7.13 9.79
C SER A 62 1.66 -6.44 10.48
N LEU A 63 0.77 -5.91 9.66
CA LEU A 63 -0.43 -5.23 10.12
C LEU A 63 -1.54 -5.49 9.11
N SER A 64 -2.79 -5.37 9.54
CA SER A 64 -3.90 -5.59 8.62
C SER A 64 -4.76 -4.34 8.51
N LEU A 65 -4.95 -3.90 7.29
CA LEU A 65 -5.78 -2.72 7.01
C LEU A 65 -6.90 -3.13 6.07
N ARG A 66 -7.80 -2.20 5.78
CA ARG A 66 -8.92 -2.48 4.89
C ARG A 66 -8.53 -2.15 3.46
N LYS A 67 -9.36 -2.60 2.53
CA LYS A 67 -9.19 -2.27 1.12
C LYS A 67 -9.39 -0.77 0.91
N SER A 68 -10.10 -0.16 1.86
CA SER A 68 -10.38 1.26 1.84
C SER A 68 -9.08 2.08 1.96
N GLU A 69 -8.28 1.76 2.98
CA GLU A 69 -7.00 2.43 3.19
C GLU A 69 -6.08 2.20 2.00
N ALA A 70 -6.09 0.97 1.49
CA ALA A 70 -5.23 0.58 0.37
C ALA A 70 -5.62 1.34 -0.90
N LYS A 71 -6.85 1.82 -0.95
CA LYS A 71 -7.33 2.56 -2.11
C LYS A 71 -6.76 3.96 -2.15
N ASP A 72 -6.58 4.56 -0.97
CA ASP A 72 -6.15 5.95 -0.87
C ASP A 72 -4.64 6.09 -1.07
N ILE A 73 -3.89 5.21 -0.43
CA ILE A 73 -2.43 5.29 -0.47
C ILE A 73 -1.90 5.13 -1.90
N LEU A 74 -1.22 6.16 -2.38
CA LEU A 74 -0.60 6.13 -3.69
C LEU A 74 0.83 5.62 -3.59
N VAL A 75 1.11 4.50 -4.25
CA VAL A 75 2.41 3.86 -4.12
C VAL A 75 3.03 3.58 -5.49
N GLU A 76 4.35 3.41 -5.50
CA GLU A 76 5.06 3.01 -6.71
C GLU A 76 5.69 1.64 -6.49
N VAL A 77 5.85 0.89 -7.58
CA VAL A 77 6.34 -0.47 -7.49
C VAL A 77 7.86 -0.52 -7.33
N LEU A 78 8.31 -1.02 -6.19
CA LEU A 78 9.74 -1.10 -5.89
C LEU A 78 10.36 -2.40 -6.38
N LEU A 79 9.51 -3.25 -6.95
CA LEU A 79 9.97 -4.51 -7.51
C LEU A 79 11.04 -4.27 -8.57
N GLU A 80 12.24 -4.74 -8.30
CA GLU A 80 13.38 -4.51 -9.16
C GLU A 80 13.30 -5.35 -10.43
N HIS A 81 13.34 -4.69 -11.57
CA HIS A 81 13.38 -5.38 -12.86
C HIS A 81 13.87 -4.43 -13.94
N HIS A 82 14.56 -4.98 -14.93
CA HIS A 82 15.03 -4.19 -16.06
C HIS A 82 13.87 -3.83 -16.97
N HIS A 83 13.80 -2.59 -17.39
CA HIS A 83 12.69 -2.13 -18.21
C HIS A 83 13.15 -1.14 -19.27
N HIS A 84 13.49 -1.67 -20.43
CA HIS A 84 13.76 -0.84 -21.60
C HIS A 84 13.10 -1.49 -22.81
N HIS A 85 12.18 -0.76 -23.42
CA HIS A 85 11.43 -1.28 -24.55
C HIS A 85 12.35 -1.51 -25.74
N HIS A 86 12.39 -2.74 -26.21
CA HIS A 86 13.23 -3.10 -27.34
C HIS A 86 12.38 -3.62 -28.48
N MET A 1 8.54 9.04 -14.75
CA MET A 1 8.20 7.64 -15.10
C MET A 1 7.74 6.88 -13.88
N THR A 2 6.84 7.49 -13.13
CA THR A 2 6.29 6.90 -11.92
C THR A 2 4.80 7.21 -11.82
N LYS A 3 4.01 6.19 -11.58
CA LYS A 3 2.57 6.37 -11.45
C LYS A 3 2.07 5.73 -10.17
N GLY A 4 1.62 6.55 -9.23
CA GLY A 4 1.14 6.05 -7.98
C GLY A 4 -0.24 5.43 -8.11
N ILE A 5 -0.29 4.12 -8.12
CA ILE A 5 -1.56 3.40 -8.19
C ILE A 5 -2.00 3.00 -6.79
N GLY A 6 -3.27 2.66 -6.64
CA GLY A 6 -3.78 2.27 -5.35
C GLY A 6 -3.09 1.04 -4.80
N LEU A 7 -2.78 1.08 -3.51
CA LEU A 7 -2.04 0.01 -2.84
C LEU A 7 -2.78 -1.32 -2.91
N ASN A 8 -4.10 -1.27 -3.05
CA ASN A 8 -4.90 -2.49 -3.11
C ASN A 8 -4.81 -3.15 -4.50
N GLU A 9 -4.22 -2.43 -5.44
CA GLU A 9 -4.12 -2.89 -6.81
C GLU A 9 -2.75 -3.50 -7.09
N VAL A 10 -1.85 -3.36 -6.13
CA VAL A 10 -0.49 -3.83 -6.29
C VAL A 10 -0.42 -5.34 -6.09
N GLU A 11 0.64 -5.95 -6.58
CA GLU A 11 0.81 -7.39 -6.52
C GLU A 11 1.32 -7.80 -5.14
N ILE A 12 1.29 -9.09 -4.87
CA ILE A 12 1.70 -9.62 -3.59
C ILE A 12 3.18 -10.02 -3.61
N LYS A 13 3.76 -10.15 -2.41
CA LYS A 13 5.15 -10.58 -2.24
C LYS A 13 6.14 -9.53 -2.76
N SER A 14 5.62 -8.38 -3.16
CA SER A 14 6.46 -7.30 -3.65
C SER A 14 6.55 -6.17 -2.64
N LYS A 15 7.60 -5.38 -2.74
CA LYS A 15 7.80 -4.25 -1.87
C LYS A 15 7.57 -2.95 -2.62
N VAL A 16 6.76 -2.08 -2.03
CA VAL A 16 6.41 -0.81 -2.66
C VAL A 16 6.68 0.35 -1.72
N LYS A 17 6.76 1.53 -2.28
CA LYS A 17 7.01 2.72 -1.51
C LYS A 17 5.81 3.62 -1.54
N VAL A 18 5.51 4.20 -0.40
CA VAL A 18 4.35 5.07 -0.25
C VAL A 18 4.69 6.46 -0.78
N ILE A 19 4.37 6.68 -2.04
CA ILE A 19 4.60 7.95 -2.70
C ILE A 19 3.71 9.03 -2.12
N GLY A 20 2.42 8.75 -2.07
CA GLY A 20 1.50 9.70 -1.54
C GLY A 20 0.23 9.07 -1.02
N ILE A 21 -0.15 9.49 0.16
CA ILE A 21 -1.44 9.17 0.72
C ILE A 21 -2.47 10.12 0.11
N VAL A 22 -3.73 9.75 0.13
CA VAL A 22 -4.78 10.60 -0.44
C VAL A 22 -5.51 11.36 0.66
N PRO A 23 -5.02 12.58 0.97
CA PRO A 23 -5.51 13.39 2.09
C PRO A 23 -6.97 13.78 1.95
N GLU A 24 -7.49 14.49 2.96
CA GLU A 24 -8.90 14.86 3.06
C GLU A 24 -9.80 13.64 3.28
N SER A 25 -9.26 12.45 3.02
CA SER A 25 -9.98 11.21 3.21
C SER A 25 -10.11 10.89 4.70
N LYS A 26 -11.05 10.00 5.01
CA LYS A 26 -11.35 9.65 6.40
C LYS A 26 -10.32 8.68 6.93
N VAL A 27 -10.01 7.66 6.14
CA VAL A 27 -9.09 6.60 6.57
C VAL A 27 -7.67 7.15 6.69
N ARG A 28 -7.45 8.30 6.06
CA ARG A 28 -6.16 8.99 6.09
C ARG A 28 -5.69 9.22 7.53
N ARG A 29 -6.63 9.46 8.43
CA ARG A 29 -6.30 9.70 9.83
C ARG A 29 -5.77 8.43 10.49
N LYS A 30 -6.40 7.30 10.18
CA LYS A 30 -6.00 6.04 10.79
C LYS A 30 -4.70 5.54 10.20
N ILE A 31 -4.49 5.83 8.92
CA ILE A 31 -3.25 5.49 8.24
C ILE A 31 -2.05 6.15 8.91
N MET A 32 -2.17 7.45 9.17
CA MET A 32 -1.11 8.19 9.85
C MET A 32 -0.99 7.75 11.31
N ASP A 33 -2.11 7.29 11.88
CA ASP A 33 -2.13 6.75 13.23
C ASP A 33 -1.39 5.41 13.30
N MET A 34 -1.60 4.60 12.27
CA MET A 34 -0.91 3.31 12.13
C MET A 34 0.59 3.51 12.02
N GLY A 35 0.99 4.61 11.39
CA GLY A 35 2.39 4.91 11.24
C GLY A 35 2.82 4.93 9.79
N ILE A 36 1.85 5.05 8.89
CA ILE A 36 2.14 5.11 7.46
C ILE A 36 2.08 6.54 6.96
N VAL A 37 3.14 6.95 6.30
CA VAL A 37 3.26 8.31 5.78
C VAL A 37 3.98 8.29 4.44
N ARG A 38 4.23 9.46 3.88
CA ARG A 38 5.00 9.55 2.65
C ARG A 38 6.46 9.23 2.92
N GLY A 39 6.89 8.08 2.43
CA GLY A 39 8.24 7.62 2.69
C GLY A 39 8.25 6.28 3.38
N THR A 40 7.08 5.84 3.83
CA THR A 40 6.95 4.51 4.39
C THR A 40 7.02 3.46 3.29
N GLU A 41 7.53 2.29 3.63
CA GLU A 41 7.68 1.22 2.69
C GLU A 41 6.81 0.06 3.08
N ILE A 42 6.12 -0.49 2.10
CA ILE A 42 5.12 -1.52 2.35
C ILE A 42 5.50 -2.81 1.64
N TYR A 43 5.56 -3.90 2.40
CA TYR A 43 5.77 -5.20 1.79
C TYR A 43 4.44 -5.95 1.79
N ILE A 44 3.93 -6.24 0.61
CA ILE A 44 2.64 -6.90 0.49
C ILE A 44 2.75 -8.37 0.87
N GLU A 45 2.21 -8.69 2.04
CA GLU A 45 2.25 -10.05 2.56
C GLU A 45 1.21 -10.90 1.82
N GLY A 46 0.08 -10.29 1.49
CA GLY A 46 -0.94 -10.98 0.75
C GLY A 46 -2.28 -10.27 0.80
N LYS A 47 -3.27 -10.84 0.14
CA LYS A 47 -4.62 -10.29 0.15
C LYS A 47 -5.60 -11.37 0.58
N ALA A 48 -6.71 -10.97 1.20
CA ALA A 48 -7.71 -11.89 1.69
C ALA A 48 -8.39 -12.64 0.54
N PRO A 49 -9.12 -13.73 0.85
CA PRO A 49 -9.90 -14.46 -0.16
C PRO A 49 -10.88 -13.57 -0.90
N MET A 50 -11.39 -12.56 -0.20
CA MET A 50 -12.32 -11.60 -0.78
C MET A 50 -11.56 -10.48 -1.47
N GLY A 51 -10.24 -10.50 -1.33
CA GLY A 51 -9.43 -9.42 -1.82
C GLY A 51 -9.01 -8.49 -0.71
N ASP A 52 -9.91 -8.31 0.25
CA ASP A 52 -9.67 -7.47 1.40
C ASP A 52 -10.20 -8.17 2.65
N PRO A 53 -9.62 -7.88 3.82
CA PRO A 53 -8.58 -6.87 3.99
C PRO A 53 -7.23 -7.28 3.40
N ILE A 54 -6.30 -6.35 3.40
CA ILE A 54 -4.97 -6.59 2.87
C ILE A 54 -4.02 -6.94 4.01
N ALA A 55 -3.06 -7.80 3.73
CA ALA A 55 -2.03 -8.12 4.70
C ALA A 55 -0.73 -7.42 4.30
N LEU A 56 -0.32 -6.44 5.09
CA LEU A 56 0.86 -5.65 4.76
C LEU A 56 1.88 -5.74 5.87
N ARG A 57 3.14 -5.73 5.51
CA ARG A 57 4.19 -5.51 6.48
C ARG A 57 4.63 -4.07 6.38
N LEU A 58 4.27 -3.30 7.38
CA LEU A 58 4.49 -1.86 7.35
C LEU A 58 5.34 -1.43 8.53
N ARG A 59 6.32 -0.59 8.24
CA ARG A 59 7.22 -0.04 9.27
C ARG A 59 8.06 -1.15 9.91
N GLY A 60 7.94 -2.36 9.38
CA GLY A 60 8.68 -3.48 9.90
C GLY A 60 7.78 -4.60 10.40
N TYR A 61 6.52 -4.29 10.67
CA TYR A 61 5.60 -5.28 11.21
C TYR A 61 4.32 -5.38 10.41
N SER A 62 3.76 -6.57 10.38
CA SER A 62 2.53 -6.83 9.65
C SER A 62 1.32 -6.19 10.32
N LEU A 63 0.46 -5.61 9.51
CA LEU A 63 -0.79 -5.01 9.95
C LEU A 63 -1.82 -5.10 8.84
N SER A 64 -3.09 -5.22 9.19
CA SER A 64 -4.13 -5.41 8.20
C SER A 64 -5.09 -4.23 8.16
N LEU A 65 -5.36 -3.77 6.95
CA LEU A 65 -6.35 -2.71 6.71
C LEU A 65 -7.24 -3.10 5.54
N ARG A 66 -8.36 -2.42 5.37
CA ARG A 66 -9.33 -2.80 4.36
C ARG A 66 -9.00 -2.23 2.98
N LYS A 67 -9.72 -2.72 1.98
CA LYS A 67 -9.58 -2.29 0.60
C LYS A 67 -9.73 -0.77 0.46
N SER A 68 -10.60 -0.18 1.28
CA SER A 68 -10.88 1.24 1.20
C SER A 68 -9.65 2.07 1.58
N GLU A 69 -9.01 1.68 2.67
CA GLU A 69 -7.81 2.37 3.13
C GLU A 69 -6.69 2.21 2.10
N ALA A 70 -6.54 1.00 1.59
CA ALA A 70 -5.52 0.71 0.58
C ALA A 70 -5.81 1.44 -0.72
N LYS A 71 -7.06 1.81 -0.93
CA LYS A 71 -7.47 2.58 -2.09
C LYS A 71 -7.02 4.04 -1.97
N ASP A 72 -6.93 4.53 -0.73
CA ASP A 72 -6.54 5.91 -0.49
C ASP A 72 -5.03 6.02 -0.27
N ILE A 73 -4.30 5.00 -0.71
CA ILE A 73 -2.84 5.02 -0.68
C ILE A 73 -2.29 4.74 -2.06
N LEU A 74 -1.57 5.70 -2.63
CA LEU A 74 -1.02 5.57 -3.97
C LEU A 74 0.48 5.26 -3.89
N VAL A 75 0.89 4.14 -4.45
CA VAL A 75 2.27 3.67 -4.34
C VAL A 75 2.79 3.13 -5.68
N GLU A 76 4.09 2.84 -5.72
CA GLU A 76 4.70 2.15 -6.85
C GLU A 76 5.78 1.20 -6.30
N VAL A 77 6.10 0.17 -7.07
CA VAL A 77 7.03 -0.86 -6.62
C VAL A 77 8.45 -0.28 -6.42
N LEU A 78 9.18 -0.86 -5.46
CA LEU A 78 10.51 -0.39 -5.11
C LEU A 78 11.56 -0.82 -6.15
N LEU A 79 11.11 -1.46 -7.21
CA LEU A 79 12.00 -1.81 -8.30
C LEU A 79 12.49 -0.55 -9.00
N GLU A 80 13.67 -0.09 -8.61
CA GLU A 80 14.24 1.13 -9.14
C GLU A 80 14.36 1.09 -10.66
N HIS A 81 14.97 0.04 -11.18
CA HIS A 81 15.13 -0.10 -12.62
C HIS A 81 13.90 -0.78 -13.21
N HIS A 82 12.90 0.02 -13.54
CA HIS A 82 11.66 -0.50 -14.08
C HIS A 82 11.26 0.25 -15.35
N HIS A 83 10.70 -0.47 -16.30
CA HIS A 83 10.32 0.10 -17.57
C HIS A 83 8.83 0.39 -17.61
N HIS A 84 8.46 1.61 -17.96
CA HIS A 84 7.06 1.94 -18.18
C HIS A 84 6.68 1.47 -19.58
N HIS A 85 5.89 0.41 -19.63
CA HIS A 85 5.69 -0.31 -20.88
C HIS A 85 4.71 0.38 -21.81
N HIS A 86 5.21 0.69 -23.00
CA HIS A 86 4.38 1.20 -24.08
C HIS A 86 4.95 0.73 -25.41
N MET A 1 3.26 14.20 -12.55
CA MET A 1 2.52 12.93 -12.46
C MET A 1 1.93 12.78 -11.07
N THR A 2 0.95 11.90 -10.95
CA THR A 2 0.49 11.47 -9.64
C THR A 2 1.56 10.55 -9.04
N LYS A 3 1.92 9.54 -9.83
CA LYS A 3 2.95 8.56 -9.45
C LYS A 3 2.56 7.83 -8.17
N GLY A 4 2.02 6.64 -8.33
CA GLY A 4 1.57 5.88 -7.21
C GLY A 4 0.16 5.37 -7.41
N ILE A 5 0.03 4.08 -7.61
CA ILE A 5 -1.29 3.47 -7.71
C ILE A 5 -1.80 3.16 -6.32
N GLY A 6 -3.06 2.83 -6.19
CA GLY A 6 -3.60 2.54 -4.88
C GLY A 6 -3.08 1.22 -4.37
N LEU A 7 -2.90 1.13 -3.06
CA LEU A 7 -2.39 -0.08 -2.44
C LEU A 7 -3.40 -1.21 -2.62
N ASN A 8 -4.64 -0.86 -2.93
CA ASN A 8 -5.67 -1.83 -3.21
C ASN A 8 -5.49 -2.41 -4.62
N GLU A 9 -4.75 -1.69 -5.45
CA GLU A 9 -4.53 -2.09 -6.82
C GLU A 9 -3.30 -2.99 -6.93
N VAL A 10 -2.55 -3.05 -5.85
CA VAL A 10 -1.34 -3.88 -5.80
C VAL A 10 -1.71 -5.32 -5.43
N GLU A 11 -0.82 -6.26 -5.72
CA GLU A 11 -1.08 -7.67 -5.48
C GLU A 11 -0.01 -8.26 -4.56
N ILE A 12 -0.05 -9.57 -4.36
CA ILE A 12 0.76 -10.25 -3.36
C ILE A 12 2.25 -10.27 -3.71
N LYS A 13 3.07 -10.37 -2.64
CA LYS A 13 4.51 -10.60 -2.75
C LYS A 13 5.24 -9.52 -3.52
N SER A 14 4.65 -8.34 -3.60
CA SER A 14 5.30 -7.21 -4.22
C SER A 14 5.78 -6.24 -3.14
N LYS A 15 6.79 -5.45 -3.44
CA LYS A 15 7.23 -4.43 -2.51
C LYS A 15 7.00 -3.05 -3.10
N VAL A 16 6.48 -2.16 -2.28
CA VAL A 16 6.11 -0.83 -2.71
C VAL A 16 6.49 0.20 -1.66
N LYS A 17 6.19 1.46 -1.93
CA LYS A 17 6.52 2.53 -1.01
C LYS A 17 5.49 3.63 -1.13
N VAL A 18 5.22 4.28 -0.02
CA VAL A 18 4.22 5.34 0.02
C VAL A 18 4.76 6.59 -0.66
N ILE A 19 4.48 6.72 -1.94
CA ILE A 19 4.91 7.86 -2.73
C ILE A 19 3.95 9.03 -2.51
N GLY A 20 2.67 8.73 -2.43
CA GLY A 20 1.68 9.76 -2.25
C GLY A 20 0.55 9.34 -1.36
N ILE A 21 -0.27 10.31 -0.99
CA ILE A 21 -1.43 10.09 -0.13
C ILE A 21 -2.61 10.87 -0.69
N VAL A 22 -3.82 10.44 -0.38
CA VAL A 22 -5.03 11.10 -0.88
C VAL A 22 -5.66 11.95 0.23
N PRO A 23 -5.28 13.24 0.31
CA PRO A 23 -5.74 14.15 1.37
C PRO A 23 -7.26 14.31 1.39
N GLU A 24 -7.75 15.01 2.43
CA GLU A 24 -9.17 15.24 2.63
C GLU A 24 -9.93 13.92 2.80
N SER A 25 -9.22 12.90 3.26
CA SER A 25 -9.81 11.58 3.47
C SER A 25 -10.07 11.34 4.95
N LYS A 26 -11.18 10.68 5.26
CA LYS A 26 -11.49 10.34 6.64
C LYS A 26 -10.69 9.12 7.08
N VAL A 27 -10.33 8.28 6.12
CA VAL A 27 -9.51 7.11 6.42
C VAL A 27 -8.03 7.47 6.43
N ARG A 28 -7.68 8.60 5.79
CA ARG A 28 -6.32 9.12 5.83
C ARG A 28 -5.85 9.30 7.27
N ARG A 29 -6.78 9.67 8.15
CA ARG A 29 -6.50 9.77 9.57
C ARG A 29 -6.01 8.43 10.11
N LYS A 30 -6.81 7.40 9.90
CA LYS A 30 -6.49 6.04 10.34
C LYS A 30 -5.14 5.59 9.81
N ILE A 31 -4.93 5.82 8.53
CA ILE A 31 -3.70 5.43 7.85
C ILE A 31 -2.47 6.04 8.51
N MET A 32 -2.47 7.36 8.67
CA MET A 32 -1.31 8.04 9.22
C MET A 32 -1.20 7.83 10.72
N ASP A 33 -2.34 7.63 11.36
CA ASP A 33 -2.37 7.30 12.79
C ASP A 33 -1.76 5.93 13.03
N MET A 34 -1.93 5.05 12.04
CA MET A 34 -1.37 3.70 12.09
C MET A 34 0.12 3.69 11.78
N GLY A 35 0.66 4.85 11.44
CA GLY A 35 2.09 4.95 11.24
C GLY A 35 2.48 5.01 9.78
N ILE A 36 1.49 5.05 8.90
CA ILE A 36 1.76 5.10 7.46
C ILE A 36 1.88 6.55 7.00
N VAL A 37 3.01 6.85 6.39
CA VAL A 37 3.30 8.19 5.91
C VAL A 37 4.07 8.13 4.60
N ARG A 38 4.21 9.27 3.94
CA ARG A 38 5.00 9.33 2.71
C ARG A 38 6.47 9.10 3.01
N GLY A 39 6.96 7.94 2.60
CA GLY A 39 8.33 7.58 2.87
C GLY A 39 8.45 6.19 3.41
N THR A 40 7.35 5.65 3.94
CA THR A 40 7.35 4.30 4.46
C THR A 40 7.33 3.28 3.33
N GLU A 41 8.03 2.18 3.54
CA GLU A 41 8.09 1.11 2.56
C GLU A 41 7.17 -0.02 2.99
N ILE A 42 6.53 -0.64 2.02
CA ILE A 42 5.51 -1.64 2.28
C ILE A 42 5.84 -2.95 1.59
N TYR A 43 5.89 -4.04 2.35
CA TYR A 43 6.08 -5.35 1.77
C TYR A 43 4.76 -6.11 1.81
N ILE A 44 4.24 -6.45 0.64
CA ILE A 44 2.97 -7.14 0.56
C ILE A 44 3.13 -8.60 0.93
N GLU A 45 2.51 -9.00 2.02
CA GLU A 45 2.51 -10.39 2.45
C GLU A 45 1.53 -11.19 1.61
N GLY A 46 0.34 -10.64 1.44
CA GLY A 46 -0.67 -11.29 0.65
C GLY A 46 -2.01 -10.62 0.78
N LYS A 47 -3.04 -11.24 0.24
CA LYS A 47 -4.37 -10.71 0.33
C LYS A 47 -5.32 -11.83 0.76
N ALA A 48 -6.23 -11.51 1.68
CA ALA A 48 -7.18 -12.49 2.19
C ALA A 48 -8.03 -13.08 1.06
N PRO A 49 -8.61 -14.27 1.28
CA PRO A 49 -9.40 -14.97 0.26
C PRO A 49 -10.52 -14.12 -0.35
N MET A 50 -11.06 -13.21 0.43
CA MET A 50 -12.13 -12.32 -0.07
C MET A 50 -11.55 -11.01 -0.59
N GLY A 51 -10.22 -10.92 -0.59
CA GLY A 51 -9.55 -9.73 -1.06
C GLY A 51 -9.50 -8.64 -0.01
N ASP A 52 -10.00 -8.97 1.18
CA ASP A 52 -9.99 -8.05 2.31
C ASP A 52 -10.01 -8.84 3.61
N PRO A 53 -9.14 -8.49 4.56
CA PRO A 53 -8.20 -7.37 4.42
C PRO A 53 -6.97 -7.75 3.62
N ILE A 54 -6.05 -6.80 3.48
CA ILE A 54 -4.80 -7.05 2.79
C ILE A 54 -3.68 -7.20 3.81
N ALA A 55 -2.94 -8.31 3.72
CA ALA A 55 -1.87 -8.58 4.65
C ALA A 55 -0.62 -7.80 4.25
N LEU A 56 -0.37 -6.72 4.98
CA LEU A 56 0.74 -5.84 4.69
C LEU A 56 1.78 -5.91 5.79
N ARG A 57 3.05 -5.78 5.43
CA ARG A 57 4.09 -5.61 6.42
C ARG A 57 4.69 -4.23 6.25
N LEU A 58 4.30 -3.33 7.15
CA LEU A 58 4.67 -1.94 7.04
C LEU A 58 5.38 -1.49 8.31
N ARG A 59 6.33 -0.57 8.13
CA ARG A 59 7.12 -0.01 9.23
C ARG A 59 8.11 -1.06 9.77
N GLY A 60 7.60 -2.23 10.10
CA GLY A 60 8.44 -3.28 10.62
C GLY A 60 7.65 -4.54 10.92
N TYR A 61 6.33 -4.41 11.03
CA TYR A 61 5.49 -5.55 11.34
C TYR A 61 4.31 -5.62 10.39
N SER A 62 3.65 -6.76 10.41
CA SER A 62 2.47 -6.96 9.60
C SER A 62 1.23 -6.38 10.30
N LEU A 63 0.34 -5.85 9.49
CA LEU A 63 -0.87 -5.22 9.99
C LEU A 63 -1.98 -5.41 8.97
N SER A 64 -3.22 -5.50 9.45
CA SER A 64 -4.34 -5.73 8.58
C SER A 64 -5.00 -4.40 8.19
N LEU A 65 -4.88 -4.08 6.93
CA LEU A 65 -5.49 -2.87 6.37
C LEU A 65 -6.61 -3.28 5.43
N ARG A 66 -7.68 -2.50 5.41
CA ARG A 66 -8.82 -2.83 4.56
C ARG A 66 -8.65 -2.23 3.17
N LYS A 67 -9.53 -2.63 2.26
CA LYS A 67 -9.56 -2.09 0.91
C LYS A 67 -9.76 -0.59 0.94
N SER A 68 -10.51 -0.12 1.94
CA SER A 68 -10.79 1.29 2.11
C SER A 68 -9.49 2.09 2.25
N GLU A 69 -8.66 1.71 3.21
CA GLU A 69 -7.40 2.40 3.45
C GLU A 69 -6.46 2.23 2.28
N ALA A 70 -6.44 1.03 1.71
CA ALA A 70 -5.56 0.71 0.60
C ALA A 70 -5.85 1.60 -0.61
N LYS A 71 -7.09 2.01 -0.75
CA LYS A 71 -7.50 2.90 -1.84
C LYS A 71 -6.85 4.29 -1.68
N ASP A 72 -6.77 4.75 -0.44
CA ASP A 72 -6.31 6.10 -0.15
C ASP A 72 -4.80 6.17 0.04
N ILE A 73 -4.12 5.07 -0.25
CA ILE A 73 -2.67 5.03 -0.20
C ILE A 73 -2.09 4.86 -1.60
N LEU A 74 -1.34 5.87 -2.06
CA LEU A 74 -0.76 5.83 -3.39
C LEU A 74 0.68 5.35 -3.32
N VAL A 75 0.93 4.17 -3.85
CA VAL A 75 2.25 3.56 -3.79
C VAL A 75 2.74 3.14 -5.18
N GLU A 76 4.04 3.23 -5.38
CA GLU A 76 4.62 2.77 -6.63
C GLU A 76 5.40 1.48 -6.36
N VAL A 77 5.30 0.54 -7.29
CA VAL A 77 5.95 -0.75 -7.15
C VAL A 77 7.46 -0.60 -7.30
N LEU A 78 8.16 -0.67 -6.19
CA LEU A 78 9.61 -0.50 -6.19
C LEU A 78 10.32 -1.84 -6.29
N LEU A 79 9.54 -2.89 -6.49
CA LEU A 79 10.08 -4.21 -6.74
C LEU A 79 10.99 -4.13 -7.97
N GLU A 80 12.29 -4.24 -7.74
CA GLU A 80 13.27 -4.04 -8.80
C GLU A 80 13.42 -5.27 -9.66
N HIS A 81 14.33 -5.17 -10.64
CA HIS A 81 14.50 -6.21 -11.65
C HIS A 81 13.25 -6.28 -12.52
N HIS A 82 12.91 -7.48 -12.97
CA HIS A 82 11.77 -7.68 -13.83
C HIS A 82 11.46 -9.17 -13.91
N HIS A 83 10.53 -9.54 -14.77
CA HIS A 83 10.24 -10.95 -14.98
C HIS A 83 11.45 -11.63 -15.59
N HIS A 84 12.13 -12.43 -14.78
CA HIS A 84 13.39 -13.05 -15.20
C HIS A 84 13.14 -14.38 -15.89
N HIS A 85 11.93 -14.53 -16.43
CA HIS A 85 11.55 -15.71 -17.20
C HIS A 85 10.22 -15.42 -17.89
N HIS A 86 9.83 -16.26 -18.84
CA HIS A 86 8.54 -16.11 -19.49
C HIS A 86 7.68 -17.35 -19.23
N MET A 1 6.22 12.71 -11.83
CA MET A 1 5.31 11.89 -12.66
C MET A 1 4.37 11.09 -11.76
N THR A 2 3.08 11.31 -11.93
CA THR A 2 2.08 10.59 -11.16
C THR A 2 1.78 9.24 -11.80
N LYS A 3 2.39 8.20 -11.25
CA LYS A 3 2.23 6.85 -11.77
C LYS A 3 1.78 5.91 -10.68
N GLY A 4 1.71 6.44 -9.47
CA GLY A 4 1.39 5.64 -8.31
C GLY A 4 -0.03 5.12 -8.33
N ILE A 5 -0.17 3.82 -8.11
CA ILE A 5 -1.47 3.20 -8.04
C ILE A 5 -1.84 2.98 -6.58
N GLY A 6 -3.09 2.66 -6.32
CA GLY A 6 -3.53 2.42 -4.97
C GLY A 6 -2.94 1.14 -4.40
N LEU A 7 -2.65 1.15 -3.11
CA LEU A 7 -2.11 -0.03 -2.42
C LEU A 7 -3.03 -1.23 -2.64
N ASN A 8 -4.33 -0.97 -2.64
CA ASN A 8 -5.35 -1.99 -2.85
C ASN A 8 -5.21 -2.65 -4.24
N GLU A 9 -4.51 -1.96 -5.14
CA GLU A 9 -4.45 -2.36 -6.51
C GLU A 9 -3.11 -2.98 -6.87
N VAL A 10 -2.27 -3.17 -5.87
CA VAL A 10 -0.96 -3.78 -6.07
C VAL A 10 -1.06 -5.30 -6.02
N GLU A 11 -0.07 -5.97 -6.58
CA GLU A 11 -0.07 -7.43 -6.62
C GLU A 11 0.55 -7.97 -5.32
N ILE A 12 0.47 -9.28 -5.14
CA ILE A 12 0.89 -9.89 -3.88
C ILE A 12 2.38 -10.21 -3.90
N LYS A 13 2.96 -10.19 -2.70
CA LYS A 13 4.40 -10.45 -2.50
C LYS A 13 5.25 -9.51 -3.32
N SER A 14 5.18 -8.24 -2.96
CA SER A 14 6.00 -7.21 -3.56
C SER A 14 6.22 -6.08 -2.54
N LYS A 15 7.26 -5.31 -2.73
CA LYS A 15 7.53 -4.18 -1.85
C LYS A 15 7.20 -2.88 -2.56
N VAL A 16 6.46 -2.02 -1.88
CA VAL A 16 6.04 -0.76 -2.45
C VAL A 16 6.38 0.38 -1.51
N LYS A 17 6.53 1.57 -2.07
CA LYS A 17 6.80 2.75 -1.30
C LYS A 17 5.70 3.77 -1.48
N VAL A 18 5.36 4.44 -0.40
CA VAL A 18 4.29 5.41 -0.42
C VAL A 18 4.76 6.69 -1.12
N ILE A 19 4.43 6.80 -2.40
CA ILE A 19 4.69 8.01 -3.15
C ILE A 19 3.91 9.18 -2.56
N GLY A 20 2.66 8.91 -2.19
CA GLY A 20 1.84 9.93 -1.58
C GLY A 20 0.51 9.39 -1.09
N ILE A 21 -0.15 10.19 -0.29
CA ILE A 21 -1.45 9.86 0.26
C ILE A 21 -2.51 10.73 -0.43
N VAL A 22 -3.76 10.32 -0.37
CA VAL A 22 -4.85 11.06 -1.00
C VAL A 22 -5.57 11.90 0.06
N PRO A 23 -5.11 13.16 0.24
CA PRO A 23 -5.53 14.05 1.34
C PRO A 23 -7.04 14.27 1.38
N GLU A 24 -7.49 14.84 2.50
CA GLU A 24 -8.91 15.05 2.77
C GLU A 24 -9.62 13.70 2.90
N SER A 25 -8.82 12.65 3.08
CA SER A 25 -9.33 11.31 3.29
C SER A 25 -10.02 11.23 4.63
N LYS A 26 -10.97 10.33 4.76
CA LYS A 26 -11.64 10.13 6.03
C LYS A 26 -10.86 9.11 6.85
N VAL A 27 -9.98 8.38 6.19
CA VAL A 27 -9.16 7.37 6.84
C VAL A 27 -7.69 7.75 6.85
N ARG A 28 -7.37 8.94 6.33
CA ARG A 28 -6.01 9.48 6.39
C ARG A 28 -5.50 9.45 7.82
N ARG A 29 -6.37 9.79 8.77
CA ARG A 29 -6.04 9.76 10.19
C ARG A 29 -5.62 8.35 10.60
N LYS A 30 -6.36 7.35 10.14
CA LYS A 30 -6.06 5.95 10.44
C LYS A 30 -4.71 5.55 9.87
N ILE A 31 -4.49 5.93 8.62
CA ILE A 31 -3.23 5.66 7.92
C ILE A 31 -2.06 6.34 8.62
N MET A 32 -2.23 7.62 8.96
CA MET A 32 -1.20 8.39 9.62
C MET A 32 -0.91 7.83 11.01
N ASP A 33 -1.98 7.42 11.69
CA ASP A 33 -1.85 6.83 13.03
C ASP A 33 -1.08 5.51 12.97
N MET A 34 -1.34 4.72 11.94
CA MET A 34 -0.65 3.45 11.75
C MET A 34 0.82 3.66 11.37
N GLY A 35 1.16 4.89 11.02
CA GLY A 35 2.55 5.22 10.77
C GLY A 35 2.92 5.12 9.31
N ILE A 36 2.01 5.50 8.44
CA ILE A 36 2.27 5.50 7.02
C ILE A 36 2.37 6.93 6.49
N VAL A 37 3.48 7.23 5.86
CA VAL A 37 3.72 8.54 5.26
C VAL A 37 4.52 8.39 3.98
N ARG A 38 4.77 9.51 3.30
CA ARG A 38 5.52 9.50 2.06
C ARG A 38 6.95 9.04 2.31
N GLY A 39 7.40 8.09 1.51
CA GLY A 39 8.76 7.60 1.63
C GLY A 39 8.85 6.31 2.42
N THR A 40 7.79 5.99 3.15
CA THR A 40 7.75 4.76 3.91
C THR A 40 7.42 3.58 2.98
N GLU A 41 7.93 2.42 3.31
CA GLU A 41 7.73 1.24 2.50
C GLU A 41 6.71 0.31 3.13
N ILE A 42 5.98 -0.38 2.29
CA ILE A 42 4.96 -1.33 2.73
C ILE A 42 5.20 -2.67 2.05
N TYR A 43 5.36 -3.72 2.84
CA TYR A 43 5.54 -5.04 2.30
C TYR A 43 4.20 -5.72 2.06
N ILE A 44 3.89 -5.97 0.80
CA ILE A 44 2.68 -6.67 0.43
C ILE A 44 2.90 -8.17 0.59
N GLU A 45 2.31 -8.75 1.61
CA GLU A 45 2.43 -10.20 1.82
C GLU A 45 1.41 -10.91 0.94
N GLY A 46 0.16 -10.50 1.07
CA GLY A 46 -0.89 -11.07 0.25
C GLY A 46 -2.25 -10.54 0.61
N LYS A 47 -3.11 -10.43 -0.40
CA LYS A 47 -4.50 -10.08 -0.18
C LYS A 47 -5.29 -11.36 0.06
N ALA A 48 -6.34 -11.27 0.87
CA ALA A 48 -7.18 -12.43 1.14
C ALA A 48 -7.76 -12.98 -0.17
N PRO A 49 -8.14 -14.27 -0.19
CA PRO A 49 -8.78 -14.89 -1.37
C PRO A 49 -10.06 -14.16 -1.76
N MET A 50 -10.58 -13.35 -0.84
CA MET A 50 -11.78 -12.57 -1.08
C MET A 50 -11.41 -11.18 -1.59
N GLY A 51 -10.12 -10.84 -1.48
CA GLY A 51 -9.65 -9.53 -1.88
C GLY A 51 -9.33 -8.66 -0.69
N ASP A 52 -10.03 -8.91 0.40
CA ASP A 52 -9.85 -8.18 1.63
C ASP A 52 -10.00 -9.13 2.81
N PRO A 53 -9.27 -8.90 3.91
CA PRO A 53 -8.33 -7.79 4.04
C PRO A 53 -7.00 -8.06 3.34
N ILE A 54 -6.09 -7.09 3.42
CA ILE A 54 -4.78 -7.23 2.81
C ILE A 54 -3.72 -7.29 3.89
N ALA A 55 -2.90 -8.35 3.87
CA ALA A 55 -1.82 -8.52 4.84
C ALA A 55 -0.63 -7.66 4.46
N LEU A 56 -0.42 -6.58 5.22
CA LEU A 56 0.63 -5.62 4.92
C LEU A 56 1.61 -5.53 6.07
N ARG A 57 2.88 -5.38 5.74
CA ARG A 57 3.88 -5.10 6.75
C ARG A 57 4.38 -3.68 6.55
N LEU A 58 3.89 -2.77 7.37
CA LEU A 58 4.17 -1.36 7.21
C LEU A 58 4.60 -0.76 8.54
N ARG A 59 5.43 0.30 8.46
CA ARG A 59 5.93 1.02 9.63
C ARG A 59 6.95 0.18 10.41
N GLY A 60 6.70 -1.13 10.52
CA GLY A 60 7.61 -2.01 11.21
C GLY A 60 7.03 -3.39 11.42
N TYR A 61 5.72 -3.46 11.51
CA TYR A 61 5.04 -4.73 11.76
C TYR A 61 4.01 -5.03 10.67
N SER A 62 3.51 -6.26 10.68
CA SER A 62 2.49 -6.69 9.74
C SER A 62 1.11 -6.64 10.38
N LEU A 63 0.12 -6.33 9.56
CA LEU A 63 -1.26 -6.25 9.98
C LEU A 63 -2.16 -6.27 8.76
N SER A 64 -3.44 -6.57 8.96
CA SER A 64 -4.37 -6.67 7.86
C SER A 64 -5.20 -5.39 7.71
N LEU A 65 -5.04 -4.73 6.57
CA LEU A 65 -5.75 -3.49 6.28
C LEU A 65 -6.98 -3.77 5.42
N ARG A 66 -7.92 -2.85 5.44
CA ARG A 66 -9.15 -3.00 4.67
C ARG A 66 -8.96 -2.57 3.23
N LYS A 67 -9.79 -3.11 2.35
CA LYS A 67 -9.84 -2.70 0.94
C LYS A 67 -10.01 -1.18 0.82
N SER A 68 -10.93 -0.65 1.61
CA SER A 68 -11.28 0.76 1.55
C SER A 68 -10.07 1.67 1.81
N GLU A 69 -9.34 1.40 2.87
CA GLU A 69 -8.22 2.25 3.27
C GLU A 69 -7.04 2.09 2.31
N ALA A 70 -6.89 0.90 1.75
CA ALA A 70 -5.72 0.58 0.94
C ALA A 70 -5.71 1.36 -0.38
N LYS A 71 -6.86 1.81 -0.84
CA LYS A 71 -6.90 2.52 -2.12
C LYS A 71 -6.63 4.01 -1.92
N ASP A 72 -6.65 4.44 -0.65
CA ASP A 72 -6.40 5.84 -0.30
C ASP A 72 -4.90 6.13 -0.26
N ILE A 73 -4.10 5.11 -0.55
CA ILE A 73 -2.64 5.23 -0.56
C ILE A 73 -2.11 4.95 -1.96
N LEU A 74 -1.31 5.87 -2.49
CA LEU A 74 -0.72 5.71 -3.82
C LEU A 74 0.75 5.32 -3.69
N VAL A 75 1.12 4.18 -4.26
CA VAL A 75 2.46 3.63 -4.07
C VAL A 75 3.12 3.23 -5.40
N GLU A 76 4.43 3.05 -5.33
CA GLU A 76 5.21 2.52 -6.45
C GLU A 76 5.72 1.13 -6.10
N VAL A 77 5.63 0.23 -7.07
CA VAL A 77 6.12 -1.13 -6.87
C VAL A 77 7.63 -1.18 -7.11
N LEU A 78 8.38 -1.27 -6.03
CA LEU A 78 9.83 -1.22 -6.12
C LEU A 78 10.38 -2.54 -6.66
N LEU A 79 9.63 -3.59 -6.47
CA LEU A 79 10.02 -4.91 -6.92
C LEU A 79 9.49 -5.19 -8.32
N GLU A 80 10.22 -4.74 -9.33
CA GLU A 80 9.89 -5.05 -10.71
C GLU A 80 10.68 -6.27 -11.17
N HIS A 81 11.27 -6.95 -10.17
CA HIS A 81 12.06 -8.16 -10.39
C HIS A 81 13.37 -7.86 -11.11
N HIS A 82 14.34 -8.76 -10.98
CA HIS A 82 15.62 -8.58 -11.64
C HIS A 82 15.52 -8.98 -13.11
N HIS A 83 14.69 -9.96 -13.39
CA HIS A 83 14.42 -10.39 -14.77
C HIS A 83 12.93 -10.34 -15.04
N HIS A 84 12.56 -10.01 -16.28
CA HIS A 84 11.14 -9.96 -16.64
C HIS A 84 10.58 -11.38 -16.80
N HIS A 85 10.00 -11.88 -15.73
CA HIS A 85 9.50 -13.25 -15.68
C HIS A 85 8.02 -13.30 -16.06
N HIS A 86 7.63 -14.36 -16.76
CA HIS A 86 6.24 -14.57 -17.12
C HIS A 86 5.54 -15.31 -16.00
N MET A 1 7.67 3.55 -18.07
CA MET A 1 6.73 2.57 -17.48
C MET A 1 6.45 2.92 -16.01
N THR A 2 6.70 4.17 -15.64
CA THR A 2 6.51 4.60 -14.27
C THR A 2 5.08 5.09 -14.04
N LYS A 3 4.31 4.27 -13.34
CA LYS A 3 2.94 4.62 -13.01
C LYS A 3 2.62 4.23 -11.57
N GLY A 4 1.76 5.01 -10.92
CA GLY A 4 1.42 4.73 -9.54
C GLY A 4 0.03 4.15 -9.41
N ILE A 5 -0.14 3.27 -8.44
CA ILE A 5 -1.42 2.63 -8.19
C ILE A 5 -1.75 2.64 -6.71
N GLY A 6 -2.95 2.21 -6.38
CA GLY A 6 -3.34 2.10 -5.00
C GLY A 6 -2.81 0.82 -4.39
N LEU A 7 -2.69 0.80 -3.07
CA LEU A 7 -2.19 -0.37 -2.35
C LEU A 7 -3.01 -1.61 -2.70
N ASN A 8 -4.31 -1.42 -2.93
CA ASN A 8 -5.22 -2.53 -3.19
C ASN A 8 -4.99 -3.12 -4.58
N GLU A 9 -4.21 -2.43 -5.41
CA GLU A 9 -4.02 -2.83 -6.79
C GLU A 9 -2.70 -3.57 -6.97
N VAL A 10 -1.91 -3.64 -5.90
CA VAL A 10 -0.60 -4.27 -5.95
C VAL A 10 -0.74 -5.79 -5.93
N GLU A 11 0.33 -6.49 -6.33
CA GLU A 11 0.33 -7.94 -6.35
C GLU A 11 0.97 -8.47 -5.07
N ILE A 12 0.87 -9.78 -4.86
CA ILE A 12 1.34 -10.38 -3.62
C ILE A 12 2.85 -10.51 -3.60
N LYS A 13 3.43 -10.37 -2.41
CA LYS A 13 4.86 -10.53 -2.17
C LYS A 13 5.68 -9.51 -2.96
N SER A 14 5.05 -8.39 -3.28
CA SER A 14 5.74 -7.31 -3.96
C SER A 14 6.03 -6.19 -2.97
N LYS A 15 7.14 -5.48 -3.18
CA LYS A 15 7.54 -4.43 -2.28
C LYS A 15 7.27 -3.08 -2.91
N VAL A 16 6.54 -2.23 -2.19
CA VAL A 16 6.16 -0.92 -2.70
C VAL A 16 6.43 0.18 -1.68
N LYS A 17 6.45 1.42 -2.17
CA LYS A 17 6.72 2.57 -1.34
C LYS A 17 5.57 3.55 -1.42
N VAL A 18 5.29 4.21 -0.33
CA VAL A 18 4.19 5.15 -0.26
C VAL A 18 4.51 6.43 -1.03
N ILE A 19 4.05 6.50 -2.27
CA ILE A 19 4.11 7.72 -3.07
C ILE A 19 3.46 8.86 -2.29
N GLY A 20 2.29 8.58 -1.75
CA GLY A 20 1.58 9.56 -0.99
C GLY A 20 0.19 9.10 -0.60
N ILE A 21 -0.47 9.90 0.22
CA ILE A 21 -1.80 9.60 0.68
C ILE A 21 -2.81 10.35 -0.19
N VAL A 22 -4.05 9.88 -0.22
CA VAL A 22 -5.12 10.49 -0.99
C VAL A 22 -6.00 11.34 -0.09
N PRO A 23 -5.66 12.65 0.02
CA PRO A 23 -6.26 13.57 0.99
C PRO A 23 -7.79 13.59 0.95
N GLU A 24 -8.39 14.18 1.99
CA GLU A 24 -9.82 14.25 2.16
C GLU A 24 -10.43 12.87 2.35
N SER A 25 -9.61 11.94 2.81
CA SER A 25 -10.08 10.63 3.17
C SER A 25 -10.42 10.59 4.65
N LYS A 26 -11.37 9.74 5.02
CA LYS A 26 -11.68 9.53 6.43
C LYS A 26 -10.70 8.54 7.03
N VAL A 27 -10.02 7.77 6.18
CA VAL A 27 -9.01 6.84 6.65
C VAL A 27 -7.62 7.49 6.60
N ARG A 28 -7.54 8.66 5.98
CA ARG A 28 -6.34 9.48 6.02
C ARG A 28 -5.88 9.66 7.48
N ARG A 29 -6.83 10.04 8.32
CA ARG A 29 -6.58 10.20 9.75
C ARG A 29 -6.16 8.87 10.39
N LYS A 30 -6.77 7.80 9.91
CA LYS A 30 -6.48 6.45 10.41
C LYS A 30 -5.03 6.06 10.15
N ILE A 31 -4.56 6.35 8.94
CA ILE A 31 -3.19 6.04 8.53
C ILE A 31 -2.17 6.81 9.36
N MET A 32 -2.39 8.12 9.49
CA MET A 32 -1.50 8.96 10.29
C MET A 32 -1.54 8.56 11.75
N ASP A 33 -2.71 8.12 12.20
CA ASP A 33 -2.90 7.65 13.58
C ASP A 33 -2.10 6.37 13.81
N MET A 34 -1.89 5.61 12.74
CA MET A 34 -1.12 4.39 12.81
C MET A 34 0.38 4.67 12.75
N GLY A 35 0.73 5.93 12.48
CA GLY A 35 2.12 6.32 12.41
C GLY A 35 2.73 6.03 11.07
N ILE A 36 1.90 5.98 10.03
CA ILE A 36 2.38 5.74 8.68
C ILE A 36 2.42 7.05 7.91
N VAL A 37 3.51 7.28 7.18
CA VAL A 37 3.70 8.55 6.49
C VAL A 37 4.14 8.34 5.06
N ARG A 38 4.15 9.41 4.28
CA ARG A 38 4.63 9.37 2.91
C ARG A 38 6.13 9.14 2.91
N GLY A 39 6.54 7.96 2.46
CA GLY A 39 7.93 7.61 2.45
C GLY A 39 8.19 6.25 3.03
N THR A 40 7.21 5.72 3.77
CA THR A 40 7.33 4.41 4.36
C THR A 40 7.25 3.33 3.29
N GLU A 41 7.92 2.22 3.53
CA GLU A 41 7.93 1.10 2.61
C GLU A 41 6.98 0.02 3.08
N ILE A 42 6.16 -0.47 2.17
CA ILE A 42 5.20 -1.51 2.47
C ILE A 42 5.48 -2.75 1.64
N TYR A 43 5.71 -3.87 2.31
CA TYR A 43 5.88 -5.13 1.64
C TYR A 43 4.54 -5.85 1.65
N ILE A 44 3.99 -6.10 0.47
CA ILE A 44 2.71 -6.78 0.37
C ILE A 44 2.89 -8.23 0.72
N GLU A 45 2.50 -8.61 1.94
CA GLU A 45 2.60 -9.99 2.36
C GLU A 45 1.55 -10.82 1.63
N GLY A 46 0.42 -10.20 1.37
CA GLY A 46 -0.61 -10.84 0.59
C GLY A 46 -1.98 -10.29 0.87
N LYS A 47 -2.84 -10.34 -0.13
CA LYS A 47 -4.24 -9.97 0.05
C LYS A 47 -5.01 -11.21 0.47
N ALA A 48 -6.12 -11.03 1.17
CA ALA A 48 -6.97 -12.16 1.52
C ALA A 48 -7.43 -12.87 0.26
N PRO A 49 -7.71 -14.18 0.33
CA PRO A 49 -8.22 -14.95 -0.82
C PRO A 49 -9.50 -14.36 -1.37
N MET A 50 -10.23 -13.64 -0.52
CA MET A 50 -11.45 -12.96 -0.93
C MET A 50 -11.12 -11.59 -1.51
N GLY A 51 -9.92 -11.10 -1.22
CA GLY A 51 -9.47 -9.83 -1.76
C GLY A 51 -9.36 -8.75 -0.71
N ASP A 52 -10.11 -8.91 0.37
CA ASP A 52 -10.15 -7.95 1.46
C ASP A 52 -10.32 -8.67 2.78
N PRO A 53 -9.59 -8.28 3.83
CA PRO A 53 -8.61 -7.18 3.80
C PRO A 53 -7.26 -7.59 3.21
N ILE A 54 -6.27 -6.71 3.35
CA ILE A 54 -4.93 -6.95 2.83
C ILE A 54 -3.92 -6.91 3.97
N ALA A 55 -2.91 -7.78 3.89
CA ALA A 55 -1.86 -7.81 4.90
C ALA A 55 -0.62 -7.07 4.41
N LEU A 56 -0.32 -5.95 5.06
CA LEU A 56 0.81 -5.11 4.68
C LEU A 56 1.93 -5.24 5.69
N ARG A 57 3.14 -5.44 5.21
CA ARG A 57 4.33 -5.43 6.04
C ARG A 57 4.89 -4.03 6.11
N LEU A 58 4.60 -3.34 7.20
CA LEU A 58 5.04 -1.97 7.39
C LEU A 58 5.53 -1.77 8.81
N ARG A 59 6.58 -0.97 8.95
CA ARG A 59 7.16 -0.65 10.26
C ARG A 59 7.88 -1.89 10.84
N GLY A 60 7.78 -3.00 10.12
CA GLY A 60 8.42 -4.22 10.55
C GLY A 60 7.49 -5.42 10.46
N TYR A 61 6.25 -5.23 10.85
CA TYR A 61 5.30 -6.33 10.90
C TYR A 61 4.19 -6.16 9.89
N SER A 62 3.55 -7.28 9.58
CA SER A 62 2.38 -7.29 8.73
C SER A 62 1.14 -6.94 9.54
N LEU A 63 0.19 -6.29 8.89
CA LEU A 63 -1.06 -5.93 9.52
C LEU A 63 -2.16 -5.86 8.48
N SER A 64 -3.37 -6.23 8.89
CA SER A 64 -4.50 -6.25 7.98
C SER A 64 -5.21 -4.90 7.93
N LEU A 65 -5.15 -4.26 6.77
CA LEU A 65 -5.88 -3.02 6.53
C LEU A 65 -6.96 -3.28 5.49
N ARG A 66 -8.00 -2.45 5.47
CA ARG A 66 -9.12 -2.67 4.58
C ARG A 66 -8.84 -2.08 3.20
N LYS A 67 -9.59 -2.54 2.22
CA LYS A 67 -9.52 -2.01 0.86
C LYS A 67 -9.76 -0.50 0.86
N SER A 68 -10.53 -0.03 1.84
CA SER A 68 -10.76 1.40 2.02
C SER A 68 -9.43 2.16 2.17
N GLU A 69 -8.64 1.75 3.15
CA GLU A 69 -7.32 2.33 3.37
C GLU A 69 -6.41 2.04 2.19
N ALA A 70 -6.52 0.83 1.66
CA ALA A 70 -5.71 0.40 0.53
C ALA A 70 -6.01 1.24 -0.72
N LYS A 71 -7.16 1.88 -0.75
CA LYS A 71 -7.54 2.74 -1.86
C LYS A 71 -6.84 4.10 -1.72
N ASP A 72 -6.75 4.58 -0.49
CA ASP A 72 -6.28 5.94 -0.22
C ASP A 72 -4.77 6.00 -0.03
N ILE A 73 -4.11 4.88 -0.29
CA ILE A 73 -2.66 4.84 -0.25
C ILE A 73 -2.09 4.55 -1.64
N LEU A 74 -1.41 5.54 -2.20
CA LEU A 74 -0.80 5.40 -3.52
C LEU A 74 0.64 4.94 -3.37
N VAL A 75 0.99 3.86 -4.04
CA VAL A 75 2.30 3.26 -3.87
C VAL A 75 3.01 3.03 -5.21
N GLU A 76 4.33 3.03 -5.14
CA GLU A 76 5.16 2.80 -6.31
C GLU A 76 6.02 1.57 -6.07
N VAL A 77 6.26 0.80 -7.11
CA VAL A 77 6.99 -0.46 -6.97
C VAL A 77 8.47 -0.20 -6.65
N LEU A 78 9.01 -0.96 -5.71
CA LEU A 78 10.38 -0.76 -5.26
C LEU A 78 11.36 -1.68 -5.95
N LEU A 79 10.88 -2.41 -6.95
CA LEU A 79 11.73 -3.27 -7.76
C LEU A 79 12.83 -2.45 -8.42
N GLU A 80 14.06 -2.62 -7.95
CA GLU A 80 15.17 -1.83 -8.43
C GLU A 80 15.75 -2.41 -9.72
N HIS A 81 15.06 -2.14 -10.81
CA HIS A 81 15.50 -2.51 -12.13
C HIS A 81 14.99 -1.48 -13.12
N HIS A 82 15.88 -1.00 -13.97
CA HIS A 82 15.53 0.07 -14.91
C HIS A 82 14.99 -0.54 -16.20
N HIS A 83 15.39 -1.77 -16.49
CA HIS A 83 14.88 -2.47 -17.65
C HIS A 83 13.90 -3.55 -17.21
N HIS A 84 12.65 -3.16 -17.03
CA HIS A 84 11.60 -4.08 -16.62
C HIS A 84 10.23 -3.42 -16.76
N HIS A 85 9.30 -4.11 -17.38
CA HIS A 85 7.93 -3.62 -17.48
C HIS A 85 7.08 -4.33 -16.44
N HIS A 86 6.43 -5.43 -16.83
CA HIS A 86 5.64 -6.23 -15.92
C HIS A 86 5.37 -7.60 -16.54
N MET A 1 5.30 11.49 -15.21
CA MET A 1 4.70 11.56 -13.87
C MET A 1 3.67 10.44 -13.71
N THR A 2 3.79 9.68 -12.65
CA THR A 2 2.82 8.64 -12.35
C THR A 2 2.63 8.53 -10.83
N LYS A 3 1.39 8.67 -10.39
CA LYS A 3 1.06 8.62 -8.96
C LYS A 3 0.94 7.18 -8.49
N GLY A 4 1.30 6.27 -9.36
CA GLY A 4 1.26 4.87 -9.03
C GLY A 4 -0.16 4.33 -9.06
N ILE A 5 -0.38 3.28 -8.30
CA ILE A 5 -1.70 2.68 -8.18
C ILE A 5 -2.08 2.62 -6.71
N GLY A 6 -3.34 2.32 -6.45
CA GLY A 6 -3.77 2.18 -5.08
C GLY A 6 -3.14 0.97 -4.43
N LEU A 7 -2.90 1.04 -3.13
CA LEU A 7 -2.32 -0.07 -2.38
C LEU A 7 -3.13 -1.34 -2.61
N ASN A 8 -4.44 -1.16 -2.77
CA ASN A 8 -5.36 -2.28 -2.96
C ASN A 8 -5.16 -2.93 -4.32
N GLU A 9 -4.55 -2.20 -5.25
CA GLU A 9 -4.41 -2.66 -6.62
C GLU A 9 -3.09 -3.40 -6.81
N VAL A 10 -2.25 -3.35 -5.78
CA VAL A 10 -0.95 -4.02 -5.82
C VAL A 10 -1.11 -5.51 -5.53
N GLU A 11 -0.14 -6.30 -5.98
CA GLU A 11 -0.19 -7.73 -5.78
C GLU A 11 0.59 -8.10 -4.53
N ILE A 12 0.59 -9.38 -4.17
CA ILE A 12 1.17 -9.84 -2.92
C ILE A 12 2.68 -10.08 -3.04
N LYS A 13 3.33 -10.09 -1.88
CA LYS A 13 4.74 -10.45 -1.77
C LYS A 13 5.64 -9.52 -2.58
N SER A 14 5.41 -8.23 -2.42
CA SER A 14 6.23 -7.21 -3.04
C SER A 14 6.32 -6.00 -2.12
N LYS A 15 7.39 -5.22 -2.23
CA LYS A 15 7.54 -4.03 -1.41
C LYS A 15 7.39 -2.77 -2.26
N VAL A 16 6.55 -1.87 -1.77
CA VAL A 16 6.25 -0.63 -2.47
C VAL A 16 6.36 0.55 -1.51
N LYS A 17 6.44 1.74 -2.08
CA LYS A 17 6.59 2.94 -1.28
C LYS A 17 5.38 3.84 -1.43
N VAL A 18 5.02 4.48 -0.33
CA VAL A 18 3.89 5.39 -0.32
C VAL A 18 4.27 6.72 -0.96
N ILE A 19 3.91 6.87 -2.23
CA ILE A 19 4.13 8.12 -2.96
C ILE A 19 3.46 9.27 -2.24
N GLY A 20 2.17 9.11 -2.02
CA GLY A 20 1.39 10.13 -1.37
C GLY A 20 0.10 9.58 -0.81
N ILE A 21 -0.66 10.44 -0.17
CA ILE A 21 -1.90 10.03 0.47
C ILE A 21 -3.09 10.65 -0.23
N VAL A 22 -4.24 10.02 -0.10
CA VAL A 22 -5.49 10.55 -0.65
C VAL A 22 -6.30 11.18 0.48
N PRO A 23 -6.10 12.50 0.70
CA PRO A 23 -6.67 13.24 1.84
C PRO A 23 -8.21 13.21 1.89
N GLU A 24 -8.78 14.05 2.76
CA GLU A 24 -10.21 14.09 3.04
C GLU A 24 -10.68 12.83 3.78
N SER A 25 -10.22 11.66 3.35
CA SER A 25 -10.64 10.40 3.92
C SER A 25 -10.41 10.35 5.43
N LYS A 26 -11.31 9.68 6.13
CA LYS A 26 -11.15 9.43 7.55
C LYS A 26 -10.05 8.39 7.77
N VAL A 27 -9.88 7.50 6.80
CA VAL A 27 -8.85 6.47 6.90
C VAL A 27 -7.49 7.05 6.54
N ARG A 28 -7.50 8.20 5.87
CA ARG A 28 -6.29 8.98 5.66
C ARG A 28 -5.61 9.28 6.99
N ARG A 29 -6.42 9.52 8.02
CA ARG A 29 -5.92 9.75 9.37
C ARG A 29 -5.41 8.44 9.96
N LYS A 30 -6.14 7.36 9.68
CA LYS A 30 -5.78 6.01 10.09
C LYS A 30 -4.36 5.66 9.65
N ILE A 31 -4.06 5.94 8.39
CA ILE A 31 -2.74 5.69 7.81
C ILE A 31 -1.64 6.31 8.69
N MET A 32 -1.78 7.59 8.98
CA MET A 32 -0.77 8.30 9.76
C MET A 32 -0.72 7.79 11.19
N ASP A 33 -1.88 7.41 11.73
CA ASP A 33 -1.94 6.84 13.08
C ASP A 33 -1.23 5.50 13.12
N MET A 34 -1.40 4.74 12.04
CA MET A 34 -0.78 3.42 11.91
C MET A 34 0.74 3.55 11.84
N GLY A 35 1.22 4.69 11.39
CA GLY A 35 2.65 4.92 11.32
C GLY A 35 3.14 5.15 9.91
N ILE A 36 2.22 5.28 8.97
CA ILE A 36 2.58 5.50 7.57
C ILE A 36 2.32 6.96 7.22
N VAL A 37 3.28 7.58 6.56
CA VAL A 37 3.15 8.99 6.20
C VAL A 37 3.46 9.25 4.72
N ARG A 38 4.72 9.43 4.38
CA ARG A 38 5.10 9.73 3.01
C ARG A 38 6.52 9.27 2.75
N GLY A 39 6.67 8.33 1.83
CA GLY A 39 7.98 7.77 1.56
C GLY A 39 8.22 6.52 2.35
N THR A 40 7.23 6.15 3.17
CA THR A 40 7.29 4.92 3.94
C THR A 40 7.24 3.72 2.99
N GLU A 41 8.01 2.71 3.30
CA GLU A 41 8.10 1.54 2.48
C GLU A 41 7.39 0.37 3.15
N ILE A 42 6.51 -0.25 2.40
CA ILE A 42 5.63 -1.27 2.93
C ILE A 42 5.84 -2.58 2.19
N TYR A 43 5.90 -3.67 2.94
CA TYR A 43 6.04 -4.98 2.35
C TYR A 43 4.70 -5.70 2.30
N ILE A 44 4.11 -5.79 1.12
CA ILE A 44 2.82 -6.44 0.96
C ILE A 44 2.97 -7.94 1.15
N GLU A 45 2.25 -8.48 2.12
CA GLU A 45 2.34 -9.89 2.44
C GLU A 45 1.31 -10.68 1.62
N GLY A 46 0.04 -10.43 1.89
CA GLY A 46 -1.01 -11.15 1.21
C GLY A 46 -2.33 -10.42 1.26
N LYS A 47 -3.32 -10.93 0.55
CA LYS A 47 -4.64 -10.34 0.56
C LYS A 47 -5.67 -11.42 0.83
N ALA A 48 -6.75 -11.05 1.52
CA ALA A 48 -7.84 -11.99 1.77
C ALA A 48 -8.47 -12.40 0.44
N PRO A 49 -9.15 -13.55 0.39
CA PRO A 49 -9.77 -14.07 -0.84
C PRO A 49 -10.68 -13.05 -1.52
N MET A 50 -11.28 -12.16 -0.73
CA MET A 50 -12.19 -11.15 -1.26
C MET A 50 -11.41 -9.94 -1.79
N GLY A 51 -10.11 -9.93 -1.54
CA GLY A 51 -9.29 -8.78 -1.86
C GLY A 51 -9.27 -7.79 -0.71
N ASP A 52 -10.11 -8.07 0.28
CA ASP A 52 -10.25 -7.22 1.44
C ASP A 52 -10.39 -8.08 2.70
N PRO A 53 -9.59 -7.82 3.74
CA PRO A 53 -8.59 -6.75 3.74
C PRO A 53 -7.25 -7.18 3.14
N ILE A 54 -6.28 -6.29 3.22
CA ILE A 54 -4.94 -6.56 2.72
C ILE A 54 -3.96 -6.62 3.89
N ALA A 55 -3.02 -7.55 3.83
CA ALA A 55 -2.02 -7.69 4.88
C ALA A 55 -0.73 -7.01 4.48
N LEU A 56 -0.45 -5.88 5.12
CA LEU A 56 0.76 -5.11 4.85
C LEU A 56 1.72 -5.30 6.00
N ARG A 57 2.98 -5.54 5.69
CA ARG A 57 3.99 -5.64 6.72
C ARG A 57 4.74 -4.33 6.82
N LEU A 58 4.67 -3.74 8.01
CA LEU A 58 5.31 -2.47 8.26
C LEU A 58 5.96 -2.47 9.63
N ARG A 59 7.14 -1.87 9.70
CA ARG A 59 7.89 -1.72 10.95
C ARG A 59 8.36 -3.08 11.50
N GLY A 60 8.04 -4.16 10.80
CA GLY A 60 8.48 -5.47 11.22
C GLY A 60 7.50 -6.58 10.90
N TYR A 61 6.25 -6.41 11.30
CA TYR A 61 5.27 -7.47 11.18
C TYR A 61 4.08 -7.04 10.32
N SER A 62 3.15 -7.97 10.10
CA SER A 62 2.01 -7.74 9.22
C SER A 62 0.83 -7.13 9.97
N LEU A 63 0.15 -6.24 9.26
CA LEU A 63 -1.06 -5.58 9.74
C LEU A 63 -2.11 -5.60 8.64
N SER A 64 -3.37 -5.76 8.99
CA SER A 64 -4.43 -5.82 8.01
C SER A 64 -5.15 -4.48 7.87
N LEU A 65 -5.11 -3.92 6.67
CA LEU A 65 -5.84 -2.69 6.36
C LEU A 65 -6.92 -2.98 5.33
N ARG A 66 -8.00 -2.21 5.37
CA ARG A 66 -9.15 -2.48 4.50
C ARG A 66 -8.88 -2.07 3.06
N LYS A 67 -9.66 -2.63 2.15
CA LYS A 67 -9.56 -2.34 0.73
C LYS A 67 -9.84 -0.86 0.45
N SER A 68 -10.73 -0.29 1.24
CA SER A 68 -11.08 1.12 1.12
C SER A 68 -9.95 2.01 1.64
N GLU A 69 -9.27 1.56 2.70
CA GLU A 69 -8.12 2.30 3.24
C GLU A 69 -6.96 2.22 2.27
N ALA A 70 -6.75 1.02 1.73
CA ALA A 70 -5.73 0.79 0.72
C ALA A 70 -6.01 1.59 -0.54
N LYS A 71 -7.26 1.99 -0.72
CA LYS A 71 -7.64 2.83 -1.84
C LYS A 71 -7.10 4.24 -1.68
N ASP A 72 -7.06 4.70 -0.43
CA ASP A 72 -6.64 6.06 -0.11
C ASP A 72 -5.11 6.14 -0.01
N ILE A 73 -4.43 5.11 -0.49
CA ILE A 73 -2.97 5.07 -0.50
C ILE A 73 -2.48 4.80 -1.92
N LEU A 74 -1.69 5.71 -2.48
CA LEU A 74 -1.09 5.52 -3.78
C LEU A 74 0.38 5.16 -3.63
N VAL A 75 0.80 4.06 -4.23
CA VAL A 75 2.15 3.56 -4.06
C VAL A 75 2.85 3.26 -5.38
N GLU A 76 4.18 3.25 -5.35
CA GLU A 76 4.99 2.92 -6.50
C GLU A 76 5.86 1.70 -6.18
N VAL A 77 6.21 0.95 -7.20
CA VAL A 77 6.99 -0.27 -7.02
C VAL A 77 8.46 0.06 -6.76
N LEU A 78 9.03 -0.58 -5.75
CA LEU A 78 10.43 -0.38 -5.41
C LEU A 78 11.31 -1.43 -6.09
N LEU A 79 10.66 -2.42 -6.67
CA LEU A 79 11.33 -3.52 -7.30
C LEU A 79 11.61 -3.24 -8.77
N GLU A 80 12.85 -3.50 -9.18
CA GLU A 80 13.28 -3.39 -10.58
C GLU A 80 13.36 -1.91 -11.00
N HIS A 81 13.93 -1.69 -12.17
CA HIS A 81 13.92 -0.36 -12.79
C HIS A 81 12.66 -0.21 -13.62
N HIS A 82 11.96 -1.33 -13.76
CA HIS A 82 10.69 -1.40 -14.49
C HIS A 82 10.89 -1.05 -15.95
N HIS A 83 11.22 -2.05 -16.75
CA HIS A 83 11.48 -1.85 -18.17
C HIS A 83 10.21 -1.41 -18.90
N HIS A 84 10.29 -0.22 -19.50
CA HIS A 84 9.18 0.39 -20.24
C HIS A 84 8.06 0.83 -19.32
N HIS A 85 7.82 2.13 -19.30
CA HIS A 85 6.72 2.69 -18.53
C HIS A 85 5.42 2.55 -19.32
N HIS A 86 4.47 1.78 -18.80
CA HIS A 86 3.20 1.59 -19.48
C HIS A 86 2.38 2.88 -19.48
N MET A 1 -2.41 5.53 -11.99
CA MET A 1 -1.16 5.93 -12.68
C MET A 1 -0.90 7.41 -12.45
N THR A 2 0.37 7.81 -12.56
CA THR A 2 0.80 9.17 -12.27
C THR A 2 0.84 9.41 -10.77
N LYS A 3 2.05 9.64 -10.25
CA LYS A 3 2.29 9.75 -8.81
C LYS A 3 2.02 8.41 -8.13
N GLY A 4 2.14 7.34 -8.90
CA GLY A 4 1.95 6.01 -8.38
C GLY A 4 0.57 5.48 -8.64
N ILE A 5 0.34 4.24 -8.20
CA ILE A 5 -0.96 3.62 -8.31
C ILE A 5 -1.50 3.37 -6.91
N GLY A 6 -2.73 2.93 -6.80
CA GLY A 6 -3.29 2.67 -5.50
C GLY A 6 -2.78 1.37 -4.91
N LEU A 7 -2.56 1.34 -3.60
CA LEU A 7 -2.08 0.14 -2.93
C LEU A 7 -3.11 -0.98 -3.04
N ASN A 8 -4.37 -0.60 -3.22
CA ASN A 8 -5.45 -1.56 -3.40
C ASN A 8 -5.42 -2.14 -4.82
N GLU A 9 -4.67 -1.50 -5.70
CA GLU A 9 -4.53 -1.94 -7.08
C GLU A 9 -3.34 -2.89 -7.21
N VAL A 10 -2.62 -3.07 -6.11
CA VAL A 10 -1.46 -3.95 -6.06
C VAL A 10 -1.89 -5.29 -5.45
N GLU A 11 -1.09 -6.33 -5.65
CA GLU A 11 -1.44 -7.66 -5.15
C GLU A 11 -0.32 -8.22 -4.26
N ILE A 12 -0.45 -9.48 -3.88
CA ILE A 12 0.40 -10.12 -2.88
C ILE A 12 1.87 -10.19 -3.29
N LYS A 13 2.74 -10.25 -2.27
CA LYS A 13 4.18 -10.44 -2.45
C LYS A 13 4.82 -9.32 -3.24
N SER A 14 4.23 -8.14 -3.16
CA SER A 14 4.77 -6.97 -3.83
C SER A 14 5.49 -6.07 -2.84
N LYS A 15 6.47 -5.33 -3.33
CA LYS A 15 7.20 -4.39 -2.52
C LYS A 15 7.12 -3.01 -3.15
N VAL A 16 6.40 -2.12 -2.50
CA VAL A 16 6.13 -0.80 -3.02
C VAL A 16 6.50 0.28 -2.00
N LYS A 17 6.41 1.53 -2.42
CA LYS A 17 6.69 2.64 -1.53
C LYS A 17 5.56 3.65 -1.58
N VAL A 18 5.24 4.19 -0.42
CA VAL A 18 4.17 5.15 -0.29
C VAL A 18 4.58 6.50 -0.87
N ILE A 19 4.19 6.73 -2.11
CA ILE A 19 4.40 8.01 -2.76
C ILE A 19 3.62 9.10 -2.04
N GLY A 20 2.38 8.79 -1.71
CA GLY A 20 1.56 9.75 -1.00
C GLY A 20 0.26 9.16 -0.55
N ILE A 21 -0.45 9.94 0.24
CA ILE A 21 -1.74 9.55 0.80
C ILE A 21 -2.74 10.65 0.47
N VAL A 22 -4.03 10.34 0.48
CA VAL A 22 -5.06 11.31 0.11
C VAL A 22 -5.73 11.91 1.35
N PRO A 23 -5.21 13.04 1.84
CA PRO A 23 -5.72 13.70 3.05
C PRO A 23 -7.19 14.10 2.92
N GLU A 24 -7.78 14.53 4.03
CA GLU A 24 -9.20 14.87 4.10
C GLU A 24 -10.08 13.63 3.97
N SER A 25 -9.47 12.48 3.71
CA SER A 25 -10.16 11.22 3.70
C SER A 25 -10.37 10.73 5.13
N LYS A 26 -11.36 9.87 5.33
CA LYS A 26 -11.63 9.34 6.66
C LYS A 26 -10.60 8.29 7.04
N VAL A 27 -10.09 7.57 6.04
CA VAL A 27 -9.09 6.53 6.29
C VAL A 27 -7.71 7.14 6.42
N ARG A 28 -7.53 8.35 5.88
CA ARG A 28 -6.30 9.10 6.01
C ARG A 28 -5.89 9.22 7.48
N ARG A 29 -6.87 9.52 8.32
CA ARG A 29 -6.65 9.61 9.76
C ARG A 29 -6.12 8.30 10.31
N LYS A 30 -6.73 7.20 9.89
CA LYS A 30 -6.34 5.87 10.34
C LYS A 30 -4.92 5.55 9.91
N ILE A 31 -4.63 5.76 8.64
CA ILE A 31 -3.33 5.47 8.06
C ILE A 31 -2.21 6.21 8.80
N MET A 32 -2.42 7.49 9.06
CA MET A 32 -1.43 8.30 9.75
C MET A 32 -1.29 7.86 11.20
N ASP A 33 -2.41 7.46 11.80
CA ASP A 33 -2.42 6.95 13.18
C ASP A 33 -1.67 5.63 13.26
N MET A 34 -1.85 4.80 12.25
CA MET A 34 -1.12 3.53 12.16
C MET A 34 0.39 3.76 12.10
N GLY A 35 0.78 4.86 11.45
CA GLY A 35 2.19 5.20 11.38
C GLY A 35 2.73 5.14 9.98
N ILE A 36 1.84 5.07 8.99
CA ILE A 36 2.27 5.01 7.61
C ILE A 36 2.40 6.41 7.04
N VAL A 37 3.55 6.69 6.47
CA VAL A 37 3.83 8.01 5.91
C VAL A 37 4.50 7.89 4.55
N ARG A 38 4.66 9.02 3.88
CA ARG A 38 5.31 9.05 2.57
C ARG A 38 6.76 8.56 2.69
N GLY A 39 7.16 7.71 1.75
CA GLY A 39 8.51 7.19 1.73
C GLY A 39 8.64 5.85 2.39
N THR A 40 7.60 5.44 3.11
CA THR A 40 7.60 4.13 3.76
C THR A 40 7.44 3.03 2.72
N GLU A 41 8.13 1.93 2.92
CA GLU A 41 8.02 0.81 2.02
C GLU A 41 6.99 -0.18 2.56
N ILE A 42 6.16 -0.67 1.67
CA ILE A 42 5.09 -1.56 2.05
C ILE A 42 5.28 -2.93 1.41
N TYR A 43 5.43 -3.94 2.25
CA TYR A 43 5.50 -5.31 1.77
C TYR A 43 4.12 -5.94 1.87
N ILE A 44 3.59 -6.37 0.73
CA ILE A 44 2.30 -7.02 0.71
C ILE A 44 2.45 -8.46 1.21
N GLU A 45 2.05 -8.67 2.46
CA GLU A 45 2.21 -9.97 3.10
C GLU A 45 1.23 -10.96 2.47
N GLY A 46 0.01 -10.50 2.25
CA GLY A 46 -0.99 -11.34 1.63
C GLY A 46 -2.37 -10.72 1.70
N LYS A 47 -3.35 -11.39 1.11
CA LYS A 47 -4.73 -10.92 1.17
C LYS A 47 -5.58 -11.97 1.89
N ALA A 48 -6.55 -11.51 2.67
CA ALA A 48 -7.41 -12.40 3.43
C ALA A 48 -8.19 -13.31 2.46
N PRO A 49 -8.68 -14.46 2.95
CA PRO A 49 -9.43 -15.43 2.13
C PRO A 49 -10.49 -14.77 1.24
N MET A 50 -11.21 -13.79 1.80
CA MET A 50 -12.27 -13.09 1.07
C MET A 50 -11.69 -12.17 -0.01
N GLY A 51 -10.42 -11.80 0.16
CA GLY A 51 -9.82 -10.81 -0.70
C GLY A 51 -9.67 -9.49 0.03
N ASP A 52 -10.24 -9.45 1.23
CA ASP A 52 -10.19 -8.27 2.09
C ASP A 52 -10.38 -8.74 3.53
N PRO A 53 -9.63 -8.16 4.49
CA PRO A 53 -8.67 -7.09 4.24
C PRO A 53 -7.35 -7.59 3.66
N ILE A 54 -6.37 -6.70 3.60
CA ILE A 54 -5.06 -7.03 3.07
C ILE A 54 -4.01 -6.89 4.16
N ALA A 55 -3.10 -7.85 4.22
CA ALA A 55 -2.02 -7.84 5.19
C ALA A 55 -0.85 -7.02 4.68
N LEU A 56 -0.62 -5.88 5.31
CA LEU A 56 0.45 -4.97 4.90
C LEU A 56 1.51 -4.90 5.97
N ARG A 57 2.76 -4.96 5.58
CA ARG A 57 3.86 -4.85 6.51
C ARG A 57 4.32 -3.40 6.59
N LEU A 58 4.02 -2.73 7.70
CA LEU A 58 4.35 -1.33 7.87
C LEU A 58 4.98 -1.11 9.23
N ARG A 59 5.82 -0.07 9.33
CA ARG A 59 6.53 0.28 10.56
C ARG A 59 7.62 -0.76 10.87
N GLY A 60 7.23 -2.01 10.95
CA GLY A 60 8.16 -3.08 11.24
C GLY A 60 7.52 -4.44 11.08
N TYR A 61 6.24 -4.52 11.38
CA TYR A 61 5.52 -5.80 11.32
C TYR A 61 4.29 -5.69 10.45
N SER A 62 3.73 -6.83 10.09
CA SER A 62 2.56 -6.87 9.22
C SER A 62 1.28 -6.73 10.03
N LEU A 63 0.31 -6.08 9.42
CA LEU A 63 -1.00 -5.85 10.03
C LEU A 63 -2.07 -5.89 8.96
N SER A 64 -3.31 -6.08 9.36
CA SER A 64 -4.40 -6.19 8.40
C SER A 64 -5.12 -4.86 8.25
N LEU A 65 -5.14 -4.37 7.02
CA LEU A 65 -5.80 -3.11 6.68
C LEU A 65 -6.83 -3.35 5.60
N ARG A 66 -7.97 -2.66 5.68
CA ARG A 66 -9.05 -2.86 4.72
C ARG A 66 -8.68 -2.31 3.35
N LYS A 67 -9.30 -2.87 2.33
CA LYS A 67 -9.10 -2.45 0.95
C LYS A 67 -9.38 -0.96 0.78
N SER A 68 -10.31 -0.44 1.59
CA SER A 68 -10.65 0.96 1.57
C SER A 68 -9.46 1.84 2.00
N GLU A 69 -8.69 1.37 2.96
CA GLU A 69 -7.52 2.10 3.42
C GLU A 69 -6.39 2.00 2.40
N ALA A 70 -6.24 0.83 1.80
CA ALA A 70 -5.22 0.62 0.77
C ALA A 70 -5.53 1.44 -0.48
N LYS A 71 -6.80 1.79 -0.64
CA LYS A 71 -7.24 2.64 -1.73
C LYS A 71 -6.62 4.03 -1.66
N ASP A 72 -6.42 4.51 -0.44
CA ASP A 72 -6.07 5.90 -0.23
C ASP A 72 -4.57 6.13 -0.29
N ILE A 73 -3.81 5.04 -0.41
CA ILE A 73 -2.36 5.13 -0.45
C ILE A 73 -1.85 4.91 -1.88
N LEU A 74 -1.23 5.93 -2.44
CA LEU A 74 -0.60 5.84 -3.75
C LEU A 74 0.83 5.33 -3.58
N VAL A 75 1.17 4.27 -4.30
CA VAL A 75 2.48 3.65 -4.16
C VAL A 75 3.14 3.44 -5.53
N GLU A 76 4.47 3.41 -5.54
CA GLU A 76 5.21 3.07 -6.75
C GLU A 76 5.70 1.63 -6.66
N VAL A 77 5.80 0.97 -7.79
CA VAL A 77 6.21 -0.42 -7.82
C VAL A 77 7.73 -0.51 -7.95
N LEU A 78 8.37 -1.04 -6.91
CA LEU A 78 9.83 -1.13 -6.88
C LEU A 78 10.30 -2.48 -7.38
N LEU A 79 9.37 -3.32 -7.74
CA LEU A 79 9.66 -4.65 -8.24
C LEU A 79 10.03 -4.62 -9.72
N GLU A 80 10.52 -5.74 -10.20
CA GLU A 80 10.80 -5.95 -11.61
C GLU A 80 9.51 -6.18 -12.39
N HIS A 81 9.64 -6.68 -13.60
CA HIS A 81 8.47 -6.97 -14.44
C HIS A 81 7.65 -8.10 -13.81
N HIS A 82 6.33 -7.97 -13.88
CA HIS A 82 5.45 -8.89 -13.19
C HIS A 82 4.59 -9.67 -14.18
N HIS A 83 4.81 -10.97 -14.27
CA HIS A 83 4.02 -11.85 -15.13
C HIS A 83 4.23 -13.31 -14.73
N HIS A 84 3.29 -14.17 -15.12
CA HIS A 84 3.37 -15.61 -14.83
C HIS A 84 3.41 -15.84 -13.31
N HIS A 85 2.71 -14.98 -12.58
CA HIS A 85 2.71 -15.02 -11.13
C HIS A 85 1.32 -15.37 -10.59
N HIS A 86 1.16 -16.61 -10.17
CA HIS A 86 -0.09 -17.07 -9.59
C HIS A 86 0.10 -18.49 -9.05
N MET A 1 5.99 4.44 -17.92
CA MET A 1 6.66 4.77 -16.63
C MET A 1 5.88 4.18 -15.47
N THR A 2 6.58 3.93 -14.38
CA THR A 2 5.96 3.42 -13.17
C THR A 2 5.66 4.56 -12.20
N LYS A 3 4.43 5.05 -12.22
CA LYS A 3 4.03 6.14 -11.35
C LYS A 3 3.28 5.61 -10.13
N GLY A 4 2.82 6.52 -9.29
CA GLY A 4 2.11 6.12 -8.08
C GLY A 4 0.75 5.55 -8.40
N ILE A 5 0.55 4.29 -8.07
CA ILE A 5 -0.72 3.62 -8.29
C ILE A 5 -1.34 3.24 -6.95
N GLY A 6 -2.60 2.84 -6.97
CA GLY A 6 -3.27 2.45 -5.75
C GLY A 6 -2.71 1.17 -5.18
N LEU A 7 -2.63 1.09 -3.87
CA LEU A 7 -2.15 -0.10 -3.18
C LEU A 7 -2.98 -1.32 -3.57
N ASN A 8 -4.27 -1.07 -3.79
CA ASN A 8 -5.20 -2.14 -4.18
C ASN A 8 -4.93 -2.63 -5.60
N GLU A 9 -4.14 -1.86 -6.35
CA GLU A 9 -3.83 -2.20 -7.74
C GLU A 9 -2.50 -2.93 -7.85
N VAL A 10 -1.83 -3.11 -6.72
CA VAL A 10 -0.54 -3.76 -6.69
C VAL A 10 -0.71 -5.26 -6.47
N GLU A 11 0.30 -6.03 -6.84
CA GLU A 11 0.26 -7.48 -6.74
C GLU A 11 0.79 -7.92 -5.38
N ILE A 12 0.55 -9.18 -5.04
CA ILE A 12 0.97 -9.72 -3.77
C ILE A 12 2.47 -10.04 -3.80
N LYS A 13 3.06 -10.20 -2.62
CA LYS A 13 4.47 -10.56 -2.46
C LYS A 13 5.37 -9.49 -3.09
N SER A 14 4.89 -8.25 -3.08
CA SER A 14 5.62 -7.14 -3.65
C SER A 14 5.89 -6.08 -2.59
N LYS A 15 6.97 -5.34 -2.76
CA LYS A 15 7.32 -4.27 -1.84
C LYS A 15 7.13 -2.93 -2.52
N VAL A 16 6.38 -2.05 -1.87
CA VAL A 16 6.10 -0.73 -2.41
C VAL A 16 6.41 0.36 -1.40
N LYS A 17 6.31 1.59 -1.84
CA LYS A 17 6.63 2.74 -1.00
C LYS A 17 5.47 3.72 -0.97
N VAL A 18 5.22 4.28 0.19
CA VAL A 18 4.15 5.23 0.38
C VAL A 18 4.54 6.58 -0.22
N ILE A 19 4.09 6.81 -1.44
CA ILE A 19 4.34 8.07 -2.12
C ILE A 19 3.20 9.05 -1.88
N GLY A 20 1.99 8.61 -2.15
CA GLY A 20 0.86 9.49 -2.04
C GLY A 20 -0.26 8.90 -1.22
N ILE A 21 -1.13 9.78 -0.76
CA ILE A 21 -2.25 9.42 0.07
C ILE A 21 -3.43 10.29 -0.33
N VAL A 22 -4.64 9.87 -0.04
CA VAL A 22 -5.84 10.62 -0.40
C VAL A 22 -6.38 11.39 0.81
N PRO A 23 -5.93 12.65 0.98
CA PRO A 23 -6.31 13.50 2.11
C PRO A 23 -7.82 13.69 2.23
N GLU A 24 -8.25 14.05 3.43
CA GLU A 24 -9.68 14.18 3.74
C GLU A 24 -10.38 12.84 3.59
N SER A 25 -10.13 11.96 4.56
CA SER A 25 -10.67 10.62 4.54
C SER A 25 -10.66 10.05 5.96
N LYS A 26 -11.56 9.12 6.22
CA LYS A 26 -11.62 8.46 7.53
C LYS A 26 -10.39 7.58 7.72
N VAL A 27 -9.77 7.17 6.63
CA VAL A 27 -8.56 6.36 6.69
C VAL A 27 -7.32 7.24 6.58
N ARG A 28 -7.49 8.44 6.04
CA ARG A 28 -6.40 9.42 5.93
C ARG A 28 -5.69 9.60 7.27
N ARG A 29 -6.46 9.92 8.29
CA ARG A 29 -5.92 10.13 9.63
C ARG A 29 -5.34 8.83 10.18
N LYS A 30 -6.00 7.72 9.89
CA LYS A 30 -5.63 6.44 10.46
C LYS A 30 -4.26 5.99 9.97
N ILE A 31 -4.03 6.12 8.67
CA ILE A 31 -2.76 5.72 8.07
C ILE A 31 -1.59 6.50 8.69
N MET A 32 -1.77 7.81 8.82
CA MET A 32 -0.73 8.65 9.39
C MET A 32 -0.60 8.42 10.89
N ASP A 33 -1.72 8.12 11.53
CA ASP A 33 -1.73 7.84 12.96
C ASP A 33 -1.02 6.52 13.24
N MET A 34 -0.97 5.65 12.23
CA MET A 34 -0.28 4.37 12.34
C MET A 34 1.23 4.53 12.17
N GLY A 35 1.67 5.77 12.00
CA GLY A 35 3.09 6.04 11.90
C GLY A 35 3.56 6.21 10.48
N ILE A 36 2.68 5.94 9.52
CA ILE A 36 3.02 6.05 8.12
C ILE A 36 2.92 7.51 7.66
N VAL A 37 3.88 7.95 6.88
CA VAL A 37 3.90 9.32 6.37
C VAL A 37 4.21 9.36 4.88
N ARG A 38 5.48 9.34 4.53
CA ARG A 38 5.91 9.29 3.15
C ARG A 38 7.29 8.65 3.09
N GLY A 39 7.50 7.83 2.07
CA GLY A 39 8.75 7.11 1.95
C GLY A 39 8.71 5.82 2.74
N THR A 40 7.67 5.66 3.53
CA THR A 40 7.47 4.44 4.31
C THR A 40 7.24 3.26 3.37
N GLU A 41 7.68 2.09 3.76
CA GLU A 41 7.57 0.92 2.93
C GLU A 41 6.36 0.08 3.30
N ILE A 42 5.79 -0.56 2.28
CA ILE A 42 4.68 -1.48 2.46
C ILE A 42 4.97 -2.77 1.72
N TYR A 43 5.05 -3.86 2.46
CA TYR A 43 5.26 -5.17 1.87
C TYR A 43 3.97 -5.96 1.87
N ILE A 44 3.37 -6.09 0.70
CA ILE A 44 2.15 -6.88 0.56
C ILE A 44 2.49 -8.36 0.61
N GLU A 45 2.25 -8.99 1.73
CA GLU A 45 2.59 -10.40 1.89
C GLU A 45 1.47 -11.29 1.36
N GLY A 46 0.26 -10.75 1.34
CA GLY A 46 -0.87 -11.46 0.78
C GLY A 46 -2.19 -10.85 1.17
N LYS A 47 -3.27 -11.53 0.84
CA LYS A 47 -4.60 -11.07 1.21
C LYS A 47 -5.29 -12.18 1.99
N ALA A 48 -6.31 -11.82 2.76
CA ALA A 48 -7.07 -12.81 3.50
C ALA A 48 -7.78 -13.74 2.51
N PRO A 49 -8.05 -14.99 2.93
CA PRO A 49 -8.72 -15.98 2.06
C PRO A 49 -10.12 -15.54 1.63
N MET A 50 -10.63 -14.48 2.23
CA MET A 50 -11.92 -13.92 1.85
C MET A 50 -11.73 -12.74 0.87
N GLY A 51 -10.48 -12.39 0.63
CA GLY A 51 -10.15 -11.27 -0.25
C GLY A 51 -10.05 -9.97 0.51
N ASP A 52 -10.51 -9.99 1.75
CA ASP A 52 -10.50 -8.82 2.62
C ASP A 52 -10.42 -9.29 4.06
N PRO A 53 -9.59 -8.66 4.90
CA PRO A 53 -8.74 -7.54 4.50
C PRO A 53 -7.45 -8.00 3.81
N ILE A 54 -6.52 -7.09 3.64
CA ILE A 54 -5.25 -7.39 3.00
C ILE A 54 -4.13 -7.35 4.03
N ALA A 55 -3.25 -8.36 4.00
CA ALA A 55 -2.15 -8.43 4.93
C ALA A 55 -0.96 -7.66 4.39
N LEU A 56 -0.68 -6.51 5.00
CA LEU A 56 0.39 -5.65 4.55
C LEU A 56 1.41 -5.45 5.67
N ARG A 57 2.67 -5.62 5.35
CA ARG A 57 3.71 -5.28 6.29
C ARG A 57 4.17 -3.85 6.02
N LEU A 58 3.68 -2.94 6.82
CA LEU A 58 3.97 -1.53 6.62
C LEU A 58 4.69 -0.96 7.82
N ARG A 59 5.58 -0.02 7.57
CA ARG A 59 6.38 0.64 8.61
C ARG A 59 7.45 -0.30 9.16
N GLY A 60 7.06 -1.54 9.45
CA GLY A 60 8.00 -2.52 9.97
C GLY A 60 7.32 -3.83 10.31
N TYR A 61 6.04 -3.76 10.61
CA TYR A 61 5.28 -4.94 11.02
C TYR A 61 4.09 -5.17 10.09
N SER A 62 3.61 -6.40 10.05
CA SER A 62 2.49 -6.76 9.22
C SER A 62 1.18 -6.58 9.95
N LEU A 63 0.23 -5.95 9.28
CA LEU A 63 -1.11 -5.77 9.79
C LEU A 63 -2.12 -5.92 8.66
N SER A 64 -3.32 -6.35 8.99
CA SER A 64 -4.37 -6.49 8.00
C SER A 64 -5.15 -5.18 7.86
N LEU A 65 -4.98 -4.54 6.72
CA LEU A 65 -5.71 -3.32 6.41
C LEU A 65 -6.84 -3.64 5.48
N ARG A 66 -7.95 -2.94 5.60
CA ARG A 66 -9.14 -3.25 4.85
C ARG A 66 -9.04 -2.66 3.44
N LYS A 67 -9.88 -3.16 2.55
CA LYS A 67 -9.98 -2.67 1.19
C LYS A 67 -10.05 -1.15 1.12
N SER A 68 -10.77 -0.56 2.07
CA SER A 68 -10.95 0.88 2.11
C SER A 68 -9.61 1.61 2.24
N GLU A 69 -8.80 1.20 3.21
CA GLU A 69 -7.50 1.84 3.45
C GLU A 69 -6.58 1.66 2.25
N ALA A 70 -6.48 0.43 1.76
CA ALA A 70 -5.59 0.10 0.64
C ALA A 70 -5.99 0.86 -0.63
N LYS A 71 -7.24 1.28 -0.68
CA LYS A 71 -7.77 2.01 -1.83
C LYS A 71 -7.33 3.48 -1.79
N ASP A 72 -7.01 3.98 -0.61
CA ASP A 72 -6.66 5.38 -0.43
C ASP A 72 -5.16 5.58 -0.29
N ILE A 73 -4.40 4.55 -0.62
CA ILE A 73 -2.95 4.63 -0.56
C ILE A 73 -2.36 4.51 -1.98
N LEU A 74 -1.51 5.46 -2.34
CA LEU A 74 -0.87 5.45 -3.64
C LEU A 74 0.63 5.22 -3.47
N VAL A 75 1.14 4.18 -4.11
CA VAL A 75 2.50 3.75 -3.88
C VAL A 75 3.28 3.55 -5.19
N GLU A 76 4.60 3.56 -5.06
CA GLU A 76 5.47 3.23 -6.19
C GLU A 76 6.08 1.86 -5.97
N VAL A 77 6.53 1.24 -7.05
CA VAL A 77 7.07 -0.10 -6.98
C VAL A 77 8.54 -0.06 -6.57
N LEU A 78 8.88 -0.79 -5.50
CA LEU A 78 10.27 -0.84 -5.03
C LEU A 78 10.98 -2.07 -5.60
N LEU A 79 10.23 -2.88 -6.32
CA LEU A 79 10.78 -4.07 -6.96
C LEU A 79 11.72 -3.71 -8.09
N GLU A 80 12.99 -3.58 -7.76
CA GLU A 80 14.01 -3.31 -8.75
C GLU A 80 14.76 -4.60 -9.06
N HIS A 81 15.34 -4.68 -10.26
CA HIS A 81 16.02 -5.87 -10.74
C HIS A 81 14.99 -6.95 -11.07
N HIS A 82 14.83 -7.20 -12.37
CA HIS A 82 13.75 -8.04 -12.90
C HIS A 82 12.44 -7.28 -12.89
N HIS A 83 11.79 -7.22 -14.05
CA HIS A 83 10.60 -6.40 -14.22
C HIS A 83 9.38 -7.12 -13.69
N HIS A 84 8.31 -6.38 -13.43
CA HIS A 84 7.10 -6.99 -12.89
C HIS A 84 5.85 -6.25 -13.37
N HIS A 85 5.25 -6.77 -14.42
CA HIS A 85 3.99 -6.26 -14.95
C HIS A 85 3.19 -7.39 -15.59
N HIS A 86 1.95 -7.52 -15.21
CA HIS A 86 1.09 -8.55 -15.79
C HIS A 86 0.24 -7.94 -16.90
N MET A 1 11.77 5.13 -11.29
CA MET A 1 10.40 5.27 -10.75
C MET A 1 9.50 5.97 -11.74
N THR A 2 8.39 5.32 -12.10
CA THR A 2 7.47 5.88 -13.06
C THR A 2 6.32 6.59 -12.35
N LYS A 3 5.29 5.84 -11.97
CA LYS A 3 4.14 6.41 -11.28
C LYS A 3 3.57 5.42 -10.28
N GLY A 4 2.62 5.87 -9.49
CA GLY A 4 2.07 5.03 -8.45
C GLY A 4 0.61 4.70 -8.66
N ILE A 5 0.17 3.65 -7.99
CA ILE A 5 -1.21 3.21 -8.05
C ILE A 5 -1.75 3.11 -6.63
N GLY A 6 -3.01 2.74 -6.48
CA GLY A 6 -3.57 2.57 -5.17
C GLY A 6 -3.11 1.26 -4.56
N LEU A 7 -2.91 1.26 -3.25
CA LEU A 7 -2.40 0.08 -2.55
C LEU A 7 -3.28 -1.14 -2.77
N ASN A 8 -4.58 -0.91 -2.96
CA ASN A 8 -5.54 -2.00 -3.19
C ASN A 8 -5.36 -2.62 -4.58
N GLU A 9 -4.50 -2.04 -5.40
CA GLU A 9 -4.29 -2.51 -6.76
C GLU A 9 -2.99 -3.29 -6.88
N VAL A 10 -2.29 -3.45 -5.77
CA VAL A 10 -0.99 -4.11 -5.77
C VAL A 10 -1.15 -5.62 -5.60
N GLU A 11 -0.13 -6.36 -6.04
CA GLU A 11 -0.15 -7.82 -5.98
C GLU A 11 0.65 -8.30 -4.76
N ILE A 12 0.64 -9.61 -4.53
CA ILE A 12 1.28 -10.19 -3.35
C ILE A 12 2.80 -10.31 -3.53
N LYS A 13 3.49 -10.41 -2.40
CA LYS A 13 4.94 -10.62 -2.36
C LYS A 13 5.67 -9.48 -3.06
N SER A 14 5.15 -8.27 -2.93
CA SER A 14 5.72 -7.11 -3.58
C SER A 14 5.90 -5.96 -2.60
N LYS A 15 6.89 -5.11 -2.85
CA LYS A 15 7.10 -3.93 -2.03
C LYS A 15 6.74 -2.68 -2.80
N VAL A 16 5.95 -1.84 -2.17
CA VAL A 16 5.55 -0.57 -2.73
C VAL A 16 5.80 0.53 -1.71
N LYS A 17 6.23 1.67 -2.18
CA LYS A 17 6.54 2.77 -1.30
C LYS A 17 5.45 3.82 -1.35
N VAL A 18 5.17 4.40 -0.21
CA VAL A 18 4.11 5.39 -0.10
C VAL A 18 4.55 6.71 -0.71
N ILE A 19 4.18 6.93 -1.96
CA ILE A 19 4.37 8.24 -2.59
C ILE A 19 3.63 9.30 -1.78
N GLY A 20 2.43 8.93 -1.37
CA GLY A 20 1.64 9.80 -0.55
C GLY A 20 0.28 9.21 -0.25
N ILE A 21 -0.42 9.85 0.65
CA ILE A 21 -1.74 9.48 1.04
C ILE A 21 -2.68 10.60 0.61
N VAL A 22 -3.97 10.34 0.53
CA VAL A 22 -4.92 11.33 0.01
C VAL A 22 -5.59 12.09 1.15
N PRO A 23 -4.99 13.23 1.54
CA PRO A 23 -5.37 13.98 2.75
C PRO A 23 -6.84 14.39 2.77
N GLU A 24 -7.26 14.88 3.93
CA GLU A 24 -8.66 15.23 4.19
C GLU A 24 -9.53 13.95 4.17
N SER A 25 -8.86 12.80 4.21
CA SER A 25 -9.53 11.52 4.31
C SER A 25 -9.53 11.07 5.75
N LYS A 26 -10.67 10.59 6.22
CA LYS A 26 -10.79 10.07 7.58
C LYS A 26 -9.98 8.78 7.75
N VAL A 27 -9.61 8.16 6.65
CA VAL A 27 -8.73 6.99 6.72
C VAL A 27 -7.27 7.39 6.55
N ARG A 28 -7.02 8.49 5.82
CA ARG A 28 -5.68 9.04 5.68
C ARG A 28 -5.08 9.29 7.06
N ARG A 29 -5.87 9.90 7.93
CA ARG A 29 -5.49 10.13 9.32
C ARG A 29 -5.14 8.81 10.00
N LYS A 30 -5.99 7.83 9.80
CA LYS A 30 -5.84 6.50 10.41
C LYS A 30 -4.54 5.83 9.98
N ILE A 31 -4.26 5.91 8.69
CA ILE A 31 -3.08 5.30 8.10
C ILE A 31 -1.79 5.95 8.64
N MET A 32 -1.76 7.28 8.64
CA MET A 32 -0.59 7.99 9.13
C MET A 32 -0.44 7.81 10.63
N ASP A 33 -1.57 7.70 11.32
CA ASP A 33 -1.59 7.45 12.76
C ASP A 33 -1.06 6.05 13.08
N MET A 34 -1.15 5.17 12.09
CA MET A 34 -0.65 3.80 12.24
C MET A 34 0.87 3.77 12.15
N GLY A 35 1.44 4.82 11.59
CA GLY A 35 2.89 4.91 11.50
C GLY A 35 3.39 4.98 10.07
N ILE A 36 2.47 4.86 9.12
CA ILE A 36 2.84 4.92 7.71
C ILE A 36 2.89 6.36 7.23
N VAL A 37 4.02 6.73 6.67
CA VAL A 37 4.24 8.08 6.20
C VAL A 37 4.79 8.10 4.79
N ARG A 38 5.07 9.28 4.28
CA ARG A 38 5.57 9.44 2.92
C ARG A 38 6.99 8.89 2.80
N GLY A 39 7.15 7.86 1.98
CA GLY A 39 8.45 7.28 1.74
C GLY A 39 8.65 5.96 2.47
N THR A 40 7.66 5.55 3.25
CA THR A 40 7.72 4.26 3.91
C THR A 40 7.44 3.14 2.92
N GLU A 41 8.05 1.99 3.15
CA GLU A 41 7.87 0.84 2.30
C GLU A 41 6.81 -0.07 2.87
N ILE A 42 5.82 -0.37 2.06
CA ILE A 42 4.76 -1.27 2.44
C ILE A 42 5.01 -2.64 1.81
N TYR A 43 5.25 -3.63 2.66
CA TYR A 43 5.49 -4.97 2.19
C TYR A 43 4.17 -5.74 2.13
N ILE A 44 3.66 -5.94 0.93
CA ILE A 44 2.48 -6.75 0.75
C ILE A 44 2.87 -8.22 0.76
N GLU A 45 2.73 -8.84 1.92
CA GLU A 45 3.12 -10.23 2.06
C GLU A 45 2.03 -11.16 1.55
N GLY A 46 0.80 -10.68 1.61
CA GLY A 46 -0.31 -11.46 1.09
C GLY A 46 -1.62 -10.71 1.15
N LYS A 47 -2.66 -11.35 0.64
CA LYS A 47 -4.01 -10.79 0.69
C LYS A 47 -4.96 -11.88 1.15
N ALA A 48 -6.12 -11.49 1.67
CA ALA A 48 -7.11 -12.45 2.11
C ALA A 48 -7.61 -13.27 0.93
N PRO A 49 -8.15 -14.48 1.19
CA PRO A 49 -8.68 -15.35 0.15
C PRO A 49 -9.72 -14.66 -0.73
N MET A 50 -10.50 -13.76 -0.14
CA MET A 50 -11.52 -13.03 -0.88
C MET A 50 -10.94 -11.76 -1.51
N GLY A 51 -9.70 -11.46 -1.16
CA GLY A 51 -9.04 -10.26 -1.68
C GLY A 51 -9.09 -9.12 -0.70
N ASP A 52 -9.95 -9.25 0.29
CA ASP A 52 -10.12 -8.23 1.33
C ASP A 52 -10.30 -8.91 2.68
N PRO A 53 -9.56 -8.47 3.71
CA PRO A 53 -8.62 -7.35 3.63
C PRO A 53 -7.26 -7.76 3.07
N ILE A 54 -6.30 -6.86 3.16
CA ILE A 54 -4.96 -7.09 2.66
C ILE A 54 -3.97 -7.23 3.83
N ALA A 55 -2.97 -8.10 3.66
CA ALA A 55 -1.98 -8.30 4.71
C ALA A 55 -0.70 -7.53 4.39
N LEU A 56 -0.52 -6.43 5.10
CA LEU A 56 0.64 -5.56 4.91
C LEU A 56 1.67 -5.84 5.98
N ARG A 57 2.88 -5.37 5.75
CA ARG A 57 3.93 -5.39 6.76
C ARG A 57 4.75 -4.12 6.63
N LEU A 58 4.65 -3.26 7.62
CA LEU A 58 5.35 -1.98 7.59
C LEU A 58 5.98 -1.67 8.94
N ARG A 59 7.09 -0.95 8.89
CA ARG A 59 7.85 -0.55 10.10
C ARG A 59 8.39 -1.78 10.84
N GLY A 60 8.16 -2.96 10.29
CA GLY A 60 8.64 -4.17 10.92
C GLY A 60 7.52 -5.13 11.31
N TYR A 61 6.28 -4.63 11.30
CA TYR A 61 5.15 -5.45 11.73
C TYR A 61 4.03 -5.47 10.70
N SER A 62 3.30 -6.57 10.68
CA SER A 62 2.20 -6.77 9.75
C SER A 62 0.90 -6.14 10.26
N LEU A 63 0.13 -5.62 9.32
CA LEU A 63 -1.18 -5.04 9.59
C LEU A 63 -2.19 -5.53 8.56
N SER A 64 -3.42 -5.72 8.99
CA SER A 64 -4.49 -6.09 8.10
C SER A 64 -5.45 -4.92 7.92
N LEU A 65 -5.45 -4.33 6.74
CA LEU A 65 -6.36 -3.23 6.45
C LEU A 65 -7.20 -3.53 5.22
N ARG A 66 -8.30 -2.82 5.07
CA ARG A 66 -9.31 -3.17 4.07
C ARG A 66 -8.93 -2.68 2.68
N LYS A 67 -9.59 -3.26 1.69
CA LYS A 67 -9.36 -2.95 0.28
C LYS A 67 -9.60 -1.47 0.00
N SER A 68 -10.78 -0.98 0.36
CA SER A 68 -11.14 0.42 0.11
C SER A 68 -10.43 1.35 1.11
N GLU A 69 -9.84 0.76 2.13
CA GLU A 69 -9.06 1.49 3.12
C GLU A 69 -7.68 1.76 2.54
N ALA A 70 -7.13 0.73 1.89
CA ALA A 70 -5.86 0.84 1.18
C ALA A 70 -6.00 1.70 -0.07
N LYS A 71 -7.24 1.84 -0.54
CA LYS A 71 -7.54 2.63 -1.74
C LYS A 71 -7.09 4.09 -1.60
N ASP A 72 -7.03 4.58 -0.37
CA ASP A 72 -6.67 5.98 -0.12
C ASP A 72 -5.15 6.16 -0.11
N ILE A 73 -4.43 5.04 -0.25
CA ILE A 73 -2.98 5.06 -0.27
C ILE A 73 -2.45 4.95 -1.70
N LEU A 74 -1.56 5.87 -2.07
CA LEU A 74 -0.94 5.84 -3.39
C LEU A 74 0.51 5.40 -3.27
N VAL A 75 0.84 4.27 -3.89
CA VAL A 75 2.17 3.69 -3.75
C VAL A 75 2.79 3.37 -5.11
N GLU A 76 4.12 3.52 -5.17
CA GLU A 76 4.86 3.18 -6.38
C GLU A 76 5.52 1.81 -6.23
N VAL A 77 5.49 1.03 -7.30
CA VAL A 77 6.05 -0.31 -7.27
C VAL A 77 7.57 -0.26 -7.32
N LEU A 78 8.21 -0.65 -6.23
CA LEU A 78 9.66 -0.60 -6.12
C LEU A 78 10.30 -1.77 -6.88
N LEU A 79 9.49 -2.78 -7.16
CA LEU A 79 9.97 -3.98 -7.79
C LEU A 79 9.85 -3.90 -9.31
N GLU A 80 9.73 -2.69 -9.83
CA GLU A 80 9.69 -2.45 -11.28
C GLU A 80 8.50 -3.15 -11.94
N HIS A 81 8.66 -3.44 -13.23
CA HIS A 81 7.71 -4.24 -14.02
C HIS A 81 6.50 -3.41 -14.47
N HIS A 82 6.25 -2.29 -13.77
CA HIS A 82 5.17 -1.34 -14.09
C HIS A 82 3.91 -2.03 -14.62
N HIS A 83 3.10 -2.53 -13.69
CA HIS A 83 1.90 -3.29 -14.02
C HIS A 83 0.79 -2.40 -14.56
N HIS A 84 0.06 -2.91 -15.54
CA HIS A 84 -1.08 -2.19 -16.12
C HIS A 84 -2.36 -2.97 -15.89
N HIS A 85 -3.48 -2.26 -15.85
CA HIS A 85 -4.78 -2.92 -15.82
C HIS A 85 -5.16 -3.35 -17.22
N HIS A 86 -5.28 -2.36 -18.10
CA HIS A 86 -5.52 -2.61 -19.52
C HIS A 86 -4.82 -1.54 -20.33
#